data_8WD8
#
_entry.id   8WD8
#
_cell.length_a   1.00
_cell.length_b   1.00
_cell.length_c   1.00
_cell.angle_alpha   90.00
_cell.angle_beta   90.00
_cell.angle_gamma   90.00
#
_symmetry.space_group_name_H-M   'P 1'
#
loop_
_entity.id
_entity.type
_entity.pdbx_description
1 polymer 'Argonaute family protein'
2 polymer 'Target DNA'
3 polymer 'Guide DNA'
4 non-polymer 'ZINC ION'
5 non-polymer 'MAGNESIUM ION'
#
loop_
_entity_poly.entity_id
_entity_poly.type
_entity_poly.pdbx_seq_one_letter_code
_entity_poly.pdbx_strand_id
1 'polypeptide(L)'
;MLMKVLTNMVKLNQDIIPNEIYLYKIFNKPEDGMNIYKIAYRNHGIVIDPQNRIIATPSELEYSGKFAIEDEISFNELPE
NYQNRLVLRILRDNGISDHALSRTLQKYRKPKPFGDFEVIPEIRSSVIKHGGDFYLVLHLSHQIRSKKTLWELVGRNKDA
LRDFLKEHRGTILLRDIASEHKVVYKPIFKRYNGDPDLIEDNSNDVEHWYDYHLERYWNTPELKKEFYKKFGPVDLNQPI
ILAKPLRQHNRGDLVHLLPQFVVPVYNAEQLNDILASEILEYLKLTSNQRISLLSRLINDIKTNTNIIVSSLTELEANTF
DVDLNDMLQVRNADNVKVTLSELEISKTRLFTWMKSRKYPVILPYDIPQKLKKIEKIPVFIIVDSALSRDIQTFAKDEFR
YLISSLQKSLSNWVDFPILDIRDKYIFTIDLTSDKDIVNLSIKLVNLMKNAELGLALIATRTKLPNETFDEVKKRLFSVN
IISQVVNEATLYKRDKYNESRLNLYVQHNLLFQILSKLGIKYYVLRHKFSYDYIVGIDVTPMKLSHGYIGGSAVMFDSQG
YIRKIIPVEIGEQMGESIDMKEFFKDMVVQFGKFGIDLEGKSILILRDGKITKDEEEGLAYISKVFGIKITTFNIVKRHL
LRIFANRKLYLRLANSVYLLPHRIKQSVGTPVPLKLSEKRLILDGTITSQEITYNDIFEILLLSELNYGSISADMKLPAP
VHYAHKFVRALRKGWRIREELLAEGFLYFV
;
A,B
2 'polydeoxyribonucleotide' (DA)(DC)(DA)(DA)(DC)(DC)(DT)(DA)(DC)(DT)(DA)(DC)(DC)(DT)(DC)(DC)(DT) T,U
3 'polydeoxyribonucleotide' (DG)(DG)(DA)(DG)(DG)(DT)(DA)(DG)(DT)(DA)(DG)(DG)(DT)(DT)(DG)(DT) G,H
#
loop_
_chem_comp.id
_chem_comp.type
_chem_comp.name
_chem_comp.formula
DA DNA linking 2'-DEOXYADENOSINE-5'-MONOPHOSPHATE 'C10 H14 N5 O6 P'
DC DNA linking 2'-DEOXYCYTIDINE-5'-MONOPHOSPHATE 'C9 H14 N3 O7 P'
DG DNA linking 2'-DEOXYGUANOSINE-5'-MONOPHOSPHATE 'C10 H14 N5 O7 P'
DT DNA linking THYMIDINE-5'-MONOPHOSPHATE 'C10 H15 N2 O8 P'
MG non-polymer 'MAGNESIUM ION' 'Mg 2'
ZN non-polymer 'ZINC ION' 'Zn 2'
#
# COMPACT_ATOMS: atom_id res chain seq x y z
N MET A 1 -27.64 8.67 42.55
CA MET A 1 -27.03 9.12 41.31
C MET A 1 -25.74 9.89 41.59
N LEU A 2 -25.09 9.55 42.71
CA LEU A 2 -23.84 10.20 43.12
C LEU A 2 -23.05 9.21 43.95
N MET A 3 -22.02 8.61 43.35
CA MET A 3 -21.27 7.54 43.99
C MET A 3 -19.79 7.89 44.05
N LYS A 4 -19.18 7.54 45.18
CA LYS A 4 -17.75 7.75 45.40
C LYS A 4 -16.99 6.54 44.88
N VAL A 5 -16.05 6.78 43.96
CA VAL A 5 -15.27 5.73 43.34
C VAL A 5 -13.79 5.95 43.66
N LEU A 6 -13.03 4.86 43.68
CA LEU A 6 -11.60 4.91 43.93
C LEU A 6 -10.83 4.77 42.63
N THR A 7 -9.77 5.55 42.49
CA THR A 7 -8.93 5.53 41.31
C THR A 7 -7.50 5.16 41.70
N ASN A 8 -6.63 5.06 40.69
CA ASN A 8 -5.25 4.64 40.88
C ASN A 8 -4.28 5.81 40.76
N MET A 9 -4.64 6.99 41.26
CA MET A 9 -3.79 8.15 41.21
C MET A 9 -3.63 8.74 42.61
N VAL A 10 -2.49 9.37 42.83
CA VAL A 10 -2.16 10.00 44.12
C VAL A 10 -1.75 11.44 43.88
N LYS A 11 -2.02 12.29 44.87
CA LYS A 11 -1.63 13.70 44.77
C LYS A 11 -0.14 13.85 45.02
N LEU A 12 0.50 14.69 44.22
CA LEU A 12 1.91 14.99 44.36
C LEU A 12 2.10 16.23 45.23
N ASN A 13 3.33 16.41 45.72
CA ASN A 13 3.67 17.61 46.44
C ASN A 13 3.79 18.78 45.48
N GLN A 14 3.30 19.95 45.91
CA GLN A 14 3.30 21.13 45.06
C GLN A 14 4.63 21.88 45.07
N ASP A 15 5.61 21.40 45.85
CA ASP A 15 6.92 22.02 45.91
C ASP A 15 7.86 21.53 44.81
N ILE A 16 7.40 20.59 43.98
CA ILE A 16 8.17 20.15 42.83
C ILE A 16 7.76 20.86 41.54
N ILE A 17 6.65 21.59 41.54
CA ILE A 17 6.21 22.35 40.36
C ILE A 17 7.19 23.49 40.12
N PRO A 18 7.77 23.63 38.92
CA PRO A 18 8.79 24.65 38.70
C PRO A 18 8.20 26.06 38.62
N ASN A 19 9.04 27.03 38.97
CA ASN A 19 8.61 28.43 39.01
C ASN A 19 8.67 29.09 37.64
N GLU A 20 9.86 29.14 37.03
CA GLU A 20 10.00 29.75 35.71
C GLU A 20 10.78 28.81 34.79
N ILE A 21 10.49 28.91 33.49
CA ILE A 21 11.13 28.07 32.48
C ILE A 21 11.62 28.95 31.33
N TYR A 22 12.57 28.39 30.57
CA TYR A 22 13.15 29.04 29.40
C TYR A 22 12.83 28.22 28.16
N LEU A 23 12.75 28.91 27.02
CA LEU A 23 12.55 28.28 25.73
C LEU A 23 13.80 28.44 24.88
N TYR A 24 14.19 27.37 24.20
CA TYR A 24 15.39 27.37 23.38
C TYR A 24 15.08 26.82 21.99
N LYS A 25 15.67 27.44 20.97
CA LYS A 25 15.53 27.00 19.59
C LYS A 25 16.83 26.36 19.13
N ILE A 26 16.75 25.11 18.68
CA ILE A 26 17.93 24.32 18.32
C ILE A 26 18.10 24.34 16.81
N PHE A 27 19.32 24.66 16.36
CA PHE A 27 19.63 24.77 14.94
C PHE A 27 20.45 23.55 14.53
N ASN A 28 19.75 22.54 13.99
CA ASN A 28 20.40 21.34 13.46
C ASN A 28 19.46 20.70 12.44
N LYS A 29 20.04 19.86 11.58
CA LYS A 29 19.19 19.21 10.58
C LYS A 29 18.69 17.87 11.10
N PRO A 30 17.46 17.46 10.74
CA PRO A 30 17.02 16.08 10.99
C PRO A 30 17.88 15.02 10.31
N GLU A 31 18.50 15.36 9.18
CA GLU A 31 19.27 14.43 8.35
C GLU A 31 20.69 14.20 8.85
N ASP A 32 21.00 14.53 10.10
CA ASP A 32 22.32 14.32 10.66
C ASP A 32 22.32 13.32 11.82
N GLY A 33 21.30 13.35 12.65
CA GLY A 33 21.23 12.57 13.86
C GLY A 33 20.96 13.48 15.03
N MET A 34 21.04 12.89 16.23
CA MET A 34 20.82 13.57 17.52
C MET A 34 19.43 14.22 17.56
N ASN A 35 18.43 13.34 17.68
CA ASN A 35 17.01 13.69 17.66
C ASN A 35 16.64 14.67 18.77
N ILE A 36 15.70 15.57 18.48
CA ILE A 36 15.40 16.71 19.36
C ILE A 36 14.79 16.26 20.68
N TYR A 37 14.09 15.13 20.69
CA TYR A 37 13.51 14.62 21.93
C TYR A 37 14.61 14.06 22.84
N LYS A 38 15.66 13.50 22.25
CA LYS A 38 16.82 13.08 23.04
C LYS A 38 17.56 14.27 23.63
N ILE A 39 17.65 15.36 22.86
CA ILE A 39 18.29 16.58 23.37
C ILE A 39 17.47 17.18 24.49
N ALA A 40 16.14 17.09 24.40
CA ALA A 40 15.29 17.57 25.48
C ALA A 40 15.39 16.68 26.72
N TYR A 41 15.56 15.37 26.52
CA TYR A 41 15.59 14.46 27.66
C TYR A 41 16.92 14.53 28.40
N ARG A 42 18.03 14.66 27.67
CA ARG A 42 19.33 14.79 28.33
C ARG A 42 19.50 16.16 29.00
N ASN A 43 18.78 17.19 28.54
CA ASN A 43 18.86 18.51 29.14
C ASN A 43 17.70 18.78 30.09
N HIS A 44 17.03 17.73 30.58
CA HIS A 44 15.99 17.79 31.62
C HIS A 44 14.78 18.63 31.20
N GLY A 45 14.43 18.59 29.92
CA GLY A 45 13.31 19.38 29.43
C GLY A 45 12.37 18.62 28.51
N ILE A 46 11.46 19.33 27.86
CA ILE A 46 10.50 18.73 26.94
C ILE A 46 10.52 19.52 25.63
N VAL A 47 9.78 19.01 24.65
CA VAL A 47 9.68 19.62 23.33
C VAL A 47 8.31 20.27 23.19
N ILE A 48 8.28 21.56 22.92
CA ILE A 48 7.03 22.29 22.71
C ILE A 48 6.65 22.23 21.23
N ASP A 49 7.52 22.78 20.38
CA ASP A 49 7.26 22.89 18.95
C ASP A 49 8.25 22.01 18.18
N PRO A 50 7.83 20.85 17.70
CA PRO A 50 8.71 20.04 16.85
C PRO A 50 8.90 20.64 15.46
N GLN A 51 8.02 21.53 15.03
CA GLN A 51 8.15 22.17 13.73
C GLN A 51 9.31 23.16 13.72
N ASN A 52 9.41 23.99 14.76
CA ASN A 52 10.45 25.01 14.84
C ASN A 52 11.60 24.61 15.75
N ARG A 53 11.62 23.36 16.23
CA ARG A 53 12.65 22.81 17.12
C ARG A 53 12.79 23.62 18.41
N ILE A 54 11.68 23.82 19.10
CA ILE A 54 11.62 24.63 20.31
C ILE A 54 11.45 23.71 21.51
N ILE A 55 12.37 23.83 22.47
CA ILE A 55 12.33 23.02 23.67
C ILE A 55 12.14 23.93 24.88
N ALA A 56 11.53 23.37 25.93
CA ALA A 56 11.29 24.07 27.19
C ALA A 56 12.10 23.39 28.28
N THR A 57 12.80 24.19 29.08
CA THR A 57 13.71 23.68 30.10
C THR A 57 13.56 24.51 31.37
N PRO A 58 13.43 23.86 32.54
CA PRO A 58 13.41 24.63 33.80
C PRO A 58 14.77 25.13 34.25
N SER A 59 15.86 24.66 33.65
CA SER A 59 17.20 25.10 34.04
C SER A 59 17.93 25.70 32.83
N GLU A 60 19.16 26.15 33.03
CA GLU A 60 19.94 26.71 31.93
C GLU A 60 20.45 25.60 31.02
N LEU A 61 20.53 25.90 29.73
CA LEU A 61 20.92 24.91 28.74
C LEU A 61 22.42 24.62 28.82
N GLU A 62 22.77 23.35 28.57
CA GLU A 62 24.16 22.91 28.53
C GLU A 62 24.40 22.15 27.22
N TYR A 63 23.92 22.70 26.13
CA TYR A 63 24.05 22.08 24.81
C TYR A 63 25.37 22.47 24.17
N SER A 64 25.96 21.52 23.45
CA SER A 64 27.25 21.73 22.80
C SER A 64 27.12 22.43 21.45
N GLY A 65 26.00 22.24 20.77
CA GLY A 65 25.78 22.83 19.45
C GLY A 65 25.27 24.24 19.52
N LYS A 66 24.74 24.71 18.39
CA LYS A 66 24.20 26.05 18.29
C LYS A 66 22.77 26.10 18.78
N PHE A 67 22.46 27.14 19.57
CA PHE A 67 21.10 27.34 20.06
C PHE A 67 20.87 28.83 20.23
N ALA A 68 19.61 29.19 20.47
CA ALA A 68 19.22 30.58 20.67
C ALA A 68 18.16 30.66 21.76
N ILE A 69 18.27 31.68 22.61
CA ILE A 69 17.31 31.88 23.68
C ILE A 69 16.04 32.48 23.09
N GLU A 70 14.92 31.78 23.23
CA GLU A 70 13.66 32.26 22.69
C GLU A 70 12.93 33.19 23.67
N ASP A 71 12.54 32.67 24.83
CA ASP A 71 11.74 33.45 25.76
C ASP A 71 11.90 32.91 27.17
N GLU A 72 11.54 33.77 28.13
CA GLU A 72 11.48 33.47 29.55
C GLU A 72 10.02 33.53 29.96
N ILE A 73 9.43 32.39 30.33
CA ILE A 73 8.02 32.34 30.68
C ILE A 73 7.85 31.59 32.00
N SER A 74 6.61 31.54 32.46
CA SER A 74 6.25 30.83 33.69
C SER A 74 5.66 29.46 33.33
N PHE A 75 5.43 28.67 34.39
CA PHE A 75 4.88 27.33 34.20
C PHE A 75 3.40 27.34 33.86
N ASN A 76 2.67 28.39 34.26
CA ASN A 76 1.23 28.49 34.06
C ASN A 76 0.85 29.00 32.69
N GLU A 77 1.82 29.43 31.88
CA GLU A 77 1.54 29.95 30.53
C GLU A 77 1.59 28.86 29.47
N LEU A 78 1.79 27.61 29.87
CA LEU A 78 1.86 26.47 28.98
C LEU A 78 0.51 25.78 28.88
N PRO A 79 0.26 25.03 27.80
CA PRO A 79 -0.90 24.13 27.77
C PRO A 79 -0.75 23.00 28.78
N GLU A 80 -1.88 22.38 29.12
CA GLU A 80 -1.92 21.40 30.21
C GLU A 80 -1.15 20.13 29.87
N ASN A 81 -1.09 19.77 28.59
CA ASN A 81 -0.35 18.58 28.17
C ASN A 81 1.16 18.78 28.36
N TYR A 82 1.66 19.97 28.04
CA TYR A 82 3.09 20.24 28.23
C TYR A 82 3.43 20.38 29.72
N GLN A 83 2.49 20.87 30.52
CA GLN A 83 2.68 20.90 31.96
C GLN A 83 2.75 19.50 32.55
N ASN A 84 1.90 18.59 32.06
CA ASN A 84 1.93 17.21 32.53
C ASN A 84 3.24 16.53 32.11
N ARG A 85 3.71 16.80 30.89
CA ARG A 85 4.98 16.22 30.44
C ARG A 85 6.16 16.77 31.23
N LEU A 86 6.12 18.07 31.59
CA LEU A 86 7.20 18.65 32.38
C LEU A 86 7.21 18.10 33.80
N VAL A 87 6.02 17.92 34.40
CA VAL A 87 5.93 17.35 35.75
C VAL A 87 6.39 15.89 35.74
N LEU A 88 6.06 15.15 34.68
CA LEU A 88 6.52 13.76 34.55
C LEU A 88 8.04 13.70 34.36
N ARG A 89 8.61 14.64 33.61
CA ARG A 89 10.07 14.68 33.42
C ARG A 89 10.79 15.02 34.72
N ILE A 90 10.24 15.94 35.51
CA ILE A 90 10.84 16.29 36.80
C ILE A 90 10.72 15.13 37.79
N LEU A 91 9.60 14.39 37.72
CA LEU A 91 9.44 13.22 38.57
C LEU A 91 10.41 12.10 38.20
N ARG A 92 10.71 11.94 36.90
CA ARG A 92 11.73 10.98 36.51
C ARG A 92 13.13 11.48 36.87
N ASP A 93 13.31 12.80 36.99
CA ASP A 93 14.58 13.33 37.46
C ASP A 93 14.78 13.09 38.95
N ASN A 94 13.70 13.14 39.73
CA ASN A 94 13.78 13.02 41.17
C ASN A 94 13.66 11.57 41.66
N GLY A 95 13.98 10.59 40.81
CA GLY A 95 14.05 9.21 41.23
C GLY A 95 12.76 8.42 41.09
N ILE A 96 11.64 9.07 40.76
CA ILE A 96 10.37 8.37 40.58
C ILE A 96 10.33 7.95 39.11
N SER A 97 10.85 6.76 38.83
CA SER A 97 10.84 6.18 37.50
C SER A 97 10.06 4.87 37.53
N ASP A 98 9.83 4.31 36.35
CA ASP A 98 9.01 3.10 36.24
C ASP A 98 9.76 1.88 36.76
N HIS A 99 11.06 1.78 36.44
CA HIS A 99 11.79 0.57 36.80
C HIS A 99 12.18 0.58 38.27
N ALA A 100 12.38 1.76 38.86
CA ALA A 100 12.61 1.85 40.30
C ALA A 100 11.34 1.50 41.08
N LEU A 101 10.17 1.92 40.58
CA LEU A 101 8.92 1.52 41.21
C LEU A 101 8.65 0.03 41.00
N SER A 102 9.16 -0.54 39.90
CA SER A 102 9.11 -1.98 39.72
C SER A 102 10.00 -2.70 40.73
N ARG A 103 11.18 -2.12 41.02
CA ARG A 103 12.06 -2.65 42.07
C ARG A 103 11.37 -2.62 43.42
N THR A 104 10.65 -1.53 43.70
CA THR A 104 9.92 -1.42 44.96
C THR A 104 8.74 -2.40 45.01
N LEU A 105 8.11 -2.64 43.86
CA LEU A 105 6.92 -3.50 43.83
C LEU A 105 7.29 -4.98 43.95
N GLN A 106 8.46 -5.38 43.43
CA GLN A 106 8.87 -6.79 43.47
C GLN A 106 9.17 -7.29 44.89
N LYS A 107 9.30 -6.42 45.88
CA LYS A 107 9.44 -6.85 47.27
C LYS A 107 8.15 -7.43 47.84
N TYR A 108 6.98 -7.02 47.31
CA TYR A 108 5.71 -7.54 47.76
C TYR A 108 5.08 -8.54 46.81
N ARG A 109 5.56 -8.64 45.57
CA ARG A 109 5.06 -9.60 44.59
C ARG A 109 6.29 -10.21 43.92
N LYS A 110 6.66 -11.41 44.36
CA LYS A 110 7.85 -12.07 43.85
C LYS A 110 7.62 -12.57 42.43
N PRO A 111 8.69 -12.72 41.64
CA PRO A 111 8.55 -13.33 40.31
C PRO A 111 8.07 -14.78 40.39
N LYS A 112 7.20 -15.15 39.46
CA LYS A 112 6.56 -16.46 39.51
C LYS A 112 6.83 -17.23 38.23
N PRO A 113 7.26 -18.50 38.33
CA PRO A 113 7.48 -19.29 37.11
C PRO A 113 6.25 -20.06 36.66
N PHE A 114 6.03 -20.05 35.35
CA PHE A 114 4.96 -20.81 34.70
C PHE A 114 5.62 -21.62 33.58
N GLY A 115 5.85 -22.91 33.83
CA GLY A 115 6.49 -23.78 32.87
C GLY A 115 7.92 -23.42 32.60
N ASP A 116 8.18 -22.84 31.44
CA ASP A 116 9.50 -22.34 31.07
C ASP A 116 9.56 -20.83 31.00
N PHE A 117 8.55 -20.14 31.53
CA PHE A 117 8.49 -18.68 31.50
C PHE A 117 8.46 -18.12 32.91
N GLU A 118 8.77 -16.83 33.03
CA GLU A 118 8.81 -16.14 34.30
C GLU A 118 8.01 -14.85 34.20
N VAL A 119 7.14 -14.60 35.18
CA VAL A 119 6.29 -13.42 35.22
C VAL A 119 6.79 -12.49 36.31
N ILE A 120 6.98 -11.22 35.96
CA ILE A 120 7.54 -10.19 36.85
C ILE A 120 6.62 -8.97 36.82
N PRO A 121 6.24 -8.41 37.97
CA PRO A 121 5.33 -7.25 37.97
C PRO A 121 6.00 -5.98 37.46
N GLU A 122 5.17 -4.99 37.15
CA GLU A 122 5.64 -3.78 36.49
C GLU A 122 4.66 -2.64 36.76
N ILE A 123 5.20 -1.44 36.93
CA ILE A 123 4.41 -0.23 37.18
C ILE A 123 4.65 0.74 36.03
N ARG A 124 3.58 1.25 35.43
CA ARG A 124 3.65 2.32 34.44
C ARG A 124 3.02 3.58 35.02
N SER A 125 3.67 4.72 34.83
CA SER A 125 3.26 5.95 35.49
C SER A 125 2.88 7.02 34.48
N SER A 126 1.98 7.92 34.89
CA SER A 126 1.57 9.06 34.09
C SER A 126 1.23 10.21 35.03
N VAL A 127 1.00 11.39 34.45
CA VAL A 127 0.70 12.60 35.21
C VAL A 127 -0.57 13.21 34.65
N ILE A 128 -1.56 13.48 35.51
CA ILE A 128 -2.84 14.06 35.12
C ILE A 128 -3.12 15.26 36.01
N LYS A 129 -3.42 16.40 35.40
CA LYS A 129 -3.79 17.59 36.15
C LYS A 129 -5.30 17.64 36.33
N HIS A 130 -5.74 17.84 37.58
CA HIS A 130 -7.17 17.90 37.88
C HIS A 130 -7.38 18.81 39.09
N GLY A 131 -8.18 19.85 38.90
CA GLY A 131 -8.51 20.75 40.00
C GLY A 131 -7.39 21.65 40.44
N GLY A 132 -6.42 21.92 39.55
CA GLY A 132 -5.28 22.74 39.90
C GLY A 132 -4.13 21.99 40.51
N ASP A 133 -4.28 20.70 40.79
CA ASP A 133 -3.22 19.88 41.34
C ASP A 133 -2.83 18.80 40.34
N PHE A 134 -1.63 18.24 40.55
CA PHE A 134 -1.10 17.20 39.68
C PHE A 134 -1.17 15.85 40.40
N TYR A 135 -1.55 14.82 39.66
CA TYR A 135 -1.72 13.49 40.22
C TYR A 135 -0.88 12.49 39.42
N LEU A 136 -0.16 11.65 40.16
CA LEU A 136 0.59 10.54 39.57
C LEU A 136 -0.32 9.34 39.46
N VAL A 137 -0.51 8.85 38.23
CA VAL A 137 -1.34 7.69 37.94
C VAL A 137 -0.43 6.48 37.80
N LEU A 138 -0.70 5.44 38.58
CA LEU A 138 0.08 4.21 38.55
C LEU A 138 -0.78 3.08 37.99
N HIS A 139 -0.19 2.29 37.09
CA HIS A 139 -0.89 1.21 36.41
C HIS A 139 -0.09 -0.07 36.57
N LEU A 140 -0.77 -1.15 36.97
CA LEU A 140 -0.16 -2.44 37.21
C LEU A 140 -0.16 -3.28 35.94
N SER A 141 0.99 -3.87 35.62
CA SER A 141 1.11 -4.76 34.48
C SER A 141 2.12 -5.85 34.84
N HIS A 142 2.33 -6.78 33.91
CA HIS A 142 3.28 -7.86 34.10
C HIS A 142 4.10 -8.05 32.84
N GLN A 143 5.31 -8.56 33.02
CA GLN A 143 6.23 -8.90 31.94
C GLN A 143 6.57 -10.38 32.04
N ILE A 144 6.35 -11.11 30.96
CA ILE A 144 6.59 -12.54 30.91
C ILE A 144 7.75 -12.80 29.96
N ARG A 145 8.86 -13.27 30.51
CA ARG A 145 10.07 -13.55 29.75
C ARG A 145 10.39 -15.04 29.80
N SER A 146 11.41 -15.43 29.05
CA SER A 146 11.86 -16.81 28.98
C SER A 146 13.14 -16.96 29.79
N LYS A 147 13.16 -17.95 30.68
CA LYS A 147 14.32 -18.22 31.53
C LYS A 147 15.31 -19.18 30.91
N LYS A 148 15.00 -19.74 29.74
CA LYS A 148 15.88 -20.70 29.07
C LYS A 148 16.00 -20.33 27.61
N THR A 149 17.12 -20.72 27.01
CA THR A 149 17.34 -20.49 25.58
C THR A 149 16.59 -21.54 24.76
N LEU A 150 16.67 -21.39 23.43
CA LEU A 150 15.93 -22.27 22.54
C LEU A 150 16.57 -23.66 22.47
N TRP A 151 17.90 -23.73 22.56
CA TRP A 151 18.57 -25.03 22.49
C TRP A 151 18.37 -25.83 23.78
N GLU A 152 18.30 -25.16 24.92
CA GLU A 152 18.03 -25.85 26.17
C GLU A 152 16.55 -26.14 26.37
N LEU A 153 15.67 -25.50 25.58
CA LEU A 153 14.24 -25.73 25.73
C LEU A 153 13.83 -27.09 25.16
N VAL A 154 14.37 -27.44 23.98
CA VAL A 154 13.97 -28.67 23.30
C VAL A 154 14.79 -29.88 23.75
N GLY A 155 15.71 -29.71 24.69
CA GLY A 155 16.55 -30.80 25.14
C GLY A 155 17.78 -31.05 24.31
N ARG A 156 18.25 -30.04 23.56
CA ARG A 156 19.43 -30.12 22.67
C ARG A 156 19.31 -31.26 21.66
N ASN A 157 18.14 -31.35 21.03
CA ASN A 157 17.86 -32.34 20.00
C ASN A 157 17.38 -31.63 18.75
N LYS A 158 17.85 -32.11 17.58
CA LYS A 158 17.51 -31.45 16.32
C LYS A 158 16.08 -31.75 15.90
N ASP A 159 15.61 -32.98 16.14
CA ASP A 159 14.26 -33.35 15.77
C ASP A 159 13.22 -32.66 16.65
N ALA A 160 13.55 -32.49 17.94
CA ALA A 160 12.66 -31.74 18.82
C ALA A 160 12.61 -30.27 18.45
N LEU A 161 13.74 -29.70 18.00
CA LEU A 161 13.76 -28.33 17.52
C LEU A 161 12.95 -28.17 16.24
N ARG A 162 13.04 -29.15 15.34
CA ARG A 162 12.24 -29.12 14.11
C ARG A 162 10.75 -29.24 14.41
N ASP A 163 10.38 -30.10 15.36
CA ASP A 163 8.98 -30.25 15.73
C ASP A 163 8.45 -29.00 16.45
N PHE A 164 9.30 -28.35 17.24
CA PHE A 164 8.90 -27.12 17.93
C PHE A 164 8.73 -25.98 16.94
N LEU A 165 9.58 -25.92 15.92
CA LEU A 165 9.44 -24.86 14.92
C LEU A 165 8.27 -25.12 13.98
N LYS A 166 7.99 -26.40 13.69
CA LYS A 166 6.90 -26.72 12.78
C LYS A 166 5.54 -26.63 13.45
N GLU A 167 5.48 -26.93 14.75
CA GLU A 167 4.20 -26.92 15.46
C GLU A 167 3.69 -25.50 15.68
N HIS A 168 4.58 -24.60 16.11
CA HIS A 168 4.21 -23.21 16.40
C HIS A 168 4.46 -22.28 15.23
N ARG A 169 4.30 -22.77 14.01
CA ARG A 169 4.53 -21.94 12.82
C ARG A 169 3.41 -20.91 12.67
N GLY A 170 3.81 -19.66 12.48
CA GLY A 170 2.89 -18.56 12.36
C GLY A 170 2.97 -17.54 13.48
N THR A 171 3.30 -17.98 14.69
CA THR A 171 3.43 -17.10 15.85
C THR A 171 4.68 -17.44 16.64
N ILE A 172 5.79 -17.68 15.95
CA ILE A 172 7.07 -17.99 16.59
C ILE A 172 8.02 -16.83 16.34
N LEU A 173 8.63 -16.33 17.41
CA LEU A 173 9.57 -15.21 17.33
C LEU A 173 10.73 -15.52 18.26
N LEU A 174 11.95 -15.23 17.80
CA LEU A 174 13.16 -15.52 18.55
C LEU A 174 13.95 -14.24 18.79
N ARG A 175 14.35 -14.00 20.03
CA ARG A 175 15.13 -12.82 20.38
C ARG A 175 16.56 -13.21 20.68
N ASP A 176 17.51 -12.55 20.02
CA ASP A 176 18.92 -12.79 20.27
C ASP A 176 19.37 -12.05 21.52
N ILE A 177 19.97 -12.78 22.46
CA ILE A 177 20.44 -12.21 23.71
C ILE A 177 21.96 -12.22 23.80
N ALA A 178 22.66 -12.64 22.75
CA ALA A 178 24.11 -12.68 22.74
C ALA A 178 24.73 -11.45 22.07
N SER A 179 23.92 -10.49 21.62
CA SER A 179 24.40 -9.29 20.96
C SER A 179 24.08 -8.07 21.81
N GLU A 180 24.68 -6.94 21.43
CA GLU A 180 24.41 -5.69 22.12
C GLU A 180 23.02 -5.16 21.78
N HIS A 181 22.61 -5.30 20.54
CA HIS A 181 21.27 -4.90 20.09
C HIS A 181 20.39 -6.14 20.04
N LYS A 182 19.41 -6.21 20.94
CA LYS A 182 18.52 -7.36 21.01
C LYS A 182 17.41 -7.18 19.97
N VAL A 183 17.53 -7.89 18.86
CA VAL A 183 16.60 -7.80 17.75
C VAL A 183 15.75 -9.08 17.74
N VAL A 184 14.45 -8.91 17.48
CA VAL A 184 13.52 -10.02 17.38
C VAL A 184 13.43 -10.45 15.92
N TYR A 185 13.64 -11.74 15.67
CA TYR A 185 13.60 -12.31 14.34
C TYR A 185 12.48 -13.31 14.21
N LYS A 186 12.05 -13.53 12.97
CA LYS A 186 11.06 -14.52 12.60
C LYS A 186 11.71 -15.59 11.74
N PRO A 187 11.52 -16.86 12.06
CA PRO A 187 12.09 -17.93 11.24
C PRO A 187 11.42 -18.03 9.87
N ILE A 188 12.19 -18.55 8.92
CA ILE A 188 11.75 -18.66 7.53
C ILE A 188 11.50 -20.13 7.24
N PHE A 189 10.30 -20.44 6.74
CA PHE A 189 9.89 -21.78 6.39
C PHE A 189 9.84 -21.92 4.88
N LYS A 190 9.67 -23.16 4.42
CA LYS A 190 9.40 -23.39 3.00
C LYS A 190 8.01 -22.89 2.65
N ARG A 191 7.89 -22.28 1.46
CA ARG A 191 6.65 -21.59 1.10
C ARG A 191 5.53 -22.57 0.77
N TYR A 192 5.88 -23.76 0.27
CA TYR A 192 4.90 -24.73 -0.17
C TYR A 192 5.01 -26.08 0.54
N ASN A 193 6.09 -26.30 1.29
CA ASN A 193 6.22 -27.54 2.05
C ASN A 193 5.89 -27.32 3.52
N GLY A 194 6.39 -26.23 4.10
CA GLY A 194 6.15 -25.91 5.49
C GLY A 194 7.24 -26.32 6.45
N ASP A 195 8.32 -26.92 5.97
CA ASP A 195 9.41 -27.35 6.83
C ASP A 195 10.26 -26.16 7.25
N PRO A 196 10.90 -26.21 8.41
CA PRO A 196 11.84 -25.15 8.79
C PRO A 196 13.10 -25.21 7.94
N ASP A 197 13.73 -24.05 7.74
CA ASP A 197 14.94 -23.94 6.95
C ASP A 197 16.14 -23.95 7.89
N LEU A 198 16.79 -25.11 8.01
CA LEU A 198 17.95 -25.27 8.88
C LEU A 198 19.12 -25.83 8.08
N ILE A 199 20.32 -25.52 8.54
CA ILE A 199 21.56 -26.03 7.95
C ILE A 199 22.18 -26.97 8.98
N GLU A 200 22.04 -28.28 8.75
CA GLU A 200 22.57 -29.29 9.67
C GLU A 200 23.79 -29.99 9.08
N ASP A 201 24.53 -29.28 8.23
CA ASP A 201 25.73 -29.81 7.60
C ASP A 201 26.86 -28.79 7.68
N ASN A 202 27.03 -28.17 8.85
CA ASN A 202 28.06 -27.16 9.04
C ASN A 202 28.51 -27.21 10.49
N SER A 203 29.60 -27.95 10.75
CA SER A 203 30.21 -27.98 12.06
C SER A 203 31.30 -26.94 12.23
N ASN A 204 31.60 -26.17 11.19
CA ASN A 204 32.63 -25.14 11.23
C ASN A 204 32.05 -23.74 11.33
N ASP A 205 30.85 -23.51 10.77
CA ASP A 205 30.23 -22.19 10.86
C ASP A 205 29.68 -21.92 12.25
N VAL A 206 29.31 -22.97 12.98
CA VAL A 206 28.82 -22.82 14.35
C VAL A 206 29.94 -22.33 15.26
N GLU A 207 31.13 -22.91 15.10
CA GLU A 207 32.29 -22.49 15.87
C GLU A 207 32.72 -21.07 15.50
N HIS A 208 32.61 -20.72 14.22
CA HIS A 208 32.96 -19.37 13.77
C HIS A 208 32.01 -18.33 14.32
N TRP A 209 30.70 -18.64 14.33
CA TRP A 209 29.72 -17.71 14.89
C TRP A 209 29.86 -17.60 16.40
N TYR A 210 30.20 -18.72 17.07
CA TYR A 210 30.41 -18.72 18.51
C TYR A 210 31.62 -17.85 18.89
N ASP A 211 32.74 -18.03 18.18
CA ASP A 211 33.94 -17.25 18.47
C ASP A 211 33.76 -15.79 18.08
N TYR A 212 32.98 -15.51 17.03
CA TYR A 212 32.74 -14.12 16.63
C TYR A 212 31.86 -13.40 17.65
N HIS A 213 30.80 -14.07 18.12
CA HIS A 213 29.94 -13.46 19.14
C HIS A 213 30.65 -13.36 20.49
N LEU A 214 31.62 -14.23 20.74
CA LEU A 214 32.40 -14.13 21.97
C LEU A 214 33.38 -12.97 21.90
N GLU A 215 34.09 -12.83 20.77
CA GLU A 215 35.17 -11.84 20.69
C GLU A 215 34.66 -10.45 20.39
N ARG A 216 33.47 -10.30 19.78
CA ARG A 216 33.03 -8.96 19.41
C ARG A 216 32.45 -8.20 20.61
N TYR A 217 31.58 -8.83 21.39
CA TYR A 217 30.83 -8.14 22.43
C TYR A 217 31.36 -8.41 23.83
N TRP A 218 31.66 -9.67 24.16
CA TRP A 218 32.08 -10.04 25.51
C TRP A 218 33.60 -10.14 25.54
N ASN A 219 34.24 -8.97 25.60
CA ASN A 219 35.69 -8.88 25.50
C ASN A 219 36.40 -8.78 26.84
N THR A 220 35.78 -8.18 27.86
CA THR A 220 36.40 -8.11 29.18
C THR A 220 36.35 -9.48 29.86
N PRO A 221 37.28 -9.76 30.78
CA PRO A 221 37.23 -11.04 31.53
C PRO A 221 35.96 -11.27 32.33
N GLU A 222 35.37 -10.20 32.89
CA GLU A 222 34.07 -10.34 33.56
C GLU A 222 32.97 -10.66 32.56
N LEU A 223 33.02 -10.04 31.38
CA LEU A 223 32.03 -10.36 30.35
C LEU A 223 32.26 -11.76 29.78
N LYS A 224 33.51 -12.20 29.71
CA LYS A 224 33.79 -13.58 29.29
C LYS A 224 33.29 -14.59 30.30
N LYS A 225 33.44 -14.28 31.60
CA LYS A 225 32.92 -15.16 32.64
C LYS A 225 31.39 -15.19 32.64
N GLU A 226 30.76 -14.04 32.39
CA GLU A 226 29.30 -13.99 32.30
C GLU A 226 28.80 -14.73 31.05
N PHE A 227 29.55 -14.66 29.96
CA PHE A 227 29.19 -15.37 28.73
C PHE A 227 29.35 -16.88 28.91
N TYR A 228 30.39 -17.32 29.63
CA TYR A 228 30.57 -18.74 29.86
C TYR A 228 29.59 -19.27 30.91
N LYS A 229 29.11 -18.40 31.81
CA LYS A 229 28.09 -18.82 32.76
C LYS A 229 26.73 -18.92 32.09
N LYS A 230 26.38 -17.95 31.25
CA LYS A 230 25.05 -17.87 30.66
C LYS A 230 24.84 -18.91 29.57
N PHE A 231 25.76 -19.00 28.61
CA PHE A 231 25.58 -19.88 27.46
C PHE A 231 26.36 -21.19 27.54
N GLY A 232 27.42 -21.24 28.35
CA GLY A 232 28.19 -22.45 28.48
C GLY A 232 29.12 -22.68 27.31
N PRO A 233 29.52 -23.94 27.09
CA PRO A 233 30.42 -24.25 25.97
C PRO A 233 29.72 -24.26 24.63
N VAL A 234 30.47 -24.51 23.56
CA VAL A 234 29.94 -24.49 22.20
C VAL A 234 29.46 -25.89 21.83
N ASP A 235 28.24 -25.97 21.30
CA ASP A 235 27.66 -27.22 20.84
C ASP A 235 27.74 -27.21 19.31
N LEU A 236 28.54 -28.11 18.76
CA LEU A 236 28.73 -28.18 17.31
C LEU A 236 27.70 -29.04 16.60
N ASN A 237 26.82 -29.70 17.34
CA ASN A 237 25.78 -30.54 16.76
C ASN A 237 24.49 -29.77 16.45
N GLN A 238 24.42 -28.49 16.84
CA GLN A 238 23.22 -27.70 16.62
C GLN A 238 23.14 -27.22 15.17
N PRO A 239 21.92 -27.02 14.64
CA PRO A 239 21.80 -26.45 13.30
C PRO A 239 21.90 -24.93 13.30
N ILE A 240 21.69 -24.32 12.14
CA ILE A 240 21.70 -22.86 11.99
C ILE A 240 20.35 -22.45 11.42
N ILE A 241 19.66 -21.55 12.12
CA ILE A 241 18.31 -21.14 11.77
C ILE A 241 18.37 -19.96 10.81
N LEU A 242 17.63 -20.06 9.71
CA LEU A 242 17.47 -18.95 8.78
C LEU A 242 16.32 -18.08 9.28
N ALA A 243 16.57 -16.79 9.46
CA ALA A 243 15.55 -15.90 10.00
C ALA A 243 15.66 -14.53 9.36
N LYS A 244 14.55 -13.81 9.38
CA LYS A 244 14.49 -12.43 8.92
C LYS A 244 14.14 -11.53 10.11
N PRO A 245 14.48 -10.24 10.05
CA PRO A 245 14.04 -9.32 11.11
C PRO A 245 12.53 -9.14 11.11
N LEU A 246 11.98 -8.89 12.30
CA LEU A 246 10.53 -8.67 12.42
C LEU A 246 10.14 -7.33 11.81
N ARG A 247 11.05 -6.36 11.82
CA ARG A 247 10.82 -5.07 11.20
C ARG A 247 10.66 -5.23 9.69
N GLN A 248 9.70 -4.51 9.11
CA GLN A 248 9.24 -4.83 7.76
C GLN A 248 10.27 -4.42 6.70
N HIS A 249 11.02 -3.36 6.96
CA HIS A 249 11.82 -2.76 5.90
C HIS A 249 13.14 -3.48 5.66
N ASN A 250 13.73 -4.06 6.70
CA ASN A 250 14.94 -4.86 6.56
C ASN A 250 14.65 -6.35 6.49
N ARG A 251 13.50 -6.73 5.93
CA ARG A 251 13.13 -8.13 5.82
C ARG A 251 13.89 -8.84 4.70
N GLY A 252 14.54 -8.10 3.82
CA GLY A 252 15.32 -8.70 2.75
C GLY A 252 16.77 -8.89 3.12
N ASP A 253 17.07 -8.85 4.42
CA ASP A 253 18.41 -9.07 4.95
C ASP A 253 18.39 -10.36 5.75
N LEU A 254 18.97 -11.42 5.18
CA LEU A 254 18.91 -12.73 5.81
C LEU A 254 19.87 -12.81 6.99
N VAL A 255 19.42 -13.46 8.06
CA VAL A 255 20.17 -13.58 9.30
C VAL A 255 20.31 -15.06 9.65
N HIS A 256 21.56 -15.47 9.90
CA HIS A 256 21.88 -16.81 10.40
C HIS A 256 21.93 -16.74 11.92
N LEU A 257 21.06 -17.50 12.59
CA LEU A 257 20.99 -17.53 14.03
C LEU A 257 21.41 -18.88 14.57
N LEU A 258 21.95 -18.87 15.78
CA LEU A 258 22.23 -20.08 16.54
C LEU A 258 21.15 -20.29 17.60
N PRO A 259 20.63 -21.51 17.76
CA PRO A 259 19.59 -21.74 18.77
C PRO A 259 20.09 -21.64 20.20
N GLN A 260 21.41 -21.73 20.43
CA GLN A 260 21.98 -21.54 21.75
C GLN A 260 21.95 -20.08 22.20
N PHE A 261 21.95 -19.14 21.26
CA PHE A 261 22.05 -17.72 21.56
C PHE A 261 20.70 -17.01 21.56
N VAL A 262 19.61 -17.69 21.21
CA VAL A 262 18.32 -17.03 21.10
C VAL A 262 17.37 -17.59 22.15
N VAL A 263 16.37 -16.79 22.50
CA VAL A 263 15.32 -17.19 23.44
C VAL A 263 13.98 -17.06 22.71
N PRO A 264 12.97 -17.85 23.07
CA PRO A 264 11.66 -17.69 22.41
C PRO A 264 10.88 -16.54 23.03
N VAL A 265 10.33 -15.68 22.17
CA VAL A 265 9.40 -14.63 22.61
C VAL A 265 8.12 -15.30 23.09
N TYR A 266 7.59 -14.83 24.22
CA TYR A 266 6.47 -15.50 24.88
C TYR A 266 5.19 -15.40 24.06
N ASN A 267 4.55 -16.54 23.87
CA ASN A 267 3.20 -16.61 23.34
C ASN A 267 2.45 -17.65 24.16
N ALA A 268 1.12 -17.48 24.25
CA ALA A 268 0.32 -18.44 25.00
C ALA A 268 0.03 -19.71 24.20
N GLU A 269 0.43 -19.76 22.93
CA GLU A 269 0.33 -20.99 22.14
C GLU A 269 1.32 -22.05 22.62
N GLN A 270 2.41 -21.65 23.26
CA GLN A 270 3.48 -22.56 23.69
C GLN A 270 3.23 -23.15 25.07
N LEU A 271 1.99 -23.13 25.56
CA LEU A 271 1.64 -23.71 26.85
C LEU A 271 0.48 -24.68 26.65
N ASN A 272 0.33 -25.60 27.62
CA ASN A 272 -0.83 -26.47 27.64
C ASN A 272 -2.03 -25.74 28.24
N ASP A 273 -3.15 -26.45 28.37
CA ASP A 273 -4.40 -25.83 28.79
C ASP A 273 -4.37 -25.45 30.26
N ILE A 274 -3.77 -26.30 31.10
CA ILE A 274 -3.75 -26.08 32.54
C ILE A 274 -2.90 -24.87 32.89
N LEU A 275 -1.69 -24.80 32.33
CA LEU A 275 -0.78 -23.69 32.63
C LEU A 275 -1.30 -22.38 32.04
N ALA A 276 -2.02 -22.44 30.92
CA ALA A 276 -2.68 -21.26 30.38
C ALA A 276 -3.79 -20.78 31.31
N SER A 277 -4.51 -21.73 31.93
CA SER A 277 -5.57 -21.38 32.88
C SER A 277 -4.99 -20.69 34.12
N GLU A 278 -3.91 -21.24 34.70
CA GLU A 278 -3.32 -20.59 35.88
C GLU A 278 -2.64 -19.27 35.52
N ILE A 279 -2.04 -19.17 34.32
CA ILE A 279 -1.35 -17.92 34.00
C ILE A 279 -2.35 -16.82 33.67
N LEU A 280 -3.53 -17.16 33.14
CA LEU A 280 -4.50 -16.10 32.92
C LEU A 280 -5.36 -15.83 34.14
N GLU A 281 -5.40 -16.75 35.10
CA GLU A 281 -5.92 -16.38 36.41
C GLU A 281 -4.95 -15.47 37.15
N TYR A 282 -3.64 -15.67 36.94
CA TYR A 282 -2.62 -14.88 37.63
C TYR A 282 -2.48 -13.48 37.04
N LEU A 283 -2.57 -13.33 35.71
CA LEU A 283 -2.41 -12.02 35.10
C LEU A 283 -3.61 -11.10 35.34
N LYS A 284 -4.82 -11.65 35.30
CA LYS A 284 -6.04 -10.84 35.47
C LYS A 284 -6.32 -10.69 36.96
N LEU A 285 -6.17 -9.47 37.46
CA LEU A 285 -6.40 -9.17 38.87
C LEU A 285 -7.70 -8.39 39.04
N THR A 286 -8.40 -8.65 40.13
CA THR A 286 -9.61 -7.91 40.45
C THR A 286 -9.26 -6.56 41.06
N SER A 287 -10.29 -5.80 41.43
CA SER A 287 -10.07 -4.43 41.91
C SER A 287 -9.46 -4.41 43.31
N ASN A 288 -9.82 -5.39 44.15
CA ASN A 288 -9.34 -5.40 45.53
C ASN A 288 -7.86 -5.74 45.61
N GLN A 289 -7.39 -6.63 44.74
CA GLN A 289 -5.97 -6.99 44.71
C GLN A 289 -5.12 -5.82 44.21
N ARG A 290 -5.61 -5.09 43.22
CA ARG A 290 -4.92 -3.90 42.74
C ARG A 290 -4.89 -2.80 43.80
N ILE A 291 -5.99 -2.65 44.54
CA ILE A 291 -6.06 -1.65 45.61
C ILE A 291 -5.06 -1.99 46.72
N SER A 292 -4.99 -3.27 47.10
CA SER A 292 -4.08 -3.69 48.16
C SER A 292 -2.62 -3.57 47.72
N LEU A 293 -2.32 -3.95 46.48
CA LEU A 293 -0.94 -3.88 45.98
C LEU A 293 -0.49 -2.43 45.82
N LEU A 294 -1.36 -1.56 45.30
CA LEU A 294 -1.01 -0.15 45.17
C LEU A 294 -0.91 0.53 46.52
N SER A 295 -1.74 0.13 47.50
CA SER A 295 -1.65 0.69 48.83
C SER A 295 -0.35 0.29 49.53
N ARG A 296 0.07 -0.96 49.35
CA ARG A 296 1.35 -1.40 49.91
C ARG A 296 2.52 -0.69 49.24
N LEU A 297 2.45 -0.51 47.92
CA LEU A 297 3.52 0.18 47.19
C LEU A 297 3.60 1.66 47.59
N ILE A 298 2.45 2.33 47.73
CA ILE A 298 2.43 3.74 48.09
C ILE A 298 2.86 3.94 49.54
N ASN A 299 2.52 2.99 50.42
CA ASN A 299 3.00 3.04 51.81
C ASN A 299 4.49 2.77 51.88
N ASP A 300 5.04 2.01 50.92
CA ASP A 300 6.49 1.86 50.86
C ASP A 300 7.16 3.12 50.34
N ILE A 301 6.50 3.82 49.40
CA ILE A 301 7.07 5.04 48.83
C ILE A 301 7.08 6.18 49.87
N LYS A 302 6.00 6.29 50.65
CA LYS A 302 5.79 7.50 51.46
C LYS A 302 6.73 7.57 52.65
N THR A 303 7.35 6.45 53.03
CA THR A 303 8.32 6.44 54.13
C THR A 303 9.75 6.54 53.61
N ASN A 304 9.92 7.08 52.40
CA ASN A 304 11.24 7.27 51.83
C ASN A 304 11.45 8.63 51.20
N THR A 305 10.40 9.42 50.97
CA THR A 305 10.50 10.74 50.35
C THR A 305 9.29 11.54 50.79
N ASN A 306 9.24 12.80 50.34
CA ASN A 306 8.14 13.70 50.67
C ASN A 306 7.33 14.11 49.45
N ILE A 307 7.36 13.31 48.39
CA ILE A 307 6.71 13.69 47.14
C ILE A 307 5.24 13.30 47.16
N ILE A 308 4.95 12.05 47.47
CA ILE A 308 3.57 11.58 47.58
C ILE A 308 3.01 12.02 48.92
N VAL A 309 1.88 12.74 48.89
CA VAL A 309 1.30 13.33 50.08
C VAL A 309 -0.09 12.78 50.40
N SER A 310 -0.56 11.78 49.66
CA SER A 310 -1.90 11.25 49.89
C SER A 310 -1.95 9.81 49.42
N SER A 311 -3.01 9.12 49.82
CA SER A 311 -3.29 7.76 49.40
C SER A 311 -4.11 7.80 48.11
N LEU A 312 -4.75 6.68 47.74
CA LEU A 312 -5.57 6.61 46.54
C LEU A 312 -6.78 7.51 46.67
N THR A 313 -6.96 8.38 45.67
CA THR A 313 -7.97 9.43 45.74
C THR A 313 -9.35 8.88 45.43
N GLU A 314 -10.35 9.47 46.08
CA GLU A 314 -11.75 9.11 45.89
C GLU A 314 -12.45 10.26 45.18
N LEU A 315 -13.04 9.97 44.02
CA LEU A 315 -13.73 10.97 43.22
C LEU A 315 -15.22 10.67 43.19
N GLU A 316 -15.95 11.58 42.56
CA GLU A 316 -17.41 11.53 42.48
C GLU A 316 -17.81 11.21 41.05
N ALA A 317 -18.56 10.13 40.86
CA ALA A 317 -19.06 9.73 39.56
C ALA A 317 -20.58 9.65 39.61
N ASN A 318 -21.20 9.87 38.45
CA ASN A 318 -22.65 9.85 38.32
C ASN A 318 -23.06 8.52 37.68
N THR A 319 -23.96 7.80 38.35
CA THR A 319 -24.42 6.51 37.88
C THR A 319 -25.43 6.69 36.74
N PHE A 320 -25.57 5.63 35.95
CA PHE A 320 -26.53 5.59 34.86
C PHE A 320 -27.58 4.52 35.17
N ASP A 321 -28.79 4.95 35.51
CA ASP A 321 -29.90 4.06 35.80
C ASP A 321 -31.04 4.43 34.87
N VAL A 322 -30.97 3.93 33.64
CA VAL A 322 -32.00 4.15 32.62
C VAL A 322 -32.31 2.80 31.98
N ASP A 323 -33.59 2.42 31.97
CA ASP A 323 -34.01 1.18 31.36
C ASP A 323 -33.89 1.32 29.84
N LEU A 324 -32.98 0.55 29.25
CA LEU A 324 -32.73 0.65 27.82
C LEU A 324 -33.78 -0.07 26.98
N ASN A 325 -34.67 -0.84 27.61
CA ASN A 325 -35.70 -1.55 26.87
C ASN A 325 -36.83 -0.62 26.43
N ASP A 326 -36.92 0.59 26.98
CA ASP A 326 -37.95 1.52 26.57
C ASP A 326 -37.64 2.13 25.20
N MET A 327 -36.37 2.22 24.83
CA MET A 327 -35.94 2.84 23.59
C MET A 327 -35.66 1.82 22.49
N LEU A 328 -36.07 0.56 22.67
CA LEU A 328 -35.80 -0.51 21.73
C LEU A 328 -37.11 -0.98 21.13
N GLN A 329 -37.36 -0.58 19.88
CA GLN A 329 -38.62 -0.89 19.20
C GLN A 329 -38.48 -2.17 18.38
N VAL A 330 -39.58 -2.92 18.30
CA VAL A 330 -39.61 -4.21 17.61
C VAL A 330 -41.05 -4.48 17.17
N ARG A 331 -41.22 -5.41 16.25
CA ARG A 331 -42.55 -5.77 15.80
C ARG A 331 -43.11 -6.94 16.61
N ASN A 332 -44.44 -7.00 16.69
CA ASN A 332 -45.15 -8.06 17.38
C ASN A 332 -45.62 -9.09 16.34
N ALA A 333 -46.45 -10.04 16.79
CA ALA A 333 -46.92 -11.12 15.93
C ALA A 333 -47.87 -10.64 14.84
N ASP A 334 -48.42 -9.44 15.00
CA ASP A 334 -49.27 -8.88 13.99
C ASP A 334 -48.53 -7.81 13.20
N ASN A 335 -47.22 -7.73 13.37
CA ASN A 335 -46.38 -6.75 12.66
C ASN A 335 -46.64 -5.32 13.13
N VAL A 336 -46.97 -5.17 14.39
CA VAL A 336 -47.19 -3.85 14.93
C VAL A 336 -46.05 -3.46 15.85
N LYS A 337 -45.57 -2.23 15.74
CA LYS A 337 -44.45 -1.79 16.56
C LYS A 337 -44.73 -1.94 18.04
N VAL A 338 -43.68 -2.13 18.83
CA VAL A 338 -43.83 -2.33 20.28
C VAL A 338 -42.47 -2.29 20.92
N THR A 339 -42.37 -1.75 22.14
CA THR A 339 -41.09 -1.73 22.86
C THR A 339 -41.01 -2.93 23.77
N LEU A 340 -39.85 -3.57 23.85
CA LEU A 340 -39.71 -4.81 24.61
C LEU A 340 -40.06 -4.63 26.08
N SER A 341 -40.16 -3.39 26.56
CA SER A 341 -40.62 -3.16 27.93
C SER A 341 -42.10 -3.45 28.05
N GLU A 342 -42.87 -3.23 26.98
CA GLU A 342 -44.28 -3.58 26.98
C GLU A 342 -44.48 -5.09 26.94
N LEU A 343 -43.58 -5.81 26.27
CA LEU A 343 -43.62 -7.27 26.22
C LEU A 343 -42.96 -7.91 27.44
N GLU A 344 -42.35 -7.10 28.31
CA GLU A 344 -41.71 -7.53 29.57
C GLU A 344 -40.59 -8.56 29.31
N ILE A 345 -39.84 -8.34 28.25
CA ILE A 345 -38.66 -9.11 27.92
C ILE A 345 -37.50 -8.15 27.67
N SER A 346 -36.37 -8.71 27.26
CA SER A 346 -35.16 -7.94 26.99
C SER A 346 -34.66 -8.23 25.58
N LYS A 347 -33.43 -7.79 25.31
CA LYS A 347 -32.78 -8.06 24.03
C LYS A 347 -32.42 -9.52 23.83
N THR A 348 -32.30 -10.29 24.91
CA THR A 348 -31.70 -11.60 24.85
C THR A 348 -32.70 -12.74 24.67
N ARG A 349 -34.00 -12.45 24.63
CA ARG A 349 -35.03 -13.45 24.41
C ARG A 349 -35.80 -13.17 23.12
N LEU A 350 -35.08 -12.83 22.06
CA LEU A 350 -35.72 -12.58 20.78
C LEU A 350 -36.09 -13.85 20.02
N PHE A 351 -35.43 -14.96 20.32
CA PHE A 351 -35.63 -16.20 19.57
C PHE A 351 -36.15 -17.34 20.46
N THR A 352 -36.62 -17.04 21.66
CA THR A 352 -37.09 -18.10 22.56
C THR A 352 -38.51 -18.54 22.24
N TRP A 353 -39.21 -17.85 21.35
CA TRP A 353 -40.55 -18.25 20.95
C TRP A 353 -40.53 -19.34 19.88
N MET A 354 -39.35 -19.69 19.35
CA MET A 354 -39.27 -20.68 18.28
C MET A 354 -39.57 -22.09 18.79
N LYS A 355 -39.07 -22.43 19.98
CA LYS A 355 -39.26 -23.76 20.55
C LYS A 355 -40.07 -23.73 21.84
N SER A 356 -40.81 -22.65 22.08
CA SER A 356 -41.62 -22.53 23.29
C SER A 356 -42.85 -21.70 22.98
N ARG A 357 -43.88 -21.88 23.82
CA ARG A 357 -45.14 -21.17 23.66
C ARG A 357 -45.49 -20.26 24.83
N LYS A 358 -44.63 -20.16 25.83
CA LYS A 358 -44.85 -19.27 26.97
C LYS A 358 -44.22 -17.90 26.77
N TYR A 359 -43.80 -17.57 25.56
CA TYR A 359 -43.12 -16.33 25.23
C TYR A 359 -43.78 -15.70 24.02
N PRO A 360 -43.81 -14.36 23.94
CA PRO A 360 -44.44 -13.71 22.78
C PRO A 360 -43.63 -13.87 21.51
N VAL A 361 -44.34 -13.87 20.39
CA VAL A 361 -43.72 -14.05 19.07
C VAL A 361 -43.13 -12.72 18.63
N ILE A 362 -41.83 -12.72 18.29
CA ILE A 362 -41.09 -11.53 17.94
C ILE A 362 -40.74 -11.58 16.45
N LEU A 363 -41.19 -10.58 15.71
CA LEU A 363 -40.89 -10.44 14.29
C LEU A 363 -39.93 -9.27 14.09
N PRO A 364 -39.09 -9.33 13.06
CA PRO A 364 -38.09 -8.26 12.86
C PRO A 364 -38.71 -6.94 12.43
N TYR A 365 -38.00 -5.86 12.75
CA TYR A 365 -38.49 -4.52 12.46
C TYR A 365 -38.43 -4.20 10.97
N ASP A 366 -37.28 -4.44 10.34
CA ASP A 366 -37.05 -4.03 8.96
C ASP A 366 -36.57 -5.22 8.13
N ILE A 367 -37.19 -5.38 6.97
CA ILE A 367 -36.76 -6.37 5.98
C ILE A 367 -36.43 -5.61 4.70
N PRO A 368 -35.27 -5.85 4.07
CA PRO A 368 -34.93 -5.12 2.85
C PRO A 368 -35.83 -5.50 1.67
N GLN A 369 -35.95 -4.57 0.73
CA GLN A 369 -36.82 -4.77 -0.43
C GLN A 369 -36.25 -5.81 -1.39
N LYS A 370 -34.91 -5.89 -1.50
CA LYS A 370 -34.28 -6.82 -2.44
C LYS A 370 -34.47 -8.27 -2.00
N LEU A 371 -34.63 -8.49 -0.69
CA LEU A 371 -34.98 -9.82 -0.22
C LEU A 371 -36.43 -10.16 -0.56
N LYS A 372 -37.28 -9.14 -0.66
CA LYS A 372 -38.68 -9.39 -1.02
C LYS A 372 -38.82 -9.65 -2.52
N LYS A 373 -37.98 -9.03 -3.34
CA LYS A 373 -38.01 -9.32 -4.78
C LYS A 373 -37.42 -10.69 -5.09
N ILE A 374 -36.48 -11.15 -4.27
CA ILE A 374 -35.78 -12.40 -4.53
C ILE A 374 -36.69 -13.56 -4.15
N GLU A 375 -36.85 -14.53 -5.06
CA GLU A 375 -37.71 -15.67 -4.80
C GLU A 375 -37.01 -16.74 -3.97
N LYS A 376 -35.78 -17.10 -4.33
CA LYS A 376 -35.07 -18.17 -3.66
C LYS A 376 -33.62 -17.78 -3.45
N ILE A 377 -33.05 -18.29 -2.34
CA ILE A 377 -31.65 -18.09 -2.01
C ILE A 377 -31.02 -19.46 -1.80
N PRO A 378 -30.01 -19.85 -2.59
CA PRO A 378 -29.36 -21.14 -2.35
C PRO A 378 -28.49 -21.09 -1.10
N VAL A 379 -28.47 -22.21 -0.38
CA VAL A 379 -27.66 -22.36 0.83
C VAL A 379 -26.74 -23.56 0.64
N PHE A 380 -25.44 -23.34 0.79
CA PHE A 380 -24.42 -24.37 0.64
C PHE A 380 -23.82 -24.70 2.00
N ILE A 381 -23.38 -25.96 2.14
CA ILE A 381 -22.75 -26.44 3.36
C ILE A 381 -21.38 -26.98 2.98
N ILE A 382 -20.32 -26.29 3.38
CA ILE A 382 -18.95 -26.69 3.09
C ILE A 382 -18.33 -27.23 4.37
N VAL A 383 -17.80 -28.45 4.30
CA VAL A 383 -17.25 -29.14 5.46
C VAL A 383 -15.79 -29.48 5.19
N ASP A 384 -14.92 -29.14 6.13
CA ASP A 384 -13.51 -29.53 6.05
C ASP A 384 -13.38 -31.04 6.24
N SER A 385 -12.49 -31.64 5.45
CA SER A 385 -12.30 -33.09 5.52
C SER A 385 -11.33 -33.52 6.62
N ALA A 386 -10.73 -32.57 7.33
CA ALA A 386 -9.82 -32.91 8.42
C ALA A 386 -10.55 -33.25 9.71
N LEU A 387 -11.86 -33.03 9.77
CA LEU A 387 -12.63 -33.33 10.98
C LEU A 387 -12.95 -34.82 11.06
N SER A 388 -13.35 -35.24 12.26
CA SER A 388 -13.85 -36.60 12.43
C SER A 388 -15.26 -36.71 11.86
N ARG A 389 -15.70 -37.95 11.64
CA ARG A 389 -16.94 -38.19 10.92
C ARG A 389 -18.17 -37.77 11.73
N ASP A 390 -18.13 -37.99 13.05
CA ASP A 390 -19.23 -37.59 13.92
C ASP A 390 -19.37 -36.07 13.98
N ILE A 391 -18.24 -35.36 13.97
CA ILE A 391 -18.26 -33.89 13.95
C ILE A 391 -18.84 -33.38 12.63
N GLN A 392 -18.53 -34.05 11.52
CA GLN A 392 -19.08 -33.68 10.22
C GLN A 392 -20.58 -33.89 10.16
N THR A 393 -21.06 -35.05 10.63
CA THR A 393 -22.50 -35.32 10.62
C THR A 393 -23.25 -34.41 11.59
N PHE A 394 -22.63 -34.09 12.74
CA PHE A 394 -23.24 -33.17 13.68
C PHE A 394 -23.32 -31.75 13.12
N ALA A 395 -22.30 -31.33 12.36
CA ALA A 395 -22.31 -30.01 11.76
C ALA A 395 -23.37 -29.90 10.67
N LYS A 396 -23.50 -30.94 9.82
CA LYS A 396 -24.55 -30.94 8.81
C LYS A 396 -25.95 -30.97 9.44
N ASP A 397 -26.12 -31.76 10.51
CA ASP A 397 -27.42 -31.84 11.17
C ASP A 397 -27.77 -30.52 11.85
N GLU A 398 -26.79 -29.84 12.45
CA GLU A 398 -27.04 -28.57 13.11
C GLU A 398 -27.33 -27.47 12.10
N PHE A 399 -26.66 -27.51 10.93
CA PHE A 399 -26.95 -26.54 9.88
C PHE A 399 -28.35 -26.74 9.30
N ARG A 400 -28.75 -28.00 9.11
CA ARG A 400 -30.11 -28.29 8.64
C ARG A 400 -31.15 -27.86 9.65
N TYR A 401 -30.89 -28.11 10.95
CA TYR A 401 -31.81 -27.70 12.01
C TYR A 401 -31.94 -26.17 12.08
N LEU A 402 -30.81 -25.47 11.93
CA LEU A 402 -30.79 -24.01 12.00
C LEU A 402 -31.57 -23.39 10.84
N ILE A 403 -31.30 -23.85 9.61
CA ILE A 403 -31.97 -23.29 8.44
C ILE A 403 -33.45 -23.66 8.43
N SER A 404 -33.79 -24.88 8.85
CA SER A 404 -35.20 -25.30 8.89
C SER A 404 -35.99 -24.53 9.95
N SER A 405 -35.37 -24.27 11.11
CA SER A 405 -36.03 -23.52 12.17
C SER A 405 -36.25 -22.07 11.76
N LEU A 406 -35.24 -21.46 11.11
CA LEU A 406 -35.37 -20.09 10.63
C LEU A 406 -36.44 -20.00 9.54
N GLN A 407 -36.46 -20.97 8.64
CA GLN A 407 -37.41 -20.98 7.52
C GLN A 407 -38.85 -21.14 8.02
N LYS A 408 -39.07 -22.05 8.97
CA LYS A 408 -40.42 -22.25 9.50
C LYS A 408 -40.88 -21.04 10.31
N SER A 409 -40.02 -20.55 11.21
CA SER A 409 -40.43 -19.47 12.11
C SER A 409 -40.53 -18.12 11.40
N LEU A 410 -39.93 -18.01 10.20
CA LEU A 410 -40.09 -16.77 9.46
C LEU A 410 -41.17 -16.89 8.37
N SER A 411 -41.39 -18.09 7.84
CA SER A 411 -42.38 -18.24 6.79
C SER A 411 -43.79 -18.35 7.34
N ASN A 412 -43.93 -18.64 8.64
CA ASN A 412 -45.28 -18.73 9.20
C ASN A 412 -45.92 -17.38 9.50
N TRP A 413 -45.16 -16.27 9.46
CA TRP A 413 -45.74 -15.00 9.83
C TRP A 413 -45.50 -13.88 8.82
N VAL A 414 -44.32 -13.78 8.24
CA VAL A 414 -43.97 -12.70 7.33
C VAL A 414 -43.62 -13.29 5.96
N ASP A 415 -43.40 -12.40 5.00
CA ASP A 415 -43.07 -12.78 3.63
C ASP A 415 -41.56 -12.88 3.51
N PHE A 416 -41.04 -14.10 3.54
CA PHE A 416 -39.62 -14.35 3.47
C PHE A 416 -39.30 -15.20 2.23
N PRO A 417 -38.16 -14.97 1.57
CA PRO A 417 -37.78 -15.85 0.46
C PRO A 417 -37.39 -17.24 0.95
N ILE A 418 -37.50 -18.21 0.05
CA ILE A 418 -37.21 -19.59 0.39
C ILE A 418 -35.71 -19.85 0.32
N LEU A 419 -35.15 -20.38 1.41
CA LEU A 419 -33.75 -20.81 1.43
C LEU A 419 -33.72 -22.26 0.97
N ASP A 420 -33.08 -22.50 -0.17
CA ASP A 420 -33.06 -23.80 -0.80
C ASP A 420 -31.81 -24.56 -0.39
N ILE A 421 -31.99 -25.70 0.26
CA ILE A 421 -30.92 -26.65 0.54
C ILE A 421 -31.22 -27.92 -0.25
N ARG A 422 -30.29 -28.31 -1.12
CA ARG A 422 -30.39 -29.56 -1.86
C ARG A 422 -29.26 -30.48 -1.43
N ASP A 423 -29.37 -31.75 -1.82
CA ASP A 423 -28.34 -32.72 -1.52
C ASP A 423 -27.07 -32.51 -2.33
N LYS A 424 -27.14 -31.79 -3.45
CA LYS A 424 -25.98 -31.46 -4.26
C LYS A 424 -25.33 -30.15 -3.84
N TYR A 425 -25.86 -29.47 -2.82
CA TYR A 425 -25.29 -28.24 -2.31
C TYR A 425 -24.36 -28.46 -1.12
N ILE A 426 -24.10 -29.71 -0.77
CA ILE A 426 -23.26 -30.06 0.37
C ILE A 426 -21.95 -30.61 -0.15
N PHE A 427 -20.83 -30.00 0.25
CA PHE A 427 -19.51 -30.41 -0.19
C PHE A 427 -18.64 -30.69 1.02
N THR A 428 -17.80 -31.72 0.91
CA THR A 428 -16.84 -32.07 1.96
C THR A 428 -15.45 -32.09 1.30
N ILE A 429 -14.71 -31.00 1.46
CA ILE A 429 -13.43 -30.84 0.77
C ILE A 429 -12.33 -30.56 1.79
N ASP A 430 -11.09 -30.75 1.34
CA ASP A 430 -9.93 -30.39 2.13
C ASP A 430 -9.64 -28.91 1.91
N LEU A 431 -9.63 -28.13 2.99
CA LEU A 431 -9.52 -26.68 2.87
C LEU A 431 -8.09 -26.24 2.57
N THR A 432 -7.10 -27.01 3.02
CA THR A 432 -5.70 -26.61 2.82
C THR A 432 -5.16 -26.97 1.44
N SER A 433 -5.97 -27.59 0.58
CA SER A 433 -5.57 -27.91 -0.78
C SER A 433 -6.04 -26.82 -1.73
N ASP A 434 -5.15 -26.38 -2.62
CA ASP A 434 -5.48 -25.31 -3.56
C ASP A 434 -6.39 -25.82 -4.67
N LYS A 435 -6.19 -27.07 -5.11
CA LYS A 435 -6.99 -27.63 -6.20
C LYS A 435 -8.43 -27.86 -5.77
N ASP A 436 -8.64 -28.26 -4.50
CA ASP A 436 -9.99 -28.44 -3.99
C ASP A 436 -10.72 -27.11 -3.86
N ILE A 437 -10.01 -26.05 -3.46
CA ILE A 437 -10.58 -24.71 -3.39
C ILE A 437 -10.95 -24.22 -4.78
N VAL A 438 -10.09 -24.47 -5.78
CA VAL A 438 -10.35 -24.06 -7.15
C VAL A 438 -11.56 -24.80 -7.73
N ASN A 439 -11.64 -26.11 -7.49
CA ASN A 439 -12.76 -26.90 -8.00
C ASN A 439 -14.06 -26.54 -7.31
N LEU A 440 -14.01 -26.23 -6.00
CA LEU A 440 -15.20 -25.79 -5.28
C LEU A 440 -15.68 -24.43 -5.78
N SER A 441 -14.74 -23.54 -6.12
CA SER A 441 -15.10 -22.24 -6.69
C SER A 441 -15.75 -22.39 -8.06
N ILE A 442 -15.21 -23.30 -8.89
CA ILE A 442 -15.79 -23.57 -10.21
C ILE A 442 -17.20 -24.14 -10.07
N LYS A 443 -17.40 -25.08 -9.14
CA LYS A 443 -18.71 -25.68 -8.93
C LYS A 443 -19.71 -24.68 -8.37
N LEU A 444 -19.26 -23.76 -7.51
CA LEU A 444 -20.19 -22.79 -6.94
C LEU A 444 -20.54 -21.70 -7.95
N VAL A 445 -19.62 -21.35 -8.86
CA VAL A 445 -19.96 -20.47 -9.96
C VAL A 445 -20.95 -21.13 -10.90
N ASN A 446 -20.75 -22.42 -11.21
CA ASN A 446 -21.67 -23.13 -12.09
C ASN A 446 -23.02 -23.39 -11.43
N LEU A 447 -23.08 -23.39 -10.10
CA LEU A 447 -24.36 -23.58 -9.43
C LEU A 447 -25.11 -22.26 -9.23
N MET A 448 -24.39 -21.16 -9.02
CA MET A 448 -25.00 -19.87 -8.76
C MET A 448 -24.96 -18.94 -9.97
N LYS A 449 -25.22 -19.47 -11.17
CA LYS A 449 -25.20 -18.66 -12.37
C LYS A 449 -26.41 -17.73 -12.44
N ASN A 450 -27.61 -18.31 -12.39
CA ASN A 450 -28.83 -17.53 -12.49
C ASN A 450 -29.38 -17.24 -11.09
N ALA A 451 -28.57 -16.51 -10.31
CA ALA A 451 -28.93 -16.11 -8.96
C ALA A 451 -28.19 -14.84 -8.61
N GLU A 452 -28.71 -14.13 -7.61
CA GLU A 452 -28.12 -12.87 -7.16
C GLU A 452 -27.54 -12.92 -5.76
N LEU A 453 -27.95 -13.88 -4.93
CA LEU A 453 -27.46 -13.94 -3.55
C LEU A 453 -27.49 -15.38 -3.07
N GLY A 454 -26.44 -15.80 -2.38
CA GLY A 454 -26.39 -17.11 -1.79
C GLY A 454 -25.78 -17.06 -0.40
N LEU A 455 -26.00 -18.13 0.35
CA LEU A 455 -25.50 -18.25 1.72
C LEU A 455 -24.69 -19.53 1.84
N ALA A 456 -23.61 -19.48 2.63
CA ALA A 456 -22.77 -20.65 2.86
C ALA A 456 -22.51 -20.80 4.35
N LEU A 457 -22.50 -22.06 4.80
CA LEU A 457 -22.13 -22.42 6.16
C LEU A 457 -20.90 -23.31 6.09
N ILE A 458 -19.80 -22.83 6.66
CA ILE A 458 -18.51 -23.50 6.58
C ILE A 458 -18.17 -24.08 7.94
N ALA A 459 -17.72 -25.33 7.95
CA ALA A 459 -17.24 -26.00 9.15
C ALA A 459 -15.76 -26.31 8.97
N THR A 460 -14.91 -25.65 9.76
CA THR A 460 -13.46 -25.76 9.65
C THR A 460 -12.90 -26.59 10.80
N ARG A 461 -11.59 -26.76 10.78
CA ARG A 461 -10.90 -27.53 11.80
C ARG A 461 -10.64 -26.67 13.03
N THR A 462 -9.85 -27.21 13.97
CA THR A 462 -9.58 -26.50 15.21
C THR A 462 -8.64 -25.31 14.98
N LYS A 463 -7.53 -25.54 14.27
CA LYS A 463 -6.54 -24.50 14.03
C LYS A 463 -6.27 -24.44 12.53
N LEU A 464 -7.11 -23.69 11.82
CA LEU A 464 -6.88 -23.44 10.41
C LEU A 464 -5.88 -22.30 10.24
N PRO A 465 -5.02 -22.36 9.21
CA PRO A 465 -4.13 -21.22 8.93
C PRO A 465 -4.90 -19.97 8.55
N ASN A 466 -4.35 -18.81 8.90
CA ASN A 466 -5.04 -17.54 8.71
C ASN A 466 -5.11 -17.13 7.25
N GLU A 467 -4.20 -17.62 6.41
CA GLU A 467 -4.27 -17.31 4.98
C GLU A 467 -5.40 -18.07 4.31
N THR A 468 -5.64 -19.31 4.74
CA THR A 468 -6.68 -20.14 4.13
C THR A 468 -8.07 -19.61 4.45
N PHE A 469 -8.27 -19.10 5.67
CA PHE A 469 -9.55 -18.52 6.08
C PHE A 469 -9.90 -17.29 5.24
N ASP A 470 -8.93 -16.39 5.07
CA ASP A 470 -9.15 -15.19 4.27
C ASP A 470 -9.32 -15.54 2.80
N GLU A 471 -8.61 -16.55 2.31
CA GLU A 471 -8.74 -16.98 0.92
C GLU A 471 -10.13 -17.56 0.64
N VAL A 472 -10.62 -18.41 1.54
CA VAL A 472 -11.93 -19.03 1.37
C VAL A 472 -13.04 -17.98 1.45
N LYS A 473 -12.93 -17.06 2.43
CA LYS A 473 -13.96 -16.04 2.58
C LYS A 473 -13.92 -15.03 1.44
N LYS A 474 -12.73 -14.70 0.93
CA LYS A 474 -12.63 -13.78 -0.20
C LYS A 474 -13.15 -14.40 -1.48
N ARG A 475 -12.83 -15.69 -1.72
CA ARG A 475 -13.35 -16.36 -2.91
C ARG A 475 -14.85 -16.61 -2.82
N LEU A 476 -15.41 -16.69 -1.61
CA LEU A 476 -16.86 -16.80 -1.51
C LEU A 476 -17.54 -15.44 -1.66
N PHE A 477 -16.90 -14.37 -1.18
CA PHE A 477 -17.50 -13.04 -1.31
C PHE A 477 -17.39 -12.52 -2.74
N SER A 478 -16.39 -12.99 -3.50
CA SER A 478 -16.26 -12.56 -4.89
C SER A 478 -17.32 -13.18 -5.79
N VAL A 479 -17.92 -14.30 -5.39
CA VAL A 479 -18.94 -14.97 -6.17
C VAL A 479 -20.34 -14.76 -5.57
N ASN A 480 -20.51 -13.66 -4.81
CA ASN A 480 -21.79 -13.18 -4.28
C ASN A 480 -22.43 -14.19 -3.31
N ILE A 481 -21.63 -14.68 -2.37
CA ILE A 481 -22.08 -15.62 -1.36
C ILE A 481 -21.68 -15.12 0.01
N ILE A 482 -22.65 -14.93 0.89
CA ILE A 482 -22.42 -14.53 2.27
C ILE A 482 -22.11 -15.79 3.08
N SER A 483 -20.98 -15.81 3.77
CA SER A 483 -20.50 -17.01 4.43
C SER A 483 -20.49 -16.83 5.94
N GLN A 484 -20.76 -17.94 6.65
CA GLN A 484 -20.68 -17.98 8.10
C GLN A 484 -19.84 -19.19 8.49
N VAL A 485 -18.83 -18.96 9.32
CA VAL A 485 -17.80 -19.96 9.62
C VAL A 485 -17.94 -20.40 11.08
N VAL A 486 -18.01 -21.71 11.29
CA VAL A 486 -18.03 -22.31 12.63
C VAL A 486 -16.84 -23.26 12.71
N ASN A 487 -16.06 -23.15 13.79
CA ASN A 487 -14.87 -23.98 13.96
C ASN A 487 -15.19 -25.25 14.75
N GLU A 488 -14.16 -26.07 14.99
CA GLU A 488 -14.37 -27.37 15.64
C GLU A 488 -14.59 -27.21 17.14
N ALA A 489 -13.92 -26.25 17.77
CA ALA A 489 -14.06 -26.05 19.20
C ALA A 489 -15.43 -25.46 19.56
N THR A 490 -16.06 -24.78 18.60
CA THR A 490 -17.42 -24.28 18.81
C THR A 490 -18.43 -25.44 18.81
N LEU A 491 -18.22 -26.43 17.95
CA LEU A 491 -19.13 -27.56 17.82
C LEU A 491 -19.07 -28.51 19.01
N TYR A 492 -18.06 -28.42 19.87
CA TYR A 492 -17.97 -29.25 21.06
C TYR A 492 -18.75 -28.69 22.24
N LYS A 493 -19.33 -27.50 22.11
CA LYS A 493 -20.14 -26.89 23.17
C LYS A 493 -21.58 -27.35 22.97
N ARG A 494 -22.01 -28.29 23.82
CA ARG A 494 -23.35 -28.86 23.74
C ARG A 494 -24.21 -28.35 24.88
N ASP A 495 -25.51 -28.62 24.77
CA ASP A 495 -26.45 -28.23 25.81
C ASP A 495 -26.29 -29.17 27.01
N LYS A 496 -26.65 -28.66 28.20
CA LYS A 496 -26.49 -29.46 29.42
C LYS A 496 -27.55 -30.54 29.53
N TYR A 497 -28.73 -30.32 28.94
CA TYR A 497 -29.81 -31.30 29.02
C TYR A 497 -29.86 -32.20 27.78
N ASN A 498 -29.44 -31.70 26.63
CA ASN A 498 -29.42 -32.45 25.38
C ASN A 498 -27.99 -32.43 24.85
N GLU A 499 -27.28 -33.54 25.04
CA GLU A 499 -25.89 -33.65 24.65
C GLU A 499 -25.71 -33.87 23.15
N SER A 500 -26.77 -34.22 22.43
CA SER A 500 -26.69 -34.48 21.00
C SER A 500 -26.97 -33.25 20.15
N ARG A 501 -27.19 -32.09 20.79
CA ARG A 501 -27.47 -30.85 20.08
C ARG A 501 -26.46 -29.79 20.51
N LEU A 502 -26.37 -28.74 19.70
CA LEU A 502 -25.52 -27.60 20.02
C LEU A 502 -26.10 -26.83 21.20
N ASN A 503 -25.24 -26.01 21.81
CA ASN A 503 -25.68 -25.14 22.89
C ASN A 503 -26.59 -24.05 22.32
N LEU A 504 -27.69 -23.76 23.03
CA LEU A 504 -28.74 -22.88 22.51
C LEU A 504 -28.25 -21.44 22.38
N TYR A 505 -27.25 -21.06 23.18
CA TYR A 505 -26.69 -19.72 23.13
C TYR A 505 -25.98 -19.48 21.81
N VAL A 506 -25.21 -20.48 21.36
CA VAL A 506 -24.49 -20.39 20.10
C VAL A 506 -25.46 -20.42 18.93
N GLN A 507 -26.53 -21.22 19.04
CA GLN A 507 -27.54 -21.27 17.98
C GLN A 507 -28.27 -19.93 17.84
N HIS A 508 -28.59 -19.27 18.96
CA HIS A 508 -29.25 -17.98 18.88
C HIS A 508 -28.31 -16.90 18.34
N ASN A 509 -27.02 -16.95 18.72
CA ASN A 509 -26.06 -16.01 18.16
C ASN A 509 -25.84 -16.23 16.66
N LEU A 510 -25.82 -17.48 16.23
CA LEU A 510 -25.68 -17.79 14.81
C LEU A 510 -26.91 -17.37 14.02
N LEU A 511 -28.10 -17.54 14.62
CA LEU A 511 -29.35 -17.05 14.03
C LEU A 511 -29.32 -15.54 13.84
N PHE A 512 -28.90 -14.81 14.88
CA PHE A 512 -28.90 -13.35 14.81
C PHE A 512 -27.84 -12.84 13.84
N GLN A 513 -26.67 -13.51 13.80
CA GLN A 513 -25.61 -13.08 12.88
C GLN A 513 -25.97 -13.39 11.43
N ILE A 514 -26.63 -14.53 11.18
CA ILE A 514 -27.05 -14.87 9.83
C ILE A 514 -28.16 -13.94 9.35
N LEU A 515 -29.09 -13.59 10.25
CA LEU A 515 -30.14 -12.63 9.89
C LEU A 515 -29.57 -11.24 9.65
N SER A 516 -28.59 -10.82 10.45
CA SER A 516 -28.02 -9.49 10.29
C SER A 516 -27.08 -9.38 9.09
N LYS A 517 -26.56 -10.52 8.60
CA LYS A 517 -25.66 -10.46 7.46
C LYS A 517 -26.39 -10.24 6.14
N LEU A 518 -27.70 -10.48 6.11
CA LEU A 518 -28.50 -10.25 4.92
C LEU A 518 -29.37 -9.00 5.01
N GLY A 519 -29.02 -8.05 5.88
CA GLY A 519 -29.66 -6.76 5.92
C GLY A 519 -30.88 -6.67 6.82
N ILE A 520 -31.27 -7.75 7.48
CA ILE A 520 -32.46 -7.71 8.35
C ILE A 520 -32.07 -7.08 9.68
N LYS A 521 -32.74 -5.99 10.03
CA LYS A 521 -32.56 -5.34 11.33
C LYS A 521 -33.71 -5.77 12.22
N TYR A 522 -33.41 -6.57 13.24
CA TYR A 522 -34.47 -7.12 14.09
C TYR A 522 -35.04 -6.06 15.02
N TYR A 523 -34.17 -5.27 15.66
CA TYR A 523 -34.59 -4.21 16.55
C TYR A 523 -33.84 -2.93 16.20
N VAL A 524 -34.53 -1.80 16.35
CA VAL A 524 -33.93 -0.50 16.07
C VAL A 524 -34.00 0.35 17.33
N LEU A 525 -33.46 1.57 17.24
CA LEU A 525 -33.44 2.51 18.35
C LEU A 525 -34.45 3.62 18.09
N ARG A 526 -35.16 4.00 19.15
CA ARG A 526 -36.11 5.10 19.08
C ARG A 526 -35.61 6.27 19.91
N HIS A 527 -35.05 7.28 19.29
CA HIS A 527 -34.48 8.45 19.93
C HIS A 527 -34.32 9.53 18.87
N LYS A 528 -34.75 10.74 19.19
CA LYS A 528 -34.57 11.87 18.29
C LYS A 528 -33.22 12.51 18.59
N PHE A 529 -32.20 12.12 17.83
CA PHE A 529 -30.86 12.63 18.03
C PHE A 529 -30.75 14.07 17.56
N SER A 530 -29.77 14.79 18.12
CA SER A 530 -29.55 16.19 17.76
C SER A 530 -28.83 16.35 16.43
N TYR A 531 -28.27 15.28 15.88
CA TYR A 531 -27.55 15.31 14.63
C TYR A 531 -28.26 14.46 13.59
N ASP A 532 -28.19 14.89 12.33
CA ASP A 532 -28.88 14.17 11.26
C ASP A 532 -28.11 12.92 10.86
N TYR A 533 -26.79 12.97 10.90
CA TYR A 533 -25.94 11.87 10.46
C TYR A 533 -24.85 11.64 11.49
N ILE A 534 -24.54 10.36 11.76
CA ILE A 534 -23.48 9.99 12.70
C ILE A 534 -22.48 9.13 11.95
N VAL A 535 -21.25 9.63 11.80
CA VAL A 535 -20.23 8.99 10.98
C VAL A 535 -19.09 8.52 11.86
N GLY A 536 -18.78 7.23 11.80
CA GLY A 536 -17.68 6.65 12.56
C GLY A 536 -16.54 6.27 11.63
N ILE A 537 -15.31 6.65 12.04
CA ILE A 537 -14.12 6.53 11.20
C ILE A 537 -13.08 5.67 11.91
N ASP A 538 -12.52 4.69 11.19
CA ASP A 538 -11.44 3.88 11.75
C ASP A 538 -10.47 3.46 10.65
N VAL A 539 -9.21 3.22 11.03
CA VAL A 539 -8.09 2.90 10.13
C VAL A 539 -7.47 1.57 10.57
N THR A 540 -6.97 0.80 9.61
CA THR A 540 -6.24 -0.43 9.88
C THR A 540 -5.07 -0.54 8.90
N PRO A 541 -3.99 -1.25 9.25
CA PRO A 541 -2.85 -1.43 8.35
C PRO A 541 -3.12 -2.36 7.17
N MET A 542 -2.41 -2.26 6.07
CA MET A 542 -2.56 -3.20 4.96
C MET A 542 -1.76 -4.44 5.24
N LYS A 543 -2.16 -5.57 4.67
CA LYS A 543 -1.51 -6.85 4.92
C LYS A 543 -0.13 -7.00 4.35
N LEU A 544 0.07 -6.63 3.10
CA LEU A 544 1.36 -6.81 2.45
C LEU A 544 2.18 -5.54 2.23
N SER A 545 1.55 -4.44 1.92
CA SER A 545 2.26 -3.20 1.68
C SER A 545 2.46 -2.41 2.93
N HIS A 546 3.25 -1.34 2.87
CA HIS A 546 3.47 -0.47 3.99
C HIS A 546 2.63 0.74 3.73
N GLY A 547 1.36 0.63 4.02
CA GLY A 547 0.43 1.70 3.82
C GLY A 547 -0.82 1.38 4.54
N TYR A 548 -1.90 2.05 4.17
CA TYR A 548 -3.13 1.84 4.94
C TYR A 548 -4.31 1.72 3.96
N ILE A 549 -4.68 0.47 3.65
CA ILE A 549 -5.93 0.21 2.94
C ILE A 549 -7.10 0.43 3.89
N GLY A 550 -6.84 0.36 5.19
CA GLY A 550 -7.80 0.80 6.18
C GLY A 550 -8.02 2.30 6.13
N GLY A 551 -9.04 2.72 6.84
CA GLY A 551 -9.62 4.02 6.63
C GLY A 551 -10.98 3.79 6.00
N SER A 552 -12.02 3.78 6.82
CA SER A 552 -13.38 3.72 6.29
C SER A 552 -14.29 4.38 7.31
N ALA A 553 -15.53 4.60 6.88
CA ALA A 553 -16.54 5.25 7.70
C ALA A 553 -17.85 4.49 7.61
N VAL A 554 -18.62 4.56 8.69
CA VAL A 554 -19.95 3.99 8.76
C VAL A 554 -20.91 5.10 9.14
N MET A 555 -21.93 5.33 8.30
CA MET A 555 -22.91 6.37 8.52
C MET A 555 -24.20 5.76 9.07
N PHE A 556 -24.61 6.22 10.24
CA PHE A 556 -25.95 5.98 10.78
C PHE A 556 -26.79 7.19 10.40
N ASP A 557 -27.87 6.95 9.67
CA ASP A 557 -28.69 8.02 9.13
C ASP A 557 -30.15 7.56 9.00
N SER A 558 -31.04 8.54 9.08
CA SER A 558 -32.48 8.41 8.88
C SER A 558 -33.04 9.83 8.78
N GLN A 559 -34.36 9.94 8.88
CA GLN A 559 -35.04 11.24 8.94
C GLN A 559 -34.88 11.94 10.29
N GLY A 560 -34.37 11.24 11.30
CA GLY A 560 -34.19 11.81 12.62
C GLY A 560 -34.31 10.77 13.72
N TYR A 561 -34.81 9.59 13.38
CA TYR A 561 -34.85 8.43 14.26
C TYR A 561 -34.03 7.33 13.59
N ILE A 562 -32.77 7.21 14.01
CA ILE A 562 -31.68 6.55 13.26
C ILE A 562 -31.99 5.06 13.09
N ARG A 563 -32.01 4.62 11.83
CA ARG A 563 -32.29 3.22 11.50
C ARG A 563 -31.36 2.67 10.41
N LYS A 564 -30.80 3.55 9.58
CA LYS A 564 -30.09 3.10 8.38
C LYS A 564 -28.58 3.14 8.58
N ILE A 565 -27.90 2.09 8.13
CA ILE A 565 -26.45 1.94 8.24
C ILE A 565 -25.87 1.78 6.84
N ILE A 566 -24.94 2.65 6.49
CA ILE A 566 -24.22 2.54 5.20
C ILE A 566 -22.72 2.67 5.41
N PRO A 567 -21.92 1.68 5.01
CA PRO A 567 -20.46 1.82 5.07
C PRO A 567 -19.88 2.32 3.75
N VAL A 568 -18.94 3.26 3.88
CA VAL A 568 -18.17 3.76 2.75
C VAL A 568 -16.69 3.71 3.08
N GLU A 569 -15.86 3.86 2.06
CA GLU A 569 -14.41 3.73 2.17
C GLU A 569 -13.72 5.06 1.95
N ILE A 570 -12.67 5.33 2.73
CA ILE A 570 -11.81 6.47 2.47
C ILE A 570 -11.01 6.24 1.19
N GLY A 571 -10.36 5.08 1.08
CA GLY A 571 -9.47 4.80 -0.01
C GLY A 571 -8.14 4.24 0.46
N GLU A 572 -7.05 4.95 0.19
CA GLU A 572 -5.71 4.48 0.49
C GLU A 572 -4.85 5.65 0.96
N GLN A 573 -4.22 5.50 2.11
CA GLN A 573 -3.40 6.54 2.71
C GLN A 573 -1.97 6.06 2.88
N MET A 574 -1.14 6.93 3.45
CA MET A 574 0.25 6.60 3.78
C MET A 574 0.47 6.37 5.26
N GLY A 575 -0.19 7.15 6.12
CA GLY A 575 -0.14 6.97 7.54
C GLY A 575 -1.53 6.88 8.13
N GLU A 576 -1.67 7.32 9.38
CA GLU A 576 -2.96 7.38 10.04
C GLU A 576 -3.40 8.83 10.00
N SER A 577 -3.99 9.21 8.87
CA SER A 577 -4.46 10.59 8.64
C SER A 577 -5.47 10.54 7.51
N ILE A 578 -6.73 10.82 7.82
CA ILE A 578 -7.80 10.75 6.84
C ILE A 578 -7.83 12.04 6.03
N ASP A 579 -7.93 11.91 4.71
CA ASP A 579 -8.17 13.08 3.84
C ASP A 579 -9.67 13.34 3.88
N MET A 580 -10.07 14.31 4.71
CA MET A 580 -11.49 14.59 4.91
C MET A 580 -12.14 15.30 3.72
N LYS A 581 -11.33 15.95 2.88
CA LYS A 581 -11.87 16.63 1.70
C LYS A 581 -12.43 15.64 0.70
N GLU A 582 -11.64 14.61 0.35
CA GLU A 582 -12.09 13.58 -0.58
C GLU A 582 -13.21 12.74 0.03
N PHE A 583 -13.09 12.45 1.34
CA PHE A 583 -14.11 11.68 2.06
C PHE A 583 -15.45 12.40 2.04
N PHE A 584 -15.46 13.70 2.32
CA PHE A 584 -16.72 14.42 2.29
C PHE A 584 -17.20 14.67 0.87
N LYS A 585 -16.29 14.69 -0.12
CA LYS A 585 -16.72 14.87 -1.50
C LYS A 585 -17.48 13.64 -2.01
N ASP A 586 -16.91 12.44 -1.85
CA ASP A 586 -17.70 11.25 -2.19
C ASP A 586 -18.84 10.99 -1.22
N MET A 587 -18.83 11.55 0.00
CA MET A 587 -20.03 11.47 0.84
C MET A 587 -21.18 12.28 0.26
N VAL A 588 -20.89 13.52 -0.19
CA VAL A 588 -21.92 14.35 -0.80
C VAL A 588 -22.38 13.75 -2.13
N VAL A 589 -21.45 13.14 -2.88
CA VAL A 589 -21.79 12.48 -4.15
C VAL A 589 -22.69 11.27 -3.91
N GLN A 590 -22.37 10.44 -2.91
CA GLN A 590 -23.17 9.25 -2.63
C GLN A 590 -24.54 9.61 -2.07
N PHE A 591 -24.61 10.61 -1.18
CA PHE A 591 -25.89 10.97 -0.61
C PHE A 591 -26.74 11.78 -1.57
N GLY A 592 -26.13 12.45 -2.55
CA GLY A 592 -26.90 13.09 -3.60
C GLY A 592 -27.36 12.12 -4.66
N LYS A 593 -26.62 11.03 -4.87
CA LYS A 593 -27.12 9.96 -5.72
C LYS A 593 -28.21 9.15 -5.02
N PHE A 594 -28.27 9.21 -3.70
CA PHE A 594 -29.42 8.69 -2.96
C PHE A 594 -30.60 9.65 -2.99
N GLY A 595 -30.40 10.90 -3.40
CA GLY A 595 -31.47 11.87 -3.47
C GLY A 595 -31.54 12.83 -2.31
N ILE A 596 -30.50 12.92 -1.48
CA ILE A 596 -30.48 13.78 -0.30
C ILE A 596 -29.44 14.87 -0.50
N ASP A 597 -29.83 16.11 -0.23
CA ASP A 597 -28.91 17.24 -0.29
C ASP A 597 -28.18 17.36 1.05
N LEU A 598 -26.86 17.35 1.01
CA LEU A 598 -26.04 17.40 2.21
C LEU A 598 -25.54 18.81 2.52
N GLU A 599 -26.34 19.82 2.23
CA GLU A 599 -25.98 21.22 2.46
C GLU A 599 -26.81 21.76 3.61
N GLY A 600 -26.13 22.30 4.62
CA GLY A 600 -26.79 22.90 5.76
C GLY A 600 -27.23 21.96 6.85
N LYS A 601 -26.76 20.72 6.85
CA LYS A 601 -27.11 19.75 7.87
C LYS A 601 -26.02 19.68 8.93
N SER A 602 -26.22 18.82 9.92
CA SER A 602 -25.29 18.61 11.02
C SER A 602 -24.82 17.17 11.02
N ILE A 603 -23.52 16.97 11.16
CA ILE A 603 -22.89 15.66 11.12
C ILE A 603 -22.04 15.49 12.36
N LEU A 604 -22.24 14.40 13.09
CA LEU A 604 -21.46 14.07 14.28
C LEU A 604 -20.42 13.02 13.91
N ILE A 605 -19.15 13.36 14.06
CA ILE A 605 -18.04 12.50 13.67
C ILE A 605 -17.41 11.88 14.90
N LEU A 606 -17.40 10.54 14.94
CA LEU A 606 -16.73 9.78 15.99
C LEU A 606 -15.52 9.09 15.35
N ARG A 607 -14.33 9.48 15.78
CA ARG A 607 -13.08 8.98 15.23
C ARG A 607 -12.41 8.06 16.23
N ASP A 608 -12.01 6.88 15.77
CA ASP A 608 -11.29 5.92 16.62
C ASP A 608 -9.87 6.41 16.76
N GLY A 609 -9.54 6.99 17.92
CA GLY A 609 -8.21 7.50 18.16
C GLY A 609 -8.18 8.99 18.41
N LYS A 610 -7.38 9.71 17.65
CA LYS A 610 -7.24 11.15 17.80
C LYS A 610 -7.33 11.83 16.44
N ILE A 611 -8.00 12.97 16.40
CA ILE A 611 -8.12 13.76 15.19
C ILE A 611 -6.83 14.54 14.97
N THR A 612 -6.21 14.35 13.82
CA THR A 612 -4.96 15.03 13.51
C THR A 612 -5.23 16.45 13.01
N LYS A 613 -4.16 17.20 12.78
CA LYS A 613 -4.30 18.59 12.35
C LYS A 613 -4.69 18.68 10.88
N ASP A 614 -4.24 17.72 10.07
CA ASP A 614 -4.63 17.69 8.65
C ASP A 614 -6.11 17.38 8.51
N GLU A 615 -6.64 16.49 9.36
CA GLU A 615 -8.07 16.23 9.38
C GLU A 615 -8.85 17.46 9.82
N GLU A 616 -8.30 18.23 10.75
CA GLU A 616 -8.93 19.48 11.20
C GLU A 616 -8.99 20.51 10.08
N GLU A 617 -7.89 20.64 9.32
CA GLU A 617 -7.86 21.57 8.21
C GLU A 617 -8.79 21.13 7.08
N GLY A 618 -8.88 19.81 6.84
CA GLY A 618 -9.81 19.31 5.83
C GLY A 618 -11.26 19.50 6.21
N LEU A 619 -11.59 19.29 7.50
CA LEU A 619 -12.95 19.53 7.96
C LEU A 619 -13.30 21.02 7.95
N ALA A 620 -12.31 21.88 8.24
CA ALA A 620 -12.54 23.32 8.16
C ALA A 620 -12.79 23.77 6.72
N TYR A 621 -12.02 23.21 5.76
CA TYR A 621 -12.23 23.55 4.35
C TYR A 621 -13.58 23.03 3.84
N ILE A 622 -13.97 21.82 4.28
CA ILE A 622 -15.26 21.26 3.89
C ILE A 622 -16.41 22.08 4.47
N SER A 623 -16.27 22.51 5.73
CA SER A 623 -17.31 23.32 6.36
C SER A 623 -17.39 24.72 5.74
N LYS A 624 -16.26 25.24 5.26
CA LYS A 624 -16.29 26.55 4.61
C LYS A 624 -16.89 26.47 3.21
N VAL A 625 -16.57 25.41 2.45
CA VAL A 625 -17.02 25.33 1.07
C VAL A 625 -18.45 24.83 0.99
N PHE A 626 -18.73 23.66 1.56
CA PHE A 626 -20.05 23.05 1.40
C PHE A 626 -21.07 23.55 2.42
N GLY A 627 -20.63 24.27 3.44
CA GLY A 627 -21.55 24.82 4.42
C GLY A 627 -22.18 23.81 5.34
N ILE A 628 -21.40 22.88 5.88
CA ILE A 628 -21.90 21.86 6.79
C ILE A 628 -21.34 22.15 8.19
N LYS A 629 -22.16 21.88 9.21
CA LYS A 629 -21.75 22.05 10.60
C LYS A 629 -21.29 20.70 11.14
N ILE A 630 -20.03 20.62 11.57
CA ILE A 630 -19.40 19.36 11.95
C ILE A 630 -19.11 19.39 13.45
N THR A 631 -19.46 18.30 14.13
CA THR A 631 -19.12 18.13 15.54
C THR A 631 -18.29 16.86 15.67
N THR A 632 -17.05 17.01 16.17
CA THR A 632 -16.11 15.90 16.26
C THR A 632 -15.83 15.55 17.71
N PHE A 633 -15.74 14.24 17.98
CA PHE A 633 -15.37 13.71 19.28
C PHE A 633 -14.11 12.87 19.12
N ASN A 634 -13.43 12.62 20.24
CA ASN A 634 -12.26 11.75 20.25
C ASN A 634 -12.47 10.64 21.27
N ILE A 635 -12.40 9.39 20.78
CA ILE A 635 -12.64 8.20 21.59
C ILE A 635 -11.30 7.51 21.83
N VAL A 636 -11.00 7.24 23.10
CA VAL A 636 -9.75 6.60 23.50
C VAL A 636 -10.08 5.35 24.31
N LYS A 637 -9.50 4.22 23.91
CA LYS A 637 -9.73 2.95 24.57
C LYS A 637 -8.60 2.52 25.51
N ARG A 638 -7.35 2.72 25.11
CA ARG A 638 -6.19 2.23 25.86
C ARG A 638 -5.51 3.40 26.56
N HIS A 639 -5.68 3.47 27.87
CA HIS A 639 -5.00 4.48 28.68
C HIS A 639 -4.59 3.83 30.00
N LEU A 640 -4.17 4.64 30.96
CA LEU A 640 -3.66 4.14 32.23
C LEU A 640 -4.61 4.37 33.41
N LEU A 641 -5.64 5.21 33.25
CA LEU A 641 -6.55 5.46 34.35
C LEU A 641 -7.53 4.30 34.50
N ARG A 642 -7.72 3.88 35.75
CA ARG A 642 -8.63 2.78 36.09
C ARG A 642 -9.58 3.23 37.18
N ILE A 643 -10.87 2.91 37.01
CA ILE A 643 -11.90 3.16 38.00
C ILE A 643 -12.26 1.84 38.65
N PHE A 644 -12.14 1.77 39.97
CA PHE A 644 -12.35 0.51 40.70
C PHE A 644 -13.82 0.35 41.08
N ALA A 645 -14.63 0.14 40.05
CA ALA A 645 -16.06 -0.10 40.21
C ALA A 645 -16.56 -0.89 39.00
N ASN A 646 -17.62 -1.67 39.21
CA ASN A 646 -18.23 -2.46 38.15
C ASN A 646 -19.70 -2.06 38.06
N ARG A 647 -19.96 -0.97 37.35
CA ARG A 647 -21.29 -0.39 37.19
C ARG A 647 -21.23 0.62 36.05
N LYS A 648 -22.35 0.79 35.36
CA LYS A 648 -22.46 1.80 34.30
C LYS A 648 -22.40 3.19 34.92
N LEU A 649 -21.37 3.96 34.60
CA LEU A 649 -21.18 5.28 35.19
C LEU A 649 -20.34 6.15 34.27
N TYR A 650 -20.16 7.40 34.66
CA TYR A 650 -19.23 8.29 33.97
C TYR A 650 -18.61 9.24 34.99
N LEU A 651 -17.41 9.70 34.66
CA LEU A 651 -16.61 10.53 35.56
C LEU A 651 -15.96 11.65 34.76
N ARG A 652 -16.16 12.88 35.20
CA ARG A 652 -15.56 14.05 34.57
C ARG A 652 -14.18 14.29 35.20
N LEU A 653 -13.12 14.01 34.46
CA LEU A 653 -11.77 14.21 34.97
C LEU A 653 -10.97 15.02 33.96
N ALA A 654 -10.35 16.10 34.44
CA ALA A 654 -9.61 17.10 33.65
C ALA A 654 -10.57 17.67 32.60
N ASN A 655 -10.27 17.53 31.31
CA ASN A 655 -11.19 17.93 30.25
C ASN A 655 -11.74 16.72 29.50
N SER A 656 -11.77 15.57 30.15
CA SER A 656 -12.20 14.32 29.52
C SER A 656 -13.29 13.66 30.36
N VAL A 657 -14.01 12.74 29.72
CA VAL A 657 -15.06 11.97 30.37
C VAL A 657 -14.70 10.50 30.28
N TYR A 658 -14.51 9.86 31.44
CA TYR A 658 -14.21 8.44 31.52
C TYR A 658 -15.49 7.71 31.88
N LEU A 659 -16.03 6.93 30.95
CA LEU A 659 -17.29 6.24 31.17
C LEU A 659 -17.07 4.73 31.19
N LEU A 660 -17.82 4.06 32.06
CA LEU A 660 -17.97 2.62 32.06
C LEU A 660 -19.36 2.30 31.52
N PRO A 661 -19.49 1.91 30.26
CA PRO A 661 -20.81 1.66 29.66
C PRO A 661 -21.31 0.24 29.76
N HIS A 662 -20.63 -0.63 30.51
CA HIS A 662 -21.02 -2.03 30.59
C HIS A 662 -20.49 -2.61 31.89
N ARG A 663 -20.97 -3.79 32.24
CA ARG A 663 -20.50 -4.53 33.38
C ARG A 663 -19.77 -5.78 32.92
N ILE A 664 -18.68 -6.12 33.63
CA ILE A 664 -17.91 -7.31 33.30
C ILE A 664 -18.58 -8.52 33.93
N LYS A 665 -18.94 -9.50 33.11
CA LYS A 665 -19.60 -10.70 33.59
C LYS A 665 -18.64 -11.72 34.20
N GLN A 666 -17.33 -11.51 34.06
CA GLN A 666 -16.34 -12.42 34.61
C GLN A 666 -16.05 -12.09 36.07
N SER A 667 -15.46 -13.06 36.77
CA SER A 667 -15.10 -12.90 38.17
C SER A 667 -13.66 -12.43 38.35
N VAL A 668 -12.93 -12.20 37.26
CA VAL A 668 -11.56 -11.73 37.32
C VAL A 668 -11.40 -10.58 36.34
N GLY A 669 -10.59 -9.59 36.72
CA GLY A 669 -10.29 -8.46 35.87
C GLY A 669 -10.94 -7.17 36.33
N THR A 670 -10.35 -6.07 35.88
CA THR A 670 -10.83 -4.73 36.15
C THR A 670 -11.25 -4.08 34.83
N PRO A 671 -12.45 -3.50 34.73
CA PRO A 671 -12.90 -2.92 33.46
C PRO A 671 -12.10 -1.67 33.09
N VAL A 672 -11.86 -1.52 31.80
CA VAL A 672 -11.10 -0.40 31.25
C VAL A 672 -12.10 0.66 30.82
N PRO A 673 -12.08 1.86 31.40
CA PRO A 673 -13.04 2.90 31.00
C PRO A 673 -12.69 3.49 29.64
N LEU A 674 -13.71 4.05 29.00
CA LEU A 674 -13.59 4.69 27.70
C LEU A 674 -13.47 6.20 27.90
N LYS A 675 -12.62 6.85 27.10
CA LYS A 675 -12.33 8.27 27.25
C LYS A 675 -12.94 9.06 26.09
N LEU A 676 -13.77 10.03 26.43
CA LEU A 676 -14.26 11.04 25.50
C LEU A 676 -13.45 12.31 25.71
N SER A 677 -12.87 12.83 24.63
CA SER A 677 -12.03 14.01 24.74
C SER A 677 -12.10 14.84 23.47
N GLU A 678 -11.91 16.16 23.66
CA GLU A 678 -11.72 17.17 22.61
C GLU A 678 -12.89 17.23 21.64
N LYS A 679 -14.03 17.66 22.20
CA LYS A 679 -15.21 17.95 21.39
C LYS A 679 -14.97 19.24 20.62
N ARG A 680 -14.95 19.17 19.29
CA ARG A 680 -14.72 20.32 18.44
C ARG A 680 -15.96 20.62 17.61
N LEU A 681 -16.25 21.92 17.45
CA LEU A 681 -17.34 22.38 16.60
C LEU A 681 -16.76 23.19 15.46
N ILE A 682 -17.01 22.76 14.23
CA ILE A 682 -16.53 23.43 13.03
C ILE A 682 -17.74 23.95 12.28
N LEU A 683 -17.80 25.27 12.11
CA LEU A 683 -18.90 25.94 11.45
C LEU A 683 -18.35 27.14 10.69
N ASP A 684 -18.59 27.15 9.37
CA ASP A 684 -18.16 28.20 8.44
C ASP A 684 -16.63 28.39 8.42
N GLY A 685 -15.87 27.32 8.63
CA GLY A 685 -14.43 27.38 8.53
C GLY A 685 -13.68 27.70 9.80
N THR A 686 -14.37 27.81 10.93
CA THR A 686 -13.74 28.12 12.21
C THR A 686 -13.97 26.97 13.18
N ILE A 687 -12.92 26.56 13.89
CA ILE A 687 -12.97 25.44 14.83
C ILE A 687 -12.93 25.99 16.24
N THR A 688 -13.97 25.69 17.02
CA THR A 688 -14.06 26.09 18.41
C THR A 688 -14.10 24.85 19.30
N SER A 689 -13.65 25.02 20.54
CA SER A 689 -13.69 23.95 21.53
C SER A 689 -14.94 24.07 22.38
N GLN A 690 -15.60 22.95 22.61
CA GLN A 690 -16.85 22.89 23.36
C GLN A 690 -16.68 22.05 24.61
N GLU A 691 -17.73 21.98 25.41
CA GLU A 691 -17.76 21.19 26.64
C GLU A 691 -18.69 20.00 26.44
N ILE A 692 -18.28 18.85 26.96
CA ILE A 692 -19.07 17.62 26.81
C ILE A 692 -20.22 17.69 27.82
N THR A 693 -21.44 17.82 27.31
CA THR A 693 -22.62 17.91 28.15
C THR A 693 -23.15 16.52 28.48
N TYR A 694 -24.27 16.47 29.20
CA TYR A 694 -24.88 15.19 29.57
C TYR A 694 -25.54 14.54 28.36
N ASN A 695 -26.01 15.34 27.40
CA ASN A 695 -26.72 14.79 26.24
C ASN A 695 -25.78 14.03 25.32
N ASP A 696 -24.53 14.47 25.20
CA ASP A 696 -23.56 13.76 24.37
C ASP A 696 -23.19 12.41 24.98
N ILE A 697 -23.01 12.37 26.30
CA ILE A 697 -22.71 11.11 26.99
C ILE A 697 -23.90 10.17 26.91
N PHE A 698 -25.12 10.72 27.02
CA PHE A 698 -26.32 9.89 26.94
C PHE A 698 -26.52 9.34 25.54
N GLU A 699 -26.22 10.13 24.50
CA GLU A 699 -26.36 9.67 23.13
C GLU A 699 -25.28 8.64 22.77
N ILE A 700 -24.07 8.80 23.32
CA ILE A 700 -23.01 7.82 23.09
C ILE A 700 -23.34 6.50 23.81
N LEU A 701 -23.92 6.60 25.02
CA LEU A 701 -24.38 5.42 25.73
C LEU A 701 -25.53 4.72 25.01
N LEU A 702 -26.40 5.50 24.36
CA LEU A 702 -27.48 4.92 23.57
C LEU A 702 -26.94 4.25 22.31
N LEU A 703 -25.93 4.86 21.69
CA LEU A 703 -25.30 4.28 20.51
C LEU A 703 -24.43 3.07 20.83
N SER A 704 -24.06 2.88 22.10
CA SER A 704 -23.27 1.72 22.50
C SER A 704 -24.10 0.46 22.67
N GLU A 705 -25.42 0.52 22.47
CA GLU A 705 -26.29 -0.64 22.62
C GLU A 705 -26.81 -1.18 21.29
N LEU A 706 -26.46 -0.57 20.17
CA LEU A 706 -26.92 -1.02 18.86
C LEU A 706 -25.98 -2.09 18.32
N ASN A 707 -26.16 -3.29 18.85
CA ASN A 707 -25.34 -4.44 18.49
C ASN A 707 -26.13 -5.37 17.58
N TYR A 708 -25.58 -5.66 16.40
CA TYR A 708 -26.19 -6.59 15.46
C TYR A 708 -25.39 -7.89 15.32
N GLY A 709 -24.38 -8.09 16.15
CA GLY A 709 -23.58 -9.30 16.08
C GLY A 709 -23.99 -10.35 17.08
N SER A 710 -24.54 -9.92 18.22
CA SER A 710 -24.93 -10.84 19.28
C SER A 710 -26.04 -10.21 20.12
N ILE A 711 -26.71 -11.05 20.89
CA ILE A 711 -27.78 -10.60 21.77
C ILE A 711 -27.41 -10.67 23.25
N SER A 712 -26.34 -11.36 23.62
CA SER A 712 -25.99 -11.55 25.01
C SER A 712 -24.74 -10.79 25.45
N ALA A 713 -24.06 -10.11 24.54
CA ALA A 713 -22.81 -9.42 24.84
C ALA A 713 -22.97 -7.92 24.64
N ASP A 714 -22.43 -7.14 25.58
CA ASP A 714 -22.47 -5.69 25.52
C ASP A 714 -21.09 -5.18 25.12
N MET A 715 -21.05 -4.37 24.07
CA MET A 715 -19.79 -3.82 23.59
C MET A 715 -19.46 -2.51 24.30
N LYS A 716 -18.18 -2.14 24.23
CA LYS A 716 -17.69 -0.93 24.85
C LYS A 716 -17.78 0.27 23.91
N LEU A 717 -17.33 0.11 22.67
CA LEU A 717 -17.32 1.17 21.67
C LEU A 717 -18.73 1.48 21.19
N PRO A 718 -18.97 2.69 20.69
CA PRO A 718 -20.24 2.96 19.99
C PRO A 718 -20.34 2.18 18.70
N ALA A 719 -21.59 2.02 18.23
CA ALA A 719 -21.87 1.19 17.07
C ALA A 719 -21.26 1.67 15.74
N PRO A 720 -21.24 2.97 15.36
CA PRO A 720 -20.53 3.33 14.12
C PRO A 720 -19.02 3.09 14.18
N VAL A 721 -18.39 3.29 15.33
CA VAL A 721 -16.96 3.02 15.46
C VAL A 721 -16.69 1.52 15.40
N HIS A 722 -17.55 0.72 16.02
CA HIS A 722 -17.43 -0.73 16.00
C HIS A 722 -17.60 -1.29 14.59
N TYR A 723 -18.59 -0.76 13.85
CA TYR A 723 -18.81 -1.26 12.50
C TYR A 723 -17.76 -0.73 11.53
N ALA A 724 -17.18 0.44 11.82
CA ALA A 724 -16.04 0.91 11.03
C ALA A 724 -14.81 0.02 11.26
N HIS A 725 -14.62 -0.43 12.50
CA HIS A 725 -13.52 -1.35 12.79
C HIS A 725 -13.71 -2.70 12.09
N LYS A 726 -14.94 -3.22 12.11
CA LYS A 726 -15.22 -4.45 11.38
C LYS A 726 -15.13 -4.26 9.87
N PHE A 727 -15.43 -3.06 9.38
CA PHE A 727 -15.35 -2.81 7.94
C PHE A 727 -13.90 -2.70 7.47
N VAL A 728 -13.02 -2.09 8.28
CA VAL A 728 -11.62 -2.07 7.87
C VAL A 728 -10.97 -3.44 8.07
N ARG A 729 -11.50 -4.23 9.02
CA ARG A 729 -11.04 -5.62 9.13
C ARG A 729 -11.44 -6.43 7.90
N ALA A 730 -12.63 -6.16 7.35
CA ALA A 730 -13.06 -6.84 6.13
C ALA A 730 -12.28 -6.36 4.91
N LEU A 731 -12.03 -5.06 4.81
CA LEU A 731 -11.34 -4.51 3.63
C LEU A 731 -9.84 -4.77 3.67
N ARG A 732 -9.29 -5.07 4.85
CA ARG A 732 -7.88 -5.43 4.94
C ARG A 732 -7.62 -6.79 4.31
N LYS A 733 -8.55 -7.73 4.49
CA LYS A 733 -8.42 -9.09 3.99
C LYS A 733 -8.94 -9.24 2.57
N GLY A 734 -9.42 -8.17 1.94
CA GLY A 734 -9.90 -8.24 0.58
C GLY A 734 -11.33 -8.71 0.42
N TRP A 735 -12.19 -8.50 1.38
CA TRP A 735 -13.57 -8.96 1.31
C TRP A 735 -14.54 -7.90 0.81
N ARG A 736 -15.22 -8.13 -0.32
CA ARG A 736 -16.12 -7.14 -0.91
C ARG A 736 -17.39 -7.68 -1.60
N ILE A 737 -18.48 -6.92 -1.55
CA ILE A 737 -19.73 -7.34 -2.17
C ILE A 737 -20.19 -6.24 -3.11
N ARG A 738 -21.25 -6.49 -3.89
CA ARG A 738 -21.71 -5.51 -4.87
C ARG A 738 -22.15 -4.21 -4.23
N GLU A 739 -22.19 -3.15 -5.01
CA GLU A 739 -22.51 -1.83 -4.46
C GLU A 739 -23.94 -1.64 -3.98
N GLU A 740 -24.94 -1.97 -4.77
CA GLU A 740 -26.32 -1.71 -4.35
C GLU A 740 -26.73 -2.64 -3.21
N LEU A 741 -26.04 -3.77 -3.03
CA LEU A 741 -26.24 -4.54 -1.81
C LEU A 741 -25.63 -3.84 -0.60
N LEU A 742 -24.55 -3.09 -0.80
CA LEU A 742 -23.97 -2.30 0.29
C LEU A 742 -24.83 -1.09 0.61
N ALA A 743 -25.60 -0.60 -0.36
CA ALA A 743 -26.49 0.54 -0.15
C ALA A 743 -27.79 0.15 0.54
N GLU A 744 -28.16 -1.13 0.53
CA GLU A 744 -29.38 -1.61 1.14
C GLU A 744 -29.14 -2.27 2.49
N GLY A 745 -28.05 -1.92 3.17
CA GLY A 745 -27.69 -2.57 4.41
C GLY A 745 -26.66 -3.67 4.17
N PHE A 746 -27.05 -4.91 4.50
CA PHE A 746 -26.26 -6.14 4.25
C PHE A 746 -24.90 -6.07 4.94
N LEU A 747 -24.92 -6.08 6.28
CA LEU A 747 -23.71 -6.01 7.09
C LEU A 747 -22.98 -7.35 7.00
N TYR A 748 -22.19 -7.49 5.95
CA TYR A 748 -21.51 -8.75 5.65
C TYR A 748 -20.24 -8.96 6.46
N PHE A 749 -19.79 -7.93 7.19
CA PHE A 749 -18.54 -8.01 7.95
C PHE A 749 -18.75 -8.35 9.42
N VAL A 750 -20.00 -8.47 9.87
CA VAL A 750 -20.26 -8.80 11.26
C VAL A 750 -20.15 -10.30 11.48
N MET D 1 19.48 -10.51 -46.48
CA MET D 1 19.05 -10.93 -45.15
C MET D 1 20.26 -11.13 -44.23
N LEU D 2 21.34 -10.39 -44.51
CA LEU D 2 22.56 -10.50 -43.73
C LEU D 2 23.28 -9.16 -43.84
N MET D 3 23.19 -8.35 -42.79
CA MET D 3 23.71 -6.99 -42.81
C MET D 3 24.72 -6.77 -41.68
N LYS D 4 25.79 -6.05 -42.01
CA LYS D 4 26.82 -5.71 -41.04
C LYS D 4 26.43 -4.41 -40.33
N VAL D 5 26.35 -4.45 -39.00
CA VAL D 5 25.96 -3.31 -38.20
C VAL D 5 27.10 -2.94 -37.26
N LEU D 6 27.15 -1.67 -36.89
CA LEU D 6 28.18 -1.18 -35.97
C LEU D 6 27.58 -0.98 -34.58
N THR D 7 28.34 -1.36 -33.56
CA THR D 7 27.92 -1.24 -32.17
C THR D 7 28.88 -0.32 -31.43
N ASN D 8 28.56 -0.10 -30.14
CA ASN D 8 29.33 0.80 -29.30
C ASN D 8 30.21 0.05 -28.29
N MET D 9 30.78 -1.08 -28.69
CA MET D 9 31.65 -1.86 -27.82
C MET D 9 32.98 -2.11 -28.50
N VAL D 10 34.02 -2.26 -27.67
CA VAL D 10 35.38 -2.50 -28.15
C VAL D 10 35.95 -3.72 -27.44
N LYS D 11 36.84 -4.43 -28.14
CA LYS D 11 37.47 -5.60 -27.54
C LYS D 11 38.55 -5.18 -26.56
N LEU D 12 38.60 -5.86 -25.42
CA LEU D 12 39.61 -5.62 -24.41
C LEU D 12 40.80 -6.55 -24.61
N ASN D 13 41.91 -6.19 -23.97
CA ASN D 13 43.08 -7.06 -23.98
C ASN D 13 42.83 -8.26 -23.07
N GLN D 14 43.29 -9.43 -23.52
CA GLN D 14 43.07 -10.66 -22.77
C GLN D 14 44.09 -10.87 -21.66
N ASP D 15 45.05 -9.97 -21.49
CA ASP D 15 46.06 -10.07 -20.45
C ASP D 15 45.58 -9.47 -19.12
N ILE D 16 44.38 -8.91 -19.10
CA ILE D 16 43.78 -8.42 -17.86
C ILE D 16 42.83 -9.43 -17.22
N ILE D 17 42.48 -10.50 -17.93
CA ILE D 17 41.61 -11.55 -17.37
C ILE D 17 42.38 -12.30 -16.29
N PRO D 18 41.85 -12.42 -15.07
CA PRO D 18 42.62 -13.04 -13.99
C PRO D 18 42.72 -14.55 -14.14
N ASN D 19 43.79 -15.11 -13.57
CA ASN D 19 44.07 -16.54 -13.69
C ASN D 19 43.32 -17.36 -12.65
N GLU D 20 43.54 -17.09 -11.36
CA GLU D 20 42.85 -17.81 -10.30
C GLU D 20 42.27 -16.84 -9.29
N ILE D 21 41.16 -17.24 -8.66
CA ILE D 21 40.47 -16.42 -7.68
C ILE D 21 40.18 -17.25 -6.43
N TYR D 22 39.95 -16.53 -5.33
CA TYR D 22 39.63 -17.11 -4.03
C TYR D 22 38.24 -16.69 -3.61
N LEU D 23 37.57 -17.55 -2.84
CA LEU D 23 36.27 -17.25 -2.26
C LEU D 23 36.40 -17.11 -0.75
N TYR D 24 35.72 -16.10 -0.20
CA TYR D 24 35.77 -15.82 1.23
C TYR D 24 34.37 -15.66 1.78
N LYS D 25 34.15 -16.19 2.98
CA LYS D 25 32.88 -16.07 3.68
C LYS D 25 33.05 -15.10 4.84
N ILE D 26 32.23 -14.06 4.86
CA ILE D 26 32.33 -12.97 5.83
C ILE D 26 31.31 -13.19 6.93
N PHE D 27 31.76 -13.13 8.18
CA PHE D 27 30.92 -13.36 9.36
C PHE D 27 30.62 -12.02 10.02
N ASN D 28 29.49 -11.42 9.68
CA ASN D 28 29.03 -10.18 10.30
C ASN D 28 27.52 -10.09 10.14
N LYS D 29 26.89 -9.25 10.98
CA LYS D 29 25.44 -9.14 10.88
C LYS D 29 25.07 -7.99 9.93
N PRO D 30 23.98 -8.11 9.18
CA PRO D 30 23.43 -6.95 8.45
C PRO D 30 23.03 -5.79 9.35
N GLU D 31 22.65 -6.07 10.60
CA GLU D 31 22.13 -5.09 11.54
C GLU D 31 23.21 -4.28 12.25
N ASP D 32 24.44 -4.27 11.74
CA ASP D 32 25.54 -3.52 12.34
C ASP D 32 26.04 -2.40 11.43
N GLY D 33 26.11 -2.64 10.14
CA GLY D 33 26.70 -1.74 9.18
C GLY D 33 27.75 -2.48 8.39
N MET D 34 28.48 -1.72 7.57
CA MET D 34 29.56 -2.19 6.70
C MET D 34 29.04 -3.27 5.74
N ASN D 35 28.27 -2.79 4.76
CA ASN D 35 27.58 -3.62 3.77
C ASN D 35 28.56 -4.47 2.96
N ILE D 36 28.13 -5.68 2.59
CA ILE D 36 29.02 -6.68 2.00
C ILE D 36 29.51 -6.26 0.62
N TYR D 37 28.72 -5.46 -0.11
CA TYR D 37 29.16 -4.99 -1.42
C TYR D 37 30.26 -3.94 -1.28
N LYS D 38 30.21 -3.15 -0.21
CA LYS D 38 31.29 -2.21 0.08
C LYS D 38 32.57 -2.95 0.47
N ILE D 39 32.43 -4.06 1.22
CA ILE D 39 33.59 -4.87 1.58
C ILE D 39 34.19 -5.51 0.34
N ALA D 40 33.35 -5.92 -0.61
CA ALA D 40 33.85 -6.48 -1.86
C ALA D 40 34.52 -5.41 -2.73
N TYR D 41 34.00 -4.18 -2.69
CA TYR D 41 34.56 -3.14 -3.56
C TYR D 41 35.88 -2.61 -3.02
N ARG D 42 36.00 -2.46 -1.70
CA ARG D 42 37.28 -2.02 -1.13
C ARG D 42 38.35 -3.09 -1.20
N ASN D 43 37.96 -4.37 -1.26
CA ASN D 43 38.92 -5.46 -1.37
C ASN D 43 39.09 -5.96 -2.80
N HIS D 44 38.71 -5.14 -3.79
CA HIS D 44 38.92 -5.38 -5.22
C HIS D 44 38.23 -6.66 -5.71
N GLY D 45 37.06 -6.96 -5.18
CA GLY D 45 36.34 -8.16 -5.57
C GLY D 45 34.86 -7.95 -5.81
N ILE D 46 34.11 -9.05 -5.96
CA ILE D 46 32.67 -8.99 -6.19
C ILE D 46 31.98 -9.92 -5.21
N VAL D 47 30.65 -9.88 -5.22
CA VAL D 47 29.82 -10.71 -4.35
C VAL D 47 29.17 -11.80 -5.18
N ILE D 48 29.41 -13.05 -4.80
CA ILE D 48 28.80 -14.20 -5.48
C ILE D 48 27.47 -14.53 -4.83
N ASP D 49 27.51 -14.87 -3.54
CA ASP D 49 26.33 -15.31 -2.80
C ASP D 49 26.00 -14.28 -1.72
N PRO D 50 24.99 -13.43 -1.93
CA PRO D 50 24.56 -12.52 -0.85
C PRO D 50 23.84 -13.25 0.28
N GLN D 51 23.33 -14.45 0.04
CA GLN D 51 22.65 -15.21 1.08
C GLN D 51 23.65 -15.73 2.13
N ASN D 52 24.78 -16.27 1.68
CA ASN D 52 25.78 -16.83 2.57
C ASN D 52 26.97 -15.90 2.79
N ARG D 53 26.90 -14.66 2.29
CA ARG D 53 27.95 -13.64 2.39
C ARG D 53 29.28 -14.13 1.82
N ILE D 54 29.24 -14.58 0.57
CA ILE D 54 30.40 -15.14 -0.11
C ILE D 54 30.88 -14.14 -1.16
N ILE D 55 32.16 -13.77 -1.07
CA ILE D 55 32.76 -12.84 -2.01
C ILE D 55 33.87 -13.54 -2.77
N ALA D 56 34.12 -13.07 -3.98
CA ALA D 56 35.18 -13.57 -4.85
C ALA D 56 36.21 -12.48 -5.06
N THR D 57 37.49 -12.84 -4.90
CA THR D 57 38.57 -11.86 -4.97
C THR D 57 39.74 -12.46 -5.75
N PRO D 58 40.32 -11.73 -6.70
CA PRO D 58 41.52 -12.22 -7.40
C PRO D 58 42.80 -12.12 -6.58
N SER D 59 42.80 -11.41 -5.46
CA SER D 59 43.98 -11.29 -4.62
C SER D 59 43.69 -11.78 -3.21
N GLU D 60 44.70 -11.73 -2.33
CA GLU D 60 44.51 -12.16 -0.96
C GLU D 60 43.73 -11.11 -0.17
N LEU D 61 42.90 -11.58 0.76
CA LEU D 61 42.03 -10.69 1.51
C LEU D 61 42.83 -9.88 2.54
N GLU D 62 42.39 -8.64 2.74
CA GLU D 62 42.98 -7.75 3.74
C GLU D 62 41.87 -7.18 4.63
N TYR D 63 40.97 -8.05 5.07
CA TYR D 63 39.84 -7.65 5.89
C TYR D 63 40.24 -7.66 7.36
N SER D 64 39.69 -6.69 8.11
CA SER D 64 40.01 -6.55 9.52
C SER D 64 39.16 -7.46 10.41
N GLY D 65 37.95 -7.81 9.97
CA GLY D 65 37.06 -8.63 10.75
C GLY D 65 37.33 -10.12 10.56
N LYS D 66 36.34 -10.91 10.96
CA LYS D 66 36.43 -12.37 10.87
C LYS D 66 36.02 -12.84 9.48
N PHE D 67 36.79 -13.75 8.92
CA PHE D 67 36.48 -14.34 7.62
C PHE D 67 37.00 -15.77 7.59
N ALA D 68 36.61 -16.50 6.55
CA ALA D 68 37.02 -17.88 6.36
C ALA D 68 37.28 -18.14 4.88
N ILE D 69 38.33 -18.90 4.60
CA ILE D 69 38.67 -19.25 3.22
C ILE D 69 37.72 -20.34 2.76
N GLU D 70 36.97 -20.06 1.70
CA GLU D 70 36.02 -21.05 1.19
C GLU D 70 36.66 -21.99 0.17
N ASP D 71 37.14 -21.45 -0.95
CA ASP D 71 37.66 -22.30 -2.02
C ASP D 71 38.63 -21.51 -2.89
N GLU D 72 39.43 -22.26 -3.63
CA GLU D 72 40.37 -21.75 -4.63
C GLU D 72 39.88 -22.27 -5.98
N ILE D 73 39.42 -21.36 -6.85
CA ILE D 73 38.87 -21.75 -8.14
C ILE D 73 39.51 -20.90 -9.24
N SER D 74 39.15 -21.21 -10.47
CA SER D 74 39.60 -20.47 -11.65
C SER D 74 38.54 -19.48 -12.09
N PHE D 75 38.91 -18.66 -13.07
CA PHE D 75 38.00 -17.65 -13.59
C PHE D 75 36.92 -18.24 -14.49
N ASN D 76 37.18 -19.40 -15.10
CA ASN D 76 36.26 -20.02 -16.03
C ASN D 76 35.19 -20.86 -15.36
N GLU D 77 35.27 -21.06 -14.05
CA GLU D 77 34.30 -21.85 -13.31
C GLU D 77 33.14 -21.01 -12.78
N LEU D 78 33.12 -19.72 -13.09
CA LEU D 78 32.08 -18.80 -12.67
C LEU D 78 31.01 -18.66 -13.73
N PRO D 79 29.80 -18.25 -13.35
CA PRO D 79 28.81 -17.83 -14.35
C PRO D 79 29.26 -16.57 -15.07
N GLU D 80 28.66 -16.34 -16.25
CA GLU D 80 29.11 -15.26 -17.15
C GLU D 80 28.84 -13.88 -16.57
N ASN D 81 27.78 -13.74 -15.77
CA ASN D 81 27.46 -12.46 -15.13
C ASN D 81 28.52 -12.07 -14.11
N TYR D 82 28.98 -13.05 -13.32
CA TYR D 82 30.02 -12.77 -12.33
C TYR D 82 31.37 -12.52 -12.99
N GLN D 83 31.62 -13.17 -14.13
CA GLN D 83 32.83 -12.88 -14.90
C GLN D 83 32.81 -11.47 -15.45
N ASN D 84 31.65 -11.02 -15.94
CA ASN D 84 31.53 -9.65 -16.44
C ASN D 84 31.70 -8.64 -15.33
N ARG D 85 31.15 -8.92 -14.13
CA ARG D 85 31.32 -8.03 -12.99
C ARG D 85 32.76 -7.98 -12.52
N LEU D 86 33.47 -9.13 -12.55
CA LEU D 86 34.87 -9.16 -12.16
C LEU D 86 35.75 -8.40 -13.15
N VAL D 87 35.48 -8.55 -14.46
CA VAL D 87 36.23 -7.83 -15.48
C VAL D 87 35.97 -6.32 -15.38
N LEU D 88 34.72 -5.94 -15.08
CA LEU D 88 34.41 -4.52 -14.88
C LEU D 88 35.09 -3.96 -13.63
N ARG D 89 35.17 -4.76 -12.57
CA ARG D 89 35.86 -4.31 -11.35
C ARG D 89 37.36 -4.15 -11.58
N ILE D 90 37.96 -5.06 -12.34
CA ILE D 90 39.39 -4.95 -12.64
C ILE D 90 39.65 -3.75 -13.57
N LEU D 91 38.72 -3.48 -14.50
CA LEU D 91 38.86 -2.30 -15.35
C LEU D 91 38.73 -1.00 -14.58
N ARG D 92 37.86 -0.97 -13.56
CA ARG D 92 37.81 0.21 -12.70
C ARG D 92 39.03 0.30 -11.80
N ASP D 93 39.68 -0.84 -11.52
CA ASP D 93 40.94 -0.80 -10.76
C ASP D 93 42.07 -0.25 -11.61
N ASN D 94 42.08 -0.55 -12.91
CA ASN D 94 43.16 -0.15 -13.81
C ASN D 94 42.95 1.21 -14.45
N GLY D 95 42.16 2.08 -13.82
CA GLY D 95 42.01 3.45 -14.28
C GLY D 95 40.92 3.70 -15.30
N ILE D 96 40.28 2.65 -15.81
CA ILE D 96 39.17 2.82 -16.76
C ILE D 96 37.90 2.94 -15.93
N SER D 97 37.56 4.17 -15.56
CA SER D 97 36.36 4.48 -14.82
C SER D 97 35.48 5.41 -15.63
N ASP D 98 34.27 5.65 -15.15
CA ASP D 98 33.31 6.45 -15.90
C ASP D 98 33.69 7.93 -15.88
N HIS D 99 34.14 8.43 -14.72
CA HIS D 99 34.39 9.86 -14.60
C HIS D 99 35.72 10.24 -15.25
N ALA D 100 36.68 9.31 -15.28
CA ALA D 100 37.92 9.56 -16.01
C ALA D 100 37.68 9.56 -17.53
N LEU D 101 36.79 8.68 -18.00
CA LEU D 101 36.42 8.72 -19.41
C LEU D 101 35.60 9.96 -19.73
N SER D 102 34.85 10.47 -18.74
CA SER D 102 34.18 11.76 -18.91
C SER D 102 35.18 12.90 -19.01
N ARG D 103 36.26 12.83 -18.21
CA ARG D 103 37.35 13.81 -18.32
C ARG D 103 38.00 13.77 -19.69
N THR D 104 38.18 12.56 -20.23
CA THR D 104 38.76 12.41 -21.56
C THR D 104 37.79 12.91 -22.63
N LEU D 105 36.49 12.72 -22.43
CA LEU D 105 35.51 13.08 -23.43
C LEU D 105 35.27 14.59 -23.49
N GLN D 106 35.39 15.28 -22.34
CA GLN D 106 35.17 16.73 -22.31
C GLN D 106 36.22 17.54 -23.06
N LYS D 107 37.35 16.95 -23.46
CA LYS D 107 38.31 17.63 -24.32
C LYS D 107 37.81 17.80 -25.75
N TYR D 108 36.91 16.93 -26.22
CA TYR D 108 36.35 17.03 -27.55
C TYR D 108 34.92 17.59 -27.58
N ARG D 109 34.23 17.62 -26.44
CA ARG D 109 32.88 18.17 -26.35
C ARG D 109 32.84 19.05 -25.11
N LYS D 110 32.96 20.36 -25.31
CA LYS D 110 33.02 21.30 -24.21
C LYS D 110 31.65 21.44 -23.55
N PRO D 111 31.60 21.82 -22.27
CA PRO D 111 30.31 22.11 -21.63
C PRO D 111 29.60 23.28 -22.28
N LYS D 112 28.27 23.16 -22.41
CA LYS D 112 27.50 24.15 -23.14
C LYS D 112 26.41 24.74 -22.25
N PRO D 113 26.27 26.07 -22.21
CA PRO D 113 25.21 26.68 -21.39
C PRO D 113 23.91 26.87 -22.16
N PHE D 114 22.81 26.55 -21.49
CA PHE D 114 21.45 26.78 -22.00
C PHE D 114 20.70 27.56 -20.92
N GLY D 115 20.57 28.87 -21.14
CA GLY D 115 19.89 29.74 -20.19
C GLY D 115 20.63 29.87 -18.88
N ASP D 116 20.10 29.23 -17.84
CA ASP D 116 20.74 29.17 -16.53
C ASP D 116 21.25 27.78 -16.19
N PHE D 117 21.32 26.88 -17.17
CA PHE D 117 21.78 25.52 -16.94
C PHE D 117 23.02 25.23 -17.77
N GLU D 118 23.74 24.17 -17.40
CA GLU D 118 24.95 23.76 -18.07
C GLU D 118 24.89 22.28 -18.38
N VAL D 119 25.23 21.91 -19.62
CA VAL D 119 25.19 20.53 -20.09
C VAL D 119 26.63 20.03 -20.25
N ILE D 120 26.92 18.87 -19.67
CA ILE D 120 28.26 18.28 -19.64
C ILE D 120 28.15 16.83 -20.11
N PRO D 121 28.99 16.37 -21.03
CA PRO D 121 28.90 14.99 -21.52
C PRO D 121 29.34 13.96 -20.47
N GLU D 122 28.99 12.70 -20.73
CA GLU D 122 29.18 11.64 -19.75
C GLU D 122 29.24 10.30 -20.47
N ILE D 123 30.08 9.40 -19.98
CA ILE D 123 30.26 8.05 -20.51
C ILE D 123 29.88 7.05 -19.43
N ARG D 124 29.01 6.10 -19.77
CA ARG D 124 28.67 4.98 -18.90
C ARG D 124 29.20 3.69 -19.53
N SER D 125 29.83 2.84 -18.73
CA SER D 125 30.52 1.68 -19.25
C SER D 125 29.93 0.39 -18.70
N SER D 126 30.06 -0.68 -19.50
CA SER D 126 29.63 -2.01 -19.09
C SER D 126 30.54 -3.03 -19.76
N VAL D 127 30.40 -4.30 -19.36
CA VAL D 127 31.22 -5.39 -19.88
C VAL D 127 30.30 -6.50 -20.36
N ILE D 128 30.50 -6.94 -21.60
CA ILE D 128 29.69 -7.99 -22.21
C ILE D 128 30.63 -9.04 -22.79
N LYS D 129 30.39 -10.30 -22.44
CA LYS D 129 31.16 -11.41 -22.99
C LYS D 129 30.48 -11.96 -24.24
N HIS D 130 31.24 -12.09 -25.32
CA HIS D 130 30.68 -12.58 -26.58
C HIS D 130 31.79 -13.29 -27.35
N GLY D 131 31.57 -14.57 -27.66
CA GLY D 131 32.53 -15.32 -28.46
C GLY D 131 33.80 -15.69 -27.74
N GLY D 132 33.78 -15.75 -26.41
CA GLY D 132 34.96 -16.04 -25.63
C GLY D 132 35.80 -14.83 -25.28
N ASP D 133 35.47 -13.66 -25.79
CA ASP D 133 36.19 -12.43 -25.50
C ASP D 133 35.28 -11.47 -24.74
N PHE D 134 35.91 -10.50 -24.07
CA PHE D 134 35.19 -9.50 -23.29
C PHE D 134 35.22 -8.17 -24.04
N TYR D 135 34.09 -7.47 -24.02
CA TYR D 135 33.93 -6.21 -24.74
C TYR D 135 33.46 -5.13 -23.77
N LEU D 136 34.12 -3.98 -23.84
CA LEU D 136 33.71 -2.80 -23.08
C LEU D 136 32.69 -2.03 -23.91
N VAL D 137 31.50 -1.85 -23.34
CA VAL D 137 30.40 -1.13 -23.98
C VAL D 137 30.37 0.28 -23.40
N LEU D 138 30.44 1.28 -24.28
CA LEU D 138 30.42 2.67 -23.89
C LEU D 138 29.12 3.32 -24.36
N HIS D 139 28.50 4.10 -23.49
CA HIS D 139 27.22 4.74 -23.75
C HIS D 139 27.34 6.23 -23.47
N LEU D 140 26.87 7.04 -24.42
CA LEU D 140 26.95 8.49 -24.33
C LEU D 140 25.70 9.05 -23.67
N SER D 141 25.89 9.94 -22.70
CA SER D 141 24.79 10.61 -22.03
C SER D 141 25.24 12.03 -21.69
N HIS D 142 24.33 12.79 -21.09
CA HIS D 142 24.62 14.16 -20.68
C HIS D 142 24.07 14.41 -19.29
N GLN D 143 24.71 15.34 -18.59
CA GLN D 143 24.29 15.79 -17.27
C GLN D 143 24.04 17.29 -17.33
N ILE D 144 22.84 17.70 -16.92
CA ILE D 144 22.44 19.10 -16.95
C ILE D 144 22.28 19.58 -15.52
N ARG D 145 23.16 20.50 -15.12
CA ARG D 145 23.17 21.06 -13.77
C ARG D 145 22.87 22.55 -13.82
N SER D 146 22.73 23.14 -12.64
CA SER D 146 22.44 24.56 -12.49
C SER D 146 23.71 25.29 -12.07
N LYS D 147 24.04 26.35 -12.79
CA LYS D 147 25.23 27.15 -12.51
C LYS D 147 24.99 28.28 -11.54
N LYS D 148 23.74 28.49 -11.12
CA LYS D 148 23.39 29.56 -10.20
C LYS D 148 22.49 29.02 -9.10
N THR D 149 22.53 29.68 -7.95
CA THR D 149 21.67 29.30 -6.83
C THR D 149 20.26 29.86 -7.04
N LEU D 150 19.37 29.53 -6.11
CA LEU D 150 17.97 29.93 -6.24
C LEU D 150 17.78 31.42 -5.96
N TRP D 151 18.57 31.97 -5.03
CA TRP D 151 18.44 33.39 -4.71
C TRP D 151 19.00 34.27 -5.81
N GLU D 152 20.06 33.82 -6.48
CA GLU D 152 20.61 34.58 -7.60
C GLU D 152 19.82 34.35 -8.89
N LEU D 153 18.97 33.33 -8.93
CA LEU D 153 18.20 33.05 -10.13
C LEU D 153 17.06 34.05 -10.31
N VAL D 154 16.35 34.37 -9.21
CA VAL D 154 15.19 35.26 -9.27
C VAL D 154 15.55 36.72 -9.16
N GLY D 155 16.85 37.05 -9.03
CA GLY D 155 17.26 38.43 -8.89
C GLY D 155 17.25 38.96 -7.47
N ARG D 156 17.30 38.07 -6.47
CA ARG D 156 17.26 38.40 -5.04
C ARG D 156 16.03 39.24 -4.67
N ASN D 157 14.87 38.80 -5.16
CA ASN D 157 13.60 39.44 -4.88
C ASN D 157 12.64 38.41 -4.31
N LYS D 158 11.86 38.82 -3.30
CA LYS D 158 10.96 37.88 -2.63
C LYS D 158 9.74 37.58 -3.49
N ASP D 159 9.22 38.59 -4.20
CA ASP D 159 8.05 38.39 -5.04
C ASP D 159 8.37 37.54 -6.26
N ALA D 160 9.58 37.71 -6.81
CA ALA D 160 10.02 36.86 -7.93
C ALA D 160 10.22 35.43 -7.47
N LEU D 161 10.72 35.23 -6.24
CA LEU D 161 10.86 33.89 -5.69
C LEU D 161 9.50 33.24 -5.45
N ARG D 162 8.52 34.03 -4.97
CA ARG D 162 7.17 33.51 -4.78
C ARG D 162 6.52 33.14 -6.11
N ASP D 163 6.71 33.97 -7.14
CA ASP D 163 6.16 33.67 -8.46
C ASP D 163 6.85 32.46 -9.09
N PHE D 164 8.15 32.30 -8.86
CA PHE D 164 8.86 31.14 -9.39
C PHE D 164 8.44 29.85 -8.68
N LEU D 165 8.16 29.93 -7.38
CA LEU D 165 7.71 28.74 -6.67
C LEU D 165 6.26 28.41 -7.00
N LYS D 166 5.43 29.42 -7.23
CA LYS D 166 4.01 29.19 -7.52
C LYS D 166 3.80 28.74 -8.97
N GLU D 167 4.64 29.21 -9.89
CA GLU D 167 4.45 28.87 -11.31
C GLU D 167 4.84 27.43 -11.58
N HIS D 168 5.96 26.97 -11.04
CA HIS D 168 6.47 25.63 -11.27
C HIS D 168 6.07 24.65 -10.16
N ARG D 169 4.88 24.84 -9.59
CA ARG D 169 4.41 23.96 -8.53
C ARG D 169 4.03 22.59 -9.09
N GLY D 170 4.56 21.54 -8.46
CA GLY D 170 4.34 20.19 -8.87
C GLY D 170 5.58 19.47 -9.37
N THR D 171 6.52 20.20 -9.97
CA THR D 171 7.77 19.63 -10.46
C THR D 171 8.95 20.52 -10.10
N ILE D 172 8.97 21.02 -8.86
CA ILE D 172 10.06 21.85 -8.36
C ILE D 172 10.80 21.08 -7.29
N LEU D 173 12.13 21.01 -7.43
CA LEU D 173 13.00 20.30 -6.50
C LEU D 173 14.23 21.15 -6.26
N LEU D 174 14.67 21.23 -5.01
CA LEU D 174 15.81 22.06 -4.63
C LEU D 174 16.88 21.20 -3.97
N ARG D 175 18.12 21.32 -4.42
CA ARG D 175 19.23 20.58 -3.87
C ARG D 175 20.12 21.49 -3.05
N ASP D 176 20.39 21.11 -1.80
CA ASP D 176 21.27 21.87 -0.95
C ASP D 176 22.73 21.55 -1.29
N ILE D 177 23.52 22.59 -1.55
CA ILE D 177 24.92 22.45 -1.90
C ILE D 177 25.84 23.02 -0.83
N ALA D 178 25.28 23.47 0.30
CA ALA D 178 26.08 24.00 1.40
C ALA D 178 26.36 22.99 2.49
N SER D 179 25.90 21.75 2.33
CA SER D 179 26.09 20.70 3.32
C SER D 179 26.99 19.60 2.74
N GLU D 180 27.44 18.70 3.62
CA GLU D 180 28.25 17.58 3.19
C GLU D 180 27.40 16.54 2.45
N HIS D 181 26.17 16.31 2.92
CA HIS D 181 25.24 15.40 2.27
C HIS D 181 24.27 16.22 1.43
N LYS D 182 24.38 16.09 0.12
CA LYS D 182 23.53 16.85 -0.80
C LYS D 182 22.19 16.12 -0.94
N VAL D 183 21.17 16.63 -0.25
CA VAL D 183 19.85 16.03 -0.23
C VAL D 183 18.91 16.90 -1.07
N VAL D 184 18.05 16.25 -1.85
CA VAL D 184 17.06 16.93 -2.68
C VAL D 184 15.76 17.05 -1.89
N TYR D 185 15.24 18.25 -1.79
CA TYR D 185 14.03 18.55 -1.05
C TYR D 185 12.94 19.06 -2.00
N LYS D 186 11.70 18.89 -1.55
CA LYS D 186 10.52 19.39 -2.23
C LYS D 186 9.86 20.46 -1.38
N PRO D 187 9.54 21.62 -1.94
CA PRO D 187 8.87 22.67 -1.17
C PRO D 187 7.45 22.29 -0.80
N ILE D 188 6.97 22.87 0.29
CA ILE D 188 5.65 22.60 0.83
C ILE D 188 4.76 23.81 0.58
N PHE D 189 3.62 23.57 -0.05
CA PHE D 189 2.65 24.62 -0.35
C PHE D 189 1.44 24.47 0.55
N LYS D 190 0.55 25.47 0.50
CA LYS D 190 -0.72 25.34 1.17
C LYS D 190 -1.60 24.33 0.44
N ARG D 191 -2.35 23.54 1.20
CA ARG D 191 -3.07 22.41 0.62
C ARG D 191 -4.28 22.86 -0.17
N TYR D 192 -4.88 23.98 0.22
CA TYR D 192 -6.10 24.46 -0.42
C TYR D 192 -5.98 25.85 -1.01
N ASN D 193 -4.90 26.58 -0.72
CA ASN D 193 -4.69 27.88 -1.32
C ASN D 193 -3.69 27.82 -2.47
N GLY D 194 -2.60 27.09 -2.28
CA GLY D 194 -1.58 26.94 -3.30
C GLY D 194 -0.39 27.86 -3.17
N ASP D 195 -0.36 28.73 -2.15
CA ASP D 195 0.75 29.65 -1.96
C ASP D 195 1.96 28.92 -1.37
N PRO D 196 3.17 29.39 -1.65
CA PRO D 196 4.35 28.80 -1.00
C PRO D 196 4.40 29.17 0.48
N ASP D 197 5.01 28.28 1.26
CA ASP D 197 5.14 28.48 2.70
C ASP D 197 6.51 29.06 3.00
N LEU D 198 6.56 30.37 3.22
CA LEU D 198 7.80 31.09 3.50
C LEU D 198 7.66 31.87 4.79
N ILE D 199 8.78 32.10 5.45
CA ILE D 199 8.86 32.90 6.67
C ILE D 199 9.64 34.16 6.31
N GLU D 200 8.94 35.27 6.14
CA GLU D 200 9.56 36.54 5.78
C GLU D 200 9.56 37.51 6.95
N ASP D 201 9.59 36.98 8.17
CA ASP D 201 9.60 37.79 9.38
C ASP D 201 10.66 37.26 10.35
N ASN D 202 11.84 36.94 9.83
CA ASN D 202 12.92 36.41 10.66
C ASN D 202 14.25 36.86 10.06
N SER D 203 14.78 37.97 10.58
CA SER D 203 16.10 38.44 10.20
C SER D 203 17.21 37.89 11.08
N ASN D 204 16.86 37.11 12.11
CA ASN D 204 17.83 36.53 13.03
C ASN D 204 18.08 35.05 12.77
N ASP D 205 17.06 34.33 12.27
CA ASP D 205 17.24 32.91 11.97
C ASP D 205 18.08 32.70 10.71
N VAL D 206 18.04 33.66 9.78
CA VAL D 206 18.85 33.58 8.57
C VAL D 206 20.33 33.68 8.90
N GLU D 207 20.68 34.62 9.80
CA GLU D 207 22.06 34.76 10.25
C GLU D 207 22.52 33.54 11.05
N HIS D 208 21.62 32.97 11.84
CA HIS D 208 21.95 31.78 12.63
C HIS D 208 22.20 30.57 11.73
N TRP D 209 21.36 30.39 10.71
CA TRP D 209 21.56 29.28 9.76
C TRP D 209 22.81 29.50 8.91
N TYR D 210 23.11 30.75 8.56
CA TYR D 210 24.31 31.07 7.79
C TYR D 210 25.57 30.77 8.61
N ASP D 211 25.60 31.20 9.86
CA ASP D 211 26.77 30.96 10.71
C ASP D 211 26.89 29.49 11.07
N TYR D 212 25.77 28.78 11.22
CA TYR D 212 25.82 27.35 11.52
C TYR D 212 26.35 26.55 10.34
N HIS D 213 25.88 26.86 9.12
CA HIS D 213 26.36 26.18 7.93
C HIS D 213 27.81 26.55 7.62
N LEU D 214 28.24 27.75 8.03
CA LEU D 214 29.63 28.14 7.84
C LEU D 214 30.54 27.40 8.84
N GLU D 215 30.14 27.33 10.10
CA GLU D 215 31.03 26.80 11.12
C GLU D 215 31.01 25.27 11.18
N ARG D 216 29.95 24.62 10.70
CA ARG D 216 29.88 23.17 10.82
C ARG D 216 30.73 22.47 9.77
N TYR D 217 30.59 22.86 8.50
CA TYR D 217 31.21 22.15 7.39
C TYR D 217 32.46 22.82 6.85
N TRP D 218 32.43 24.13 6.65
CA TRP D 218 33.54 24.86 6.04
C TRP D 218 34.38 25.48 7.14
N ASN D 219 35.20 24.65 7.78
CA ASN D 219 35.98 25.06 8.95
C ASN D 219 37.42 25.45 8.64
N THR D 220 38.04 24.84 7.63
CA THR D 220 39.40 25.23 7.25
C THR D 220 39.40 26.58 6.55
N PRO D 221 40.52 27.32 6.61
CA PRO D 221 40.59 28.61 5.88
C PRO D 221 40.40 28.51 4.38
N GLU D 222 40.86 27.41 3.76
CA GLU D 222 40.59 27.20 2.34
C GLU D 222 39.12 26.94 2.09
N LEU D 223 38.47 26.18 2.98
CA LEU D 223 37.04 25.96 2.85
C LEU D 223 36.24 27.23 3.15
N LYS D 224 36.74 28.07 4.05
CA LYS D 224 36.09 29.36 4.31
C LYS D 224 36.22 30.29 3.10
N LYS D 225 37.38 30.27 2.44
CA LYS D 225 37.57 31.07 1.23
C LYS D 225 36.69 30.57 0.09
N GLU D 226 36.55 29.24 -0.03
CA GLU D 226 35.69 28.67 -1.05
C GLU D 226 34.21 28.96 -0.76
N PHE D 227 33.84 28.97 0.52
CA PHE D 227 32.47 29.30 0.92
C PHE D 227 32.16 30.77 0.65
N TYR D 228 33.12 31.65 0.91
CA TYR D 228 32.91 33.08 0.64
C TYR D 228 32.95 33.39 -0.85
N LYS D 229 33.67 32.58 -1.63
CA LYS D 229 33.65 32.77 -3.08
C LYS D 229 32.36 32.26 -3.70
N LYS D 230 31.87 31.10 -3.23
CA LYS D 230 30.72 30.46 -3.85
C LYS D 230 29.41 31.15 -3.50
N PHE D 231 29.17 31.40 -2.20
CA PHE D 231 27.90 31.96 -1.75
C PHE D 231 27.95 33.44 -1.44
N GLY D 232 29.12 34.00 -1.17
CA GLY D 232 29.23 35.41 -0.87
C GLY D 232 28.78 35.75 0.53
N PRO D 233 28.39 37.02 0.76
CA PRO D 233 27.95 37.43 2.10
C PRO D 233 26.55 36.96 2.43
N VAL D 234 26.09 37.27 3.64
CA VAL D 234 24.78 36.84 4.10
C VAL D 234 23.74 37.90 3.74
N ASP D 235 22.63 37.45 3.15
CA ASP D 235 21.51 38.33 2.81
C ASP D 235 20.41 38.08 3.84
N LEU D 236 20.13 39.10 4.65
CA LEU D 236 19.14 38.98 5.70
C LEU D 236 17.73 39.30 5.23
N ASN D 237 17.55 39.71 3.99
CA ASN D 237 16.23 40.02 3.43
C ASN D 237 15.56 38.81 2.80
N GLN D 238 16.25 37.67 2.72
CA GLN D 238 15.70 36.49 2.09
C GLN D 238 14.74 35.78 3.04
N PRO D 239 13.73 35.07 2.50
CA PRO D 239 12.85 34.27 3.36
C PRO D 239 13.44 32.91 3.69
N ILE D 240 12.67 32.08 4.38
CA ILE D 240 13.08 30.71 4.73
C ILE D 240 12.04 29.76 4.15
N ILE D 241 12.50 28.82 3.34
CA ILE D 241 11.62 27.90 2.62
C ILE D 241 11.35 26.67 3.48
N LEU D 242 10.08 26.32 3.62
CA LEU D 242 9.68 25.08 4.27
C LEU D 242 9.71 23.96 3.24
N ALA D 243 10.46 22.90 3.53
CA ALA D 243 10.60 21.81 2.57
C ALA D 243 10.65 20.47 3.29
N LYS D 244 10.30 19.42 2.56
CA LYS D 244 10.43 18.06 3.04
C LYS D 244 11.43 17.30 2.18
N PRO D 245 12.04 16.22 2.69
CA PRO D 245 12.90 15.41 1.84
C PRO D 245 12.12 14.71 0.74
N LEU D 246 12.78 14.47 -0.40
CA LEU D 246 12.15 13.79 -1.52
C LEU D 246 11.94 12.32 -1.21
N ARG D 247 12.80 11.75 -0.35
CA ARG D 247 12.67 10.36 0.08
C ARG D 247 11.39 10.22 0.90
N GLN D 248 10.67 9.11 0.68
CA GLN D 248 9.28 9.00 1.15
C GLN D 248 9.21 8.82 2.66
N HIS D 249 10.20 8.15 3.24
CA HIS D 249 10.06 7.69 4.62
C HIS D 249 10.36 8.78 5.64
N ASN D 250 11.27 9.71 5.31
CA ASN D 250 11.56 10.84 6.19
C ASN D 250 10.82 12.10 5.74
N ARG D 251 9.62 11.94 5.18
CA ARG D 251 8.84 13.10 4.74
C ARG D 251 8.17 13.83 5.90
N GLY D 252 8.13 13.22 7.09
CA GLY D 252 7.57 13.86 8.25
C GLY D 252 8.59 14.62 9.08
N ASP D 253 9.74 14.90 8.47
CA ASP D 253 10.81 15.67 9.11
C ASP D 253 10.95 16.99 8.36
N LEU D 254 10.47 18.07 8.98
CA LEU D 254 10.45 19.36 8.31
C LEU D 254 11.85 19.98 8.26
N VAL D 255 12.16 20.59 7.12
CA VAL D 255 13.47 21.18 6.88
C VAL D 255 13.30 22.64 6.51
N HIS D 256 14.03 23.51 7.21
CA HIS D 256 14.12 24.94 6.91
C HIS D 256 15.31 25.15 5.98
N LEU D 257 15.06 25.65 4.78
CA LEU D 257 16.09 25.90 3.80
C LEU D 257 16.26 27.39 3.54
N LEU D 258 17.47 27.77 3.17
CA LEU D 258 17.77 29.12 2.69
C LEU D 258 17.88 29.10 1.17
N PRO D 259 17.28 30.07 0.46
CA PRO D 259 17.38 30.07 -1.00
C PRO D 259 18.77 30.41 -1.53
N GLN D 260 19.64 31.00 -0.70
CA GLN D 260 21.01 31.25 -1.08
C GLN D 260 21.86 29.97 -1.14
N PHE D 261 21.48 28.95 -0.38
CA PHE D 261 22.26 27.73 -0.26
C PHE D 261 21.76 26.59 -1.16
N VAL D 262 20.65 26.78 -1.86
CA VAL D 262 20.06 25.70 -2.65
C VAL D 262 20.13 26.07 -4.12
N VAL D 263 20.12 25.03 -4.96
CA VAL D 263 20.09 25.17 -6.42
C VAL D 263 18.84 24.48 -6.93
N PRO D 264 18.26 24.90 -8.06
CA PRO D 264 17.09 24.18 -8.59
C PRO D 264 17.53 22.95 -9.37
N VAL D 265 16.87 21.82 -9.10
CA VAL D 265 17.06 20.61 -9.90
C VAL D 265 16.46 20.85 -11.27
N TYR D 266 17.18 20.43 -12.32
CA TYR D 266 16.82 20.75 -13.69
C TYR D 266 15.51 20.07 -14.10
N ASN D 267 14.61 20.87 -14.67
CA ASN D 267 13.43 20.37 -15.34
C ASN D 267 13.26 21.19 -16.61
N ALA D 268 12.65 20.59 -17.63
CA ALA D 268 12.42 21.32 -18.87
C ALA D 268 11.21 22.25 -18.80
N GLU D 269 10.47 22.22 -17.69
CA GLU D 269 9.39 23.18 -17.47
C GLU D 269 9.93 24.59 -17.22
N GLN D 270 11.16 24.70 -16.73
CA GLN D 270 11.75 25.99 -16.37
C GLN D 270 12.43 26.69 -17.54
N LEU D 271 12.12 26.31 -18.77
CA LEU D 271 12.69 26.95 -19.95
C LEU D 271 11.56 27.40 -20.87
N ASN D 272 11.87 28.34 -21.75
CA ASN D 272 10.92 28.76 -22.78
C ASN D 272 10.96 27.76 -23.94
N ASP D 273 10.18 28.05 -24.99
CA ASP D 273 10.02 27.10 -26.08
C ASP D 273 11.27 27.00 -26.95
N ILE D 274 11.93 28.15 -27.17
CA ILE D 274 13.10 28.20 -28.04
C ILE D 274 14.26 27.43 -27.42
N LEU D 275 14.55 27.71 -26.14
CA LEU D 275 15.67 27.05 -25.46
C LEU D 275 15.40 25.57 -25.27
N ALA D 276 14.13 25.19 -25.08
CA ALA D 276 13.78 23.77 -25.04
C ALA D 276 14.03 23.10 -26.39
N SER D 277 13.75 23.82 -27.49
CA SER D 277 14.00 23.28 -28.82
C SER D 277 15.49 23.06 -29.08
N GLU D 278 16.33 24.05 -28.73
CA GLU D 278 17.78 23.85 -28.93
C GLU D 278 18.36 22.82 -27.96
N ILE D 279 17.84 22.73 -26.74
CA ILE D 279 18.41 21.78 -25.79
C ILE D 279 18.00 20.35 -26.15
N LEU D 280 16.82 20.16 -26.76
CA LEU D 280 16.48 18.80 -27.15
C LEU D 280 17.02 18.45 -28.54
N GLU D 281 17.39 19.45 -29.34
CA GLU D 281 18.20 19.16 -30.51
C GLU D 281 19.63 18.79 -30.09
N TYR D 282 20.12 19.39 -29.01
CA TYR D 282 21.49 19.14 -28.56
C TYR D 282 21.63 17.80 -27.83
N LEU D 283 20.63 17.41 -27.03
CA LEU D 283 20.73 16.15 -26.30
C LEU D 283 20.56 14.93 -27.19
N LYS D 284 19.66 14.99 -28.18
CA LYS D 284 19.39 13.86 -29.05
C LYS D 284 20.40 13.88 -30.20
N LEU D 285 21.29 12.89 -30.20
CA LEU D 285 22.33 12.76 -31.21
C LEU D 285 22.00 11.63 -32.16
N THR D 286 22.34 11.80 -33.44
CA THR D 286 22.15 10.74 -34.42
C THR D 286 23.28 9.72 -34.31
N SER D 287 23.26 8.72 -35.20
CA SER D 287 24.22 7.62 -35.11
C SER D 287 25.61 8.06 -35.54
N ASN D 288 25.70 8.98 -36.51
CA ASN D 288 27.00 9.39 -37.04
C ASN D 288 27.77 10.24 -36.03
N GLN D 289 27.06 11.08 -35.28
CA GLN D 289 27.72 11.89 -34.26
C GLN D 289 28.23 11.05 -33.11
N ARG D 290 27.46 10.02 -32.71
CA ARG D 290 27.92 9.09 -31.68
C ARG D 290 29.10 8.27 -32.15
N ILE D 291 29.09 7.87 -33.43
CA ILE D 291 30.21 7.10 -33.99
C ILE D 291 31.48 7.96 -34.02
N SER D 292 31.36 9.22 -34.42
CA SER D 292 32.52 10.11 -34.48
C SER D 292 33.05 10.44 -33.10
N LEU D 293 32.15 10.69 -32.14
CA LEU D 293 32.57 11.02 -30.78
C LEU D 293 33.22 9.83 -30.09
N LEU D 294 32.65 8.63 -30.26
CA LEU D 294 33.24 7.43 -29.67
C LEU D 294 34.55 7.07 -30.35
N SER D 295 34.67 7.31 -31.66
CA SER D 295 35.93 7.05 -32.35
C SER D 295 37.03 7.99 -31.89
N ARG D 296 36.71 9.26 -31.67
CA ARG D 296 37.69 10.21 -31.14
C ARG D 296 38.09 9.86 -29.72
N LEU D 297 37.12 9.44 -28.90
CA LEU D 297 37.42 9.06 -27.51
C LEU D 297 38.28 7.79 -27.46
N ILE D 298 37.97 6.80 -28.30
CA ILE D 298 38.73 5.55 -28.31
C ILE D 298 40.13 5.78 -28.87
N ASN D 299 40.26 6.67 -29.86
CA ASN D 299 41.59 7.02 -30.38
C ASN D 299 42.39 7.82 -29.34
N ASP D 300 41.71 8.54 -28.45
CA ASP D 300 42.41 9.19 -27.35
C ASP D 300 42.84 8.17 -26.30
N ILE D 301 42.03 7.14 -26.08
CA ILE D 301 42.35 6.11 -25.08
C ILE D 301 43.53 5.26 -25.54
N LYS D 302 43.55 4.89 -26.83
CA LYS D 302 44.46 3.85 -27.31
C LYS D 302 45.91 4.31 -27.35
N THR D 303 46.15 5.62 -27.32
CA THR D 303 47.51 6.16 -27.29
C THR D 303 47.96 6.50 -25.87
N ASN D 304 47.34 5.85 -24.89
CA ASN D 304 47.72 6.04 -23.49
C ASN D 304 47.83 4.75 -22.69
N THR D 305 47.35 3.62 -23.20
CA THR D 305 47.41 2.34 -22.51
C THR D 305 47.35 1.24 -23.57
N ASN D 306 47.43 -0.01 -23.11
CA ASN D 306 47.38 -1.17 -23.99
C ASN D 306 46.15 -2.04 -23.75
N ILE D 307 45.08 -1.46 -23.18
CA ILE D 307 43.92 -2.26 -22.80
C ILE D 307 42.97 -2.41 -23.99
N ILE D 308 42.60 -1.30 -24.61
CA ILE D 308 41.75 -1.35 -25.80
C ILE D 308 42.59 -1.72 -27.00
N VAL D 309 42.19 -2.78 -27.70
CA VAL D 309 42.97 -3.34 -28.80
C VAL D 309 42.24 -3.26 -30.13
N SER D 310 41.07 -2.64 -30.19
CA SER D 310 40.30 -2.58 -31.43
C SER D 310 39.42 -1.35 -31.41
N SER D 311 38.88 -1.02 -32.58
CA SER D 311 37.92 0.06 -32.75
C SER D 311 36.51 -0.48 -32.53
N LEU D 312 35.49 0.26 -32.97
CA LEU D 312 34.10 -0.17 -32.83
C LEU D 312 33.83 -1.40 -33.66
N THR D 313 33.30 -2.43 -33.02
CA THR D 313 33.15 -3.75 -33.63
C THR D 313 31.95 -3.78 -34.57
N GLU D 314 32.08 -4.56 -35.64
CA GLU D 314 31.03 -4.76 -36.62
C GLU D 314 30.51 -6.18 -36.50
N LEU D 315 29.21 -6.31 -36.25
CA LEU D 315 28.57 -7.61 -36.09
C LEU D 315 27.61 -7.87 -37.23
N GLU D 316 27.05 -9.07 -37.22
CA GLU D 316 26.15 -9.54 -38.28
C GLU D 316 24.74 -9.64 -37.71
N ALA D 317 23.80 -8.95 -38.34
CA ALA D 317 22.41 -8.96 -37.96
C ALA D 317 21.56 -9.42 -39.14
N ASN D 318 20.43 -10.05 -38.83
CA ASN D 318 19.51 -10.55 -39.83
C ASN D 318 18.34 -9.59 -39.96
N THR D 319 18.08 -9.13 -41.18
CA THR D 319 17.01 -8.19 -41.44
C THR D 319 15.65 -8.89 -41.44
N PHE D 320 14.61 -8.10 -41.22
CA PHE D 320 13.23 -8.59 -41.25
C PHE D 320 12.51 -7.92 -42.41
N ASP D 321 12.24 -8.69 -43.46
CA ASP D 321 11.52 -8.20 -44.64
C ASP D 321 10.31 -9.11 -44.83
N VAL D 322 9.25 -8.83 -44.09
CA VAL D 322 8.00 -9.57 -44.16
C VAL D 322 6.86 -8.55 -44.21
N ASP D 323 6.01 -8.66 -45.23
CA ASP D 323 4.86 -7.76 -45.37
C ASP D 323 3.85 -8.09 -44.29
N LEU D 324 3.64 -7.17 -43.35
CA LEU D 324 2.75 -7.42 -42.23
C LEU D 324 1.28 -7.26 -42.60
N ASN D 325 0.99 -6.77 -43.80
CA ASN D 325 -0.40 -6.61 -44.22
C ASN D 325 -1.04 -7.92 -44.64
N ASP D 326 -0.24 -8.98 -44.85
CA ASP D 326 -0.80 -10.28 -45.19
C ASP D 326 -1.44 -10.96 -43.99
N MET D 327 -0.97 -10.65 -42.78
CA MET D 327 -1.45 -11.28 -41.56
C MET D 327 -2.48 -10.43 -40.83
N LEU D 328 -3.01 -9.39 -41.46
CA LEU D 328 -3.94 -8.46 -40.83
C LEU D 328 -5.30 -8.60 -41.51
N GLN D 329 -6.24 -9.26 -40.84
CA GLN D 329 -7.55 -9.53 -41.40
C GLN D 329 -8.54 -8.44 -40.99
N VAL D 330 -9.48 -8.15 -41.88
CA VAL D 330 -10.47 -7.09 -41.69
C VAL D 330 -11.69 -7.43 -42.52
N ARG D 331 -12.81 -6.79 -42.23
CA ARG D 331 -14.03 -7.00 -42.99
C ARG D 331 -14.15 -5.99 -44.12
N ASN D 332 -14.84 -6.38 -45.18
CA ASN D 332 -15.10 -5.54 -46.34
C ASN D 332 -16.50 -4.94 -46.20
N ALA D 333 -17.00 -4.33 -47.28
CA ALA D 333 -18.32 -3.71 -47.27
C ALA D 333 -19.42 -4.75 -47.37
N ASP D 334 -19.06 -6.02 -47.37
CA ASP D 334 -20.06 -7.06 -47.37
C ASP D 334 -19.90 -7.86 -46.10
N ASN D 335 -19.11 -7.35 -45.16
CA ASN D 335 -18.85 -8.07 -43.91
C ASN D 335 -18.15 -9.38 -44.19
N VAL D 336 -17.36 -9.40 -45.24
CA VAL D 336 -16.60 -10.60 -45.57
C VAL D 336 -15.14 -10.39 -45.25
N LYS D 337 -14.50 -11.36 -44.61
CA LYS D 337 -13.10 -11.22 -44.22
C LYS D 337 -12.21 -10.91 -45.42
N VAL D 338 -11.10 -10.23 -45.18
CA VAL D 338 -10.17 -9.86 -46.24
C VAL D 338 -8.91 -9.31 -45.62
N THR D 339 -7.75 -9.57 -46.23
CA THR D 339 -6.50 -9.02 -45.74
C THR D 339 -6.19 -7.72 -46.46
N LEU D 340 -5.70 -6.71 -45.74
CA LEU D 340 -5.48 -5.40 -46.34
C LEU D 340 -4.52 -5.43 -47.51
N SER D 341 -3.77 -6.52 -47.68
CA SER D 341 -2.93 -6.67 -48.86
C SER D 341 -3.77 -6.91 -50.11
N GLU D 342 -4.92 -7.56 -49.95
CA GLU D 342 -5.84 -7.73 -51.08
C GLU D 342 -6.52 -6.42 -51.45
N LEU D 343 -6.77 -5.56 -50.47
CA LEU D 343 -7.34 -4.24 -50.72
C LEU D 343 -6.29 -3.20 -51.11
N GLU D 344 -5.00 -3.58 -51.07
CA GLU D 344 -3.85 -2.75 -51.47
C GLU D 344 -3.78 -1.46 -50.65
N ILE D 345 -4.07 -1.58 -49.35
CA ILE D 345 -3.93 -0.49 -48.39
C ILE D 345 -3.13 -1.02 -47.20
N SER D 346 -3.01 -0.19 -46.18
CA SER D 346 -2.26 -0.51 -44.98
C SER D 346 -3.14 -0.30 -43.75
N LYS D 347 -2.50 -0.31 -42.58
CA LYS D 347 -3.19 -0.06 -41.32
C LYS D 347 -3.65 1.38 -41.18
N THR D 348 -3.04 2.30 -41.90
CA THR D 348 -3.21 3.73 -41.63
C THR D 348 -4.31 4.39 -42.47
N ARG D 349 -4.96 3.65 -43.35
CA ARG D 349 -6.06 4.17 -44.16
C ARG D 349 -7.36 3.44 -43.87
N LEU D 350 -7.64 3.19 -42.58
CA LEU D 350 -8.87 2.51 -42.20
C LEU D 350 -10.09 3.42 -42.22
N PHE D 351 -9.89 4.74 -42.10
CA PHE D 351 -10.99 5.68 -41.99
C PHE D 351 -11.02 6.69 -43.13
N THR D 352 -10.28 6.45 -44.21
CA THR D 352 -10.24 7.41 -45.31
C THR D 352 -11.43 7.27 -46.25
N TRP D 353 -12.25 6.23 -46.08
CA TRP D 353 -13.44 6.07 -46.90
C TRP D 353 -14.62 6.88 -46.38
N MET D 354 -14.48 7.54 -45.23
CA MET D 354 -15.59 8.29 -44.65
C MET D 354 -15.87 9.57 -45.44
N LYS D 355 -14.82 10.27 -45.88
CA LYS D 355 -14.96 11.52 -46.60
C LYS D 355 -14.43 11.42 -48.04
N SER D 356 -14.30 10.21 -48.56
CA SER D 356 -13.79 10.02 -49.92
C SER D 356 -14.43 8.77 -50.51
N ARG D 357 -14.43 8.71 -51.85
CA ARG D 357 -15.01 7.59 -52.56
C ARG D 357 -14.01 6.83 -53.42
N LYS D 358 -12.73 7.21 -53.41
CA LYS D 358 -11.69 6.50 -54.15
C LYS D 358 -11.00 5.43 -53.32
N TYR D 359 -11.56 5.07 -52.17
CA TYR D 359 -10.99 4.11 -51.24
C TYR D 359 -12.04 3.09 -50.85
N PRO D 360 -11.65 1.84 -50.59
CA PRO D 360 -12.64 0.82 -50.22
C PRO D 360 -13.20 1.04 -48.83
N VAL D 361 -14.44 0.60 -48.64
CA VAL D 361 -15.14 0.76 -47.36
C VAL D 361 -14.67 -0.33 -46.41
N ILE D 362 -14.20 0.07 -45.23
CA ILE D 362 -13.63 -0.83 -44.24
C ILE D 362 -14.57 -0.90 -43.04
N LEU D 363 -15.02 -2.12 -42.73
CA LEU D 363 -15.87 -2.38 -41.57
C LEU D 363 -15.07 -3.15 -40.53
N PRO D 364 -15.40 -2.97 -39.24
CA PRO D 364 -14.61 -3.64 -38.19
C PRO D 364 -14.81 -5.15 -38.16
N TYR D 365 -13.79 -5.84 -37.64
CA TYR D 365 -13.81 -7.29 -37.60
C TYR D 365 -14.78 -7.82 -36.55
N ASP D 366 -14.69 -7.30 -35.32
CA ASP D 366 -15.45 -7.82 -34.20
C ASP D 366 -16.23 -6.71 -33.51
N ILE D 367 -17.50 -6.97 -33.26
CA ILE D 367 -18.35 -6.07 -32.47
C ILE D 367 -18.87 -6.87 -31.28
N PRO D 368 -18.77 -6.35 -30.05
CA PRO D 368 -19.24 -7.11 -28.89
C PRO D 368 -20.75 -7.28 -28.87
N GLN D 369 -21.21 -8.33 -28.20
CA GLN D 369 -22.63 -8.65 -28.14
C GLN D 369 -23.40 -7.66 -27.28
N LYS D 370 -22.76 -7.13 -26.22
CA LYS D 370 -23.44 -6.21 -25.31
C LYS D 370 -23.72 -4.88 -25.98
N LEU D 371 -22.92 -4.50 -26.97
CA LEU D 371 -23.22 -3.32 -27.76
C LEU D 371 -24.41 -3.57 -28.68
N LYS D 372 -24.61 -4.83 -29.09
CA LYS D 372 -25.74 -5.16 -29.94
C LYS D 372 -27.04 -5.22 -29.14
N LYS D 373 -26.97 -5.64 -27.87
CA LYS D 373 -28.17 -5.63 -27.03
C LYS D 373 -28.55 -4.21 -26.62
N ILE D 374 -27.57 -3.31 -26.52
CA ILE D 374 -27.82 -1.96 -26.04
C ILE D 374 -28.45 -1.15 -27.16
N GLU D 375 -29.56 -0.48 -26.86
CA GLU D 375 -30.25 0.32 -27.87
C GLU D 375 -29.61 1.69 -28.05
N LYS D 376 -29.32 2.39 -26.96
CA LYS D 376 -28.80 3.76 -27.04
C LYS D 376 -27.68 3.94 -26.02
N ILE D 377 -26.72 4.79 -26.39
CA ILE D 377 -25.62 5.16 -25.51
C ILE D 377 -25.60 6.68 -25.41
N PRO D 378 -25.76 7.26 -24.22
CA PRO D 378 -25.66 8.72 -24.10
C PRO D 378 -24.22 9.20 -24.23
N VAL D 379 -24.06 10.35 -24.87
CA VAL D 379 -22.76 10.98 -25.06
C VAL D 379 -22.81 12.38 -24.46
N PHE D 380 -21.89 12.66 -23.54
CA PHE D 380 -21.79 13.93 -22.86
C PHE D 380 -20.55 14.69 -23.32
N ILE D 381 -20.64 16.01 -23.30
CA ILE D 381 -19.53 16.89 -23.69
C ILE D 381 -19.26 17.81 -22.51
N ILE D 382 -18.11 17.61 -21.86
CA ILE D 382 -17.71 18.41 -20.71
C ILE D 382 -16.59 19.35 -21.15
N VAL D 383 -16.78 20.65 -20.92
CA VAL D 383 -15.84 21.67 -21.37
C VAL D 383 -15.35 22.45 -20.15
N ASP D 384 -14.03 22.60 -20.05
CA ASP D 384 -13.45 23.44 -19.01
C ASP D 384 -13.76 24.90 -19.28
N SER D 385 -14.06 25.65 -18.22
CA SER D 385 -14.42 27.06 -18.35
C SER D 385 -13.20 27.97 -18.41
N ALA D 386 -12.00 27.45 -18.25
CA ALA D 386 -10.78 28.25 -18.32
C ALA D 386 -10.35 28.54 -19.76
N LEU D 387 -10.96 27.89 -20.74
CA LEU D 387 -10.60 28.08 -22.14
C LEU D 387 -11.22 29.35 -22.69
N SER D 388 -10.70 29.81 -23.82
CA SER D 388 -11.33 30.91 -24.53
C SER D 388 -12.59 30.41 -25.24
N ARG D 389 -13.44 31.36 -25.64
CA ARG D 389 -14.77 31.04 -26.16
C ARG D 389 -14.70 30.36 -27.52
N ASP D 390 -13.76 30.78 -28.38
CA ASP D 390 -13.58 30.18 -29.69
C ASP D 390 -13.08 28.75 -29.58
N ILE D 391 -12.21 28.49 -28.60
CA ILE D 391 -11.72 27.13 -28.36
C ILE D 391 -12.85 26.22 -27.87
N GLN D 392 -13.73 26.77 -27.04
CA GLN D 392 -14.89 26.01 -26.54
C GLN D 392 -15.85 25.66 -27.68
N THR D 393 -16.17 26.64 -28.52
CA THR D 393 -17.08 26.38 -29.65
C THR D 393 -16.45 25.44 -30.67
N PHE D 394 -15.14 25.56 -30.90
CA PHE D 394 -14.44 24.65 -31.80
C PHE D 394 -14.42 23.22 -31.26
N ALA D 395 -14.26 23.08 -29.94
CA ALA D 395 -14.25 21.75 -29.33
C ALA D 395 -15.63 21.09 -29.41
N LYS D 396 -16.70 21.87 -29.15
CA LYS D 396 -18.05 21.33 -29.29
C LYS D 396 -18.37 20.97 -30.73
N ASP D 397 -17.95 21.81 -31.68
CA ASP D 397 -18.20 21.54 -33.10
C ASP D 397 -17.42 20.31 -33.58
N GLU D 398 -16.18 20.15 -33.11
CA GLU D 398 -15.38 18.99 -33.50
C GLU D 398 -15.92 17.71 -32.88
N PHE D 399 -16.43 17.78 -31.65
CA PHE D 399 -17.04 16.61 -31.03
C PHE D 399 -18.33 16.20 -31.73
N ARG D 400 -19.15 17.18 -32.13
CA ARG D 400 -20.35 16.90 -32.90
C ARG D 400 -20.03 16.31 -34.26
N TYR D 401 -19.00 16.84 -34.94
CA TYR D 401 -18.58 16.32 -36.23
C TYR D 401 -18.06 14.88 -36.10
N LEU D 402 -17.29 14.62 -35.05
CA LEU D 402 -16.72 13.28 -34.84
C LEU D 402 -17.80 12.24 -34.57
N ILE D 403 -18.73 12.56 -33.67
CA ILE D 403 -19.78 11.60 -33.32
C ILE D 403 -20.75 11.42 -34.49
N SER D 404 -21.06 12.50 -35.22
CA SER D 404 -21.97 12.39 -36.37
C SER D 404 -21.35 11.59 -37.51
N SER D 405 -20.04 11.76 -37.74
CA SER D 405 -19.35 11.01 -38.79
C SER D 405 -19.26 9.53 -38.45
N LEU D 406 -18.97 9.22 -37.17
CA LEU D 406 -18.92 7.83 -36.73
C LEU D 406 -20.30 7.18 -36.82
N GLN D 407 -21.34 7.92 -36.42
CA GLN D 407 -22.70 7.41 -36.42
C GLN D 407 -23.20 7.14 -37.84
N LYS D 408 -22.93 8.05 -38.77
CA LYS D 408 -23.36 7.85 -40.16
C LYS D 408 -22.58 6.71 -40.82
N SER D 409 -21.25 6.70 -40.66
CA SER D 409 -20.43 5.73 -41.37
C SER D 409 -20.54 4.34 -40.75
N LEU D 410 -21.06 4.23 -39.52
CA LEU D 410 -21.27 2.91 -38.96
C LEU D 410 -22.73 2.46 -39.09
N SER D 411 -23.68 3.40 -39.12
CA SER D 411 -25.08 3.01 -39.21
C SER D 411 -25.49 2.71 -40.64
N ASN D 412 -24.69 3.15 -41.63
CA ASN D 412 -25.07 2.84 -43.01
C ASN D 412 -24.72 1.43 -43.45
N TRP D 413 -23.94 0.68 -42.67
CA TRP D 413 -23.53 -0.64 -43.14
C TRP D 413 -23.77 -1.77 -42.13
N VAL D 414 -23.50 -1.53 -40.84
CA VAL D 414 -23.62 -2.56 -39.82
C VAL D 414 -24.65 -2.12 -38.78
N ASP D 415 -24.93 -3.03 -37.84
CA ASP D 415 -25.91 -2.79 -36.78
C ASP D 415 -25.18 -2.20 -35.59
N PHE D 416 -25.31 -0.87 -35.43
CA PHE D 416 -24.65 -0.15 -34.36
C PHE D 416 -25.69 0.52 -33.47
N PRO D 417 -25.48 0.60 -32.16
CA PRO D 417 -26.40 1.36 -31.31
C PRO D 417 -26.30 2.85 -31.57
N ILE D 418 -27.39 3.56 -31.24
CA ILE D 418 -27.45 4.99 -31.48
C ILE D 418 -26.76 5.74 -30.35
N LEU D 419 -25.82 6.61 -30.71
CA LEU D 419 -25.17 7.51 -29.76
C LEU D 419 -26.01 8.78 -29.68
N ASP D 420 -26.59 9.03 -28.50
CA ASP D 420 -27.52 10.12 -28.31
C ASP D 420 -26.76 11.34 -27.76
N ILE D 421 -26.79 12.44 -28.51
CA ILE D 421 -26.31 13.73 -28.04
C ILE D 421 -27.52 14.66 -27.98
N ARG D 422 -27.79 15.20 -26.80
CA ARG D 422 -28.83 16.18 -26.60
C ARG D 422 -28.21 17.51 -26.18
N ASP D 423 -29.02 18.57 -26.23
CA ASP D 423 -28.54 19.89 -25.82
C ASP D 423 -28.36 19.99 -24.31
N LYS D 424 -29.00 19.12 -23.54
CA LYS D 424 -28.83 19.08 -22.09
C LYS D 424 -27.70 18.18 -21.65
N TYR D 425 -26.99 17.54 -22.58
CA TYR D 425 -25.86 16.69 -22.27
C TYR D 425 -24.52 17.43 -22.37
N ILE D 426 -24.54 18.73 -22.61
CA ILE D 426 -23.34 19.54 -22.76
C ILE D 426 -23.20 20.43 -21.54
N PHE D 427 -22.06 20.31 -20.87
CA PHE D 427 -21.78 21.08 -19.65
C PHE D 427 -20.49 21.85 -19.84
N THR D 428 -20.45 23.08 -19.31
CA THR D 428 -19.26 23.92 -19.31
C THR D 428 -18.99 24.31 -17.86
N ILE D 429 -18.07 23.60 -17.21
CA ILE D 429 -17.82 23.78 -15.79
C ILE D 429 -16.34 24.08 -15.56
N ASP D 430 -16.05 24.62 -14.38
CA ASP D 430 -14.68 24.83 -13.96
C ASP D 430 -14.16 23.53 -13.35
N LEU D 431 -13.07 23.01 -13.91
CA LEU D 431 -12.60 21.69 -13.50
C LEU D 431 -11.85 21.73 -12.16
N THR D 432 -11.24 22.87 -11.83
CA THR D 432 -10.46 22.97 -10.59
C THR D 432 -11.32 23.24 -9.36
N SER D 433 -12.63 23.38 -9.52
CA SER D 433 -13.55 23.60 -8.41
C SER D 433 -14.14 22.26 -7.97
N ASP D 434 -14.15 22.03 -6.65
CA ASP D 434 -14.66 20.77 -6.12
C ASP D 434 -16.19 20.72 -6.18
N LYS D 435 -16.84 21.86 -5.96
CA LYS D 435 -18.30 21.91 -5.96
C LYS D 435 -18.86 21.70 -7.36
N ASP D 436 -18.18 22.20 -8.39
CA ASP D 436 -18.62 21.99 -9.76
C ASP D 436 -18.46 20.52 -10.16
N ILE D 437 -17.39 19.87 -9.70
CA ILE D 437 -17.18 18.45 -9.95
C ILE D 437 -18.27 17.62 -9.26
N VAL D 438 -18.61 17.99 -8.03
CA VAL D 438 -19.64 17.28 -7.26
C VAL D 438 -21.02 17.44 -7.92
N ASN D 439 -21.35 18.66 -8.36
CA ASN D 439 -22.63 18.92 -9.01
C ASN D 439 -22.71 18.23 -10.38
N LEU D 440 -21.59 18.20 -11.11
CA LEU D 440 -21.57 17.49 -12.39
C LEU D 440 -21.73 15.98 -12.19
N SER D 441 -21.14 15.43 -11.13
CA SER D 441 -21.31 14.02 -10.82
C SER D 441 -22.76 13.70 -10.45
N ILE D 442 -23.40 14.59 -9.68
CA ILE D 442 -24.82 14.40 -9.31
C ILE D 442 -25.70 14.45 -10.55
N LYS D 443 -25.43 15.41 -11.45
CA LYS D 443 -26.23 15.53 -12.67
C LYS D 443 -26.02 14.35 -13.61
N LEU D 444 -24.80 13.81 -13.67
CA LEU D 444 -24.56 12.68 -14.56
C LEU D 444 -25.11 11.39 -14.00
N VAL D 445 -25.15 11.24 -12.67
CA VAL D 445 -25.86 10.12 -12.06
C VAL D 445 -27.36 10.22 -12.33
N ASN D 446 -27.92 11.43 -12.19
CA ASN D 446 -29.35 11.61 -12.44
C ASN D 446 -29.72 11.48 -13.91
N LEU D 447 -28.75 11.68 -14.82
CA LEU D 447 -29.03 11.53 -16.23
C LEU D 447 -28.83 10.08 -16.70
N MET D 448 -27.88 9.36 -16.11
CA MET D 448 -27.58 7.99 -16.52
C MET D 448 -28.13 6.95 -15.55
N LYS D 449 -29.37 7.15 -15.07
CA LYS D 449 -29.97 6.20 -14.14
C LYS D 449 -30.37 4.91 -14.85
N ASN D 450 -31.21 5.03 -15.87
CA ASN D 450 -31.70 3.87 -16.61
C ASN D 450 -30.85 3.65 -17.86
N ALA D 451 -29.56 3.38 -17.63
CA ALA D 451 -28.62 3.12 -18.70
C ALA D 451 -27.48 2.26 -18.15
N GLU D 452 -26.77 1.61 -19.06
CA GLU D 452 -25.66 0.73 -18.69
C GLU D 452 -24.30 1.22 -19.16
N LEU D 453 -24.24 2.10 -20.16
CA LEU D 453 -22.96 2.55 -20.68
C LEU D 453 -23.13 3.95 -21.27
N GLY D 454 -22.16 4.82 -20.99
CA GLY D 454 -22.16 6.16 -21.55
C GLY D 454 -20.76 6.55 -21.98
N LEU D 455 -20.70 7.60 -22.80
CA LEU D 455 -19.43 8.11 -23.32
C LEU D 455 -19.33 9.59 -23.01
N ALA D 456 -18.13 10.05 -22.69
CA ALA D 456 -17.88 11.46 -22.41
C ALA D 456 -16.68 11.96 -23.18
N LEU D 457 -16.78 13.19 -23.67
CA LEU D 457 -15.68 13.88 -24.33
C LEU D 457 -15.36 15.12 -23.52
N ILE D 458 -14.15 15.17 -22.97
CA ILE D 458 -13.72 16.23 -22.07
C ILE D 458 -12.71 17.11 -22.79
N ALA D 459 -12.89 18.42 -22.66
CA ALA D 459 -11.96 19.42 -23.18
C ALA D 459 -11.37 20.18 -22.01
N THR D 460 -10.08 20.01 -21.77
CA THR D 460 -9.39 20.59 -20.63
C THR D 460 -8.51 21.75 -21.09
N ARG D 461 -7.84 22.38 -20.12
CA ARG D 461 -6.96 23.51 -20.38
C ARG D 461 -5.59 23.01 -20.83
N THR D 462 -4.63 23.94 -20.93
CA THR D 462 -3.29 23.59 -21.40
C THR D 462 -2.53 22.79 -20.35
N LYS D 463 -2.52 23.27 -19.10
CA LYS D 463 -1.78 22.62 -18.02
C LYS D 463 -2.74 22.41 -16.85
N LEU D 464 -3.47 21.30 -16.90
CA LEU D 464 -4.32 20.91 -15.79
C LEU D 464 -3.48 20.18 -14.73
N PRO D 465 -3.79 20.36 -13.44
CA PRO D 465 -3.10 19.59 -12.41
C PRO D 465 -3.38 18.09 -12.53
N ASN D 466 -2.39 17.29 -12.15
CA ASN D 466 -2.48 15.84 -12.33
C ASN D 466 -3.47 15.20 -11.37
N GLU D 467 -3.76 15.82 -10.23
CA GLU D 467 -4.76 15.27 -9.32
C GLU D 467 -6.17 15.46 -9.88
N THR D 468 -6.42 16.59 -10.54
CA THR D 468 -7.74 16.88 -11.07
C THR D 468 -8.10 15.96 -12.22
N PHE D 469 -7.11 15.63 -13.06
CA PHE D 469 -7.32 14.72 -14.19
C PHE D 469 -7.72 13.32 -13.71
N ASP D 470 -6.98 12.80 -12.72
CA ASP D 470 -7.29 11.48 -12.17
C ASP D 470 -8.61 11.48 -11.41
N GLU D 471 -8.94 12.60 -10.74
CA GLU D 471 -10.20 12.70 -10.02
C GLU D 471 -11.38 12.70 -10.98
N VAL D 472 -11.29 13.46 -12.07
CA VAL D 472 -12.38 13.54 -13.05
C VAL D 472 -12.55 12.20 -13.76
N LYS D 473 -11.45 11.56 -14.15
CA LYS D 473 -11.55 10.27 -14.85
C LYS D 473 -12.02 9.16 -13.91
N LYS D 474 -11.63 9.20 -12.63
CA LYS D 474 -12.08 8.19 -11.67
C LYS D 474 -13.57 8.37 -11.35
N ARG D 475 -14.02 9.62 -11.18
CA ARG D 475 -15.43 9.87 -10.92
C ARG D 475 -16.30 9.57 -12.15
N LEU D 476 -15.73 9.66 -13.35
CA LEU D 476 -16.50 9.27 -14.53
C LEU D 476 -16.51 7.76 -14.71
N PHE D 477 -15.42 7.07 -14.36
CA PHE D 477 -15.39 5.62 -14.49
C PHE D 477 -16.21 4.93 -13.41
N SER D 478 -16.39 5.58 -12.26
CA SER D 478 -17.21 5.00 -11.19
C SER D 478 -18.70 5.04 -11.52
N VAL D 479 -19.12 5.94 -12.41
CA VAL D 479 -20.52 6.06 -12.80
C VAL D 479 -20.78 5.47 -14.19
N ASN D 480 -19.92 4.53 -14.62
CA ASN D 480 -20.07 3.73 -15.85
C ASN D 480 -20.05 4.60 -17.11
N ILE D 481 -19.07 5.49 -17.19
CA ILE D 481 -18.90 6.38 -18.33
C ILE D 481 -17.46 6.28 -18.82
N ILE D 482 -17.29 5.91 -20.09
CA ILE D 482 -15.98 5.87 -20.73
C ILE D 482 -15.64 7.26 -21.24
N SER D 483 -14.51 7.80 -20.82
CA SER D 483 -14.16 9.19 -21.09
C SER D 483 -12.96 9.28 -22.02
N GLN D 484 -12.97 10.31 -22.86
CA GLN D 484 -11.85 10.64 -23.74
C GLN D 484 -11.51 12.12 -23.57
N VAL D 485 -10.25 12.40 -23.29
CA VAL D 485 -9.79 13.73 -22.89
C VAL D 485 -8.94 14.32 -23.99
N VAL D 486 -9.28 15.55 -24.41
CA VAL D 486 -8.50 16.32 -25.38
C VAL D 486 -8.10 17.63 -24.70
N ASN D 487 -6.81 17.99 -24.79
CA ASN D 487 -6.32 19.20 -24.15
C ASN D 487 -6.35 20.39 -25.11
N GLU D 488 -5.88 21.55 -24.62
CA GLU D 488 -5.97 22.77 -25.42
C GLU D 488 -4.91 22.81 -26.52
N ALA D 489 -3.72 22.26 -26.25
CA ALA D 489 -2.66 22.27 -27.24
C ALA D 489 -2.96 21.31 -28.39
N THR D 490 -3.78 20.29 -28.14
CA THR D 490 -4.21 19.40 -29.22
C THR D 490 -5.18 20.10 -30.16
N LEU D 491 -6.06 20.94 -29.62
CA LEU D 491 -7.07 21.65 -30.41
C LEU D 491 -6.48 22.75 -31.30
N TYR D 492 -5.24 23.16 -31.06
CA TYR D 492 -4.58 24.16 -31.90
C TYR D 492 -3.94 23.57 -33.15
N LYS D 493 -3.95 22.24 -33.29
CA LYS D 493 -3.39 21.58 -34.47
C LYS D 493 -4.50 21.47 -35.52
N ARG D 494 -4.44 22.32 -36.53
CA ARG D 494 -5.45 22.36 -37.58
C ARG D 494 -4.90 21.79 -38.88
N ASP D 495 -5.80 21.56 -39.82
CA ASP D 495 -5.40 21.05 -41.13
C ASP D 495 -4.76 22.16 -41.93
N LYS D 496 -3.88 21.78 -42.87
CA LYS D 496 -3.16 22.76 -43.67
C LYS D 496 -4.06 23.41 -44.72
N TYR D 497 -5.08 22.69 -45.20
CA TYR D 497 -5.96 23.23 -46.22
C TYR D 497 -7.23 23.82 -45.62
N ASN D 498 -7.69 23.31 -44.48
CA ASN D 498 -8.88 23.80 -43.80
C ASN D 498 -8.48 24.20 -42.38
N GLU D 499 -8.32 25.50 -42.16
CA GLU D 499 -7.88 26.02 -40.88
C GLU D 499 -8.98 26.04 -39.82
N SER D 500 -10.24 25.87 -40.21
CA SER D 500 -11.35 25.89 -39.28
C SER D 500 -11.71 24.51 -38.75
N ARG D 501 -10.95 23.48 -39.13
CA ARG D 501 -11.20 22.12 -38.68
C ARG D 501 -9.94 21.58 -38.00
N LEU D 502 -10.13 20.50 -37.24
CA LEU D 502 -9.01 19.80 -36.62
C LEU D 502 -8.17 19.09 -37.67
N ASN D 503 -6.95 18.74 -37.29
CA ASN D 503 -6.09 17.96 -38.16
C ASN D 503 -6.64 16.55 -38.29
N LEU D 504 -6.61 16.01 -39.52
CA LEU D 504 -7.28 14.75 -39.83
C LEU D 504 -6.61 13.57 -39.14
N TYR D 505 -5.32 13.71 -38.83
CA TYR D 505 -4.56 12.66 -38.16
C TYR D 505 -5.07 12.47 -36.74
N VAL D 506 -5.32 13.58 -36.04
CA VAL D 506 -5.83 13.55 -34.67
C VAL D 506 -7.27 13.04 -34.65
N GLN D 507 -8.07 13.40 -35.67
CA GLN D 507 -9.44 12.91 -35.76
C GLN D 507 -9.49 11.41 -36.00
N HIS D 508 -8.59 10.89 -36.82
CA HIS D 508 -8.56 9.44 -37.06
C HIS D 508 -8.06 8.69 -35.82
N ASN D 509 -7.08 9.25 -35.11
CA ASN D 509 -6.62 8.62 -33.87
C ASN D 509 -7.70 8.65 -32.79
N LEU D 510 -8.46 9.75 -32.71
CA LEU D 510 -9.54 9.83 -31.74
C LEU D 510 -10.68 8.88 -32.10
N LEU D 511 -10.96 8.72 -33.39
CA LEU D 511 -11.93 7.74 -33.87
C LEU D 511 -11.53 6.32 -33.48
N PHE D 512 -10.26 5.97 -33.70
CA PHE D 512 -9.79 4.62 -33.40
C PHE D 512 -9.74 4.36 -31.90
N GLN D 513 -9.36 5.37 -31.11
CA GLN D 513 -9.30 5.20 -29.66
C GLN D 513 -10.70 5.11 -29.05
N ILE D 514 -11.65 5.88 -29.58
CA ILE D 514 -13.03 5.82 -29.09
C ILE D 514 -13.67 4.50 -29.46
N LEU D 515 -13.40 3.99 -30.67
CA LEU D 515 -13.92 2.69 -31.07
C LEU D 515 -13.29 1.56 -30.26
N SER D 516 -11.99 1.66 -29.96
CA SER D 516 -11.32 0.61 -29.21
C SER D 516 -11.67 0.64 -27.72
N LYS D 517 -12.14 1.78 -27.21
CA LYS D 517 -12.46 1.86 -25.79
C LYS D 517 -13.79 1.16 -25.46
N LEU D 518 -14.63 0.92 -26.46
CA LEU D 518 -15.90 0.23 -26.25
C LEU D 518 -15.87 -1.21 -26.75
N GLY D 519 -14.69 -1.82 -26.89
CA GLY D 519 -14.56 -3.23 -27.18
C GLY D 519 -14.54 -3.59 -28.65
N ILE D 520 -14.65 -2.62 -29.56
CA ILE D 520 -14.64 -2.91 -30.98
C ILE D 520 -13.21 -3.13 -31.44
N LYS D 521 -12.93 -4.32 -31.98
CA LYS D 521 -11.64 -4.64 -32.56
C LYS D 521 -11.76 -4.50 -34.08
N TYR D 522 -11.11 -3.47 -34.64
CA TYR D 522 -11.25 -3.20 -36.07
C TYR D 522 -10.51 -4.22 -36.90
N TYR D 523 -9.26 -4.52 -36.54
CA TYR D 523 -8.46 -5.51 -37.24
C TYR D 523 -7.85 -6.48 -36.24
N VAL D 524 -7.73 -7.74 -36.65
CA VAL D 524 -7.14 -8.77 -35.81
C VAL D 524 -5.94 -9.37 -36.52
N LEU D 525 -5.26 -10.31 -35.86
CA LEU D 525 -4.09 -10.98 -36.40
C LEU D 525 -4.46 -12.41 -36.79
N ARG D 526 -3.92 -12.83 -37.94
CA ARG D 526 -4.14 -14.19 -38.41
C ARG D 526 -2.81 -14.93 -38.37
N HIS D 527 -2.61 -15.78 -37.40
CA HIS D 527 -1.39 -16.55 -37.18
C HIS D 527 -1.72 -17.66 -36.20
N LYS D 528 -1.30 -18.89 -36.52
CA LYS D 528 -1.47 -20.02 -35.62
C LYS D 528 -0.26 -20.07 -34.69
N PHE D 529 -0.41 -19.49 -33.50
CA PHE D 529 0.68 -19.44 -32.54
C PHE D 529 0.90 -20.82 -31.91
N SER D 530 2.12 -21.03 -31.42
CA SER D 530 2.46 -22.30 -30.79
C SER D 530 1.92 -22.42 -29.37
N TYR D 531 1.44 -21.33 -28.78
CA TYR D 531 0.93 -21.32 -27.42
C TYR D 531 -0.55 -20.96 -27.43
N ASP D 532 -1.30 -21.56 -26.51
CA ASP D 532 -2.74 -21.32 -26.47
C ASP D 532 -3.07 -19.96 -25.84
N TYR D 533 -2.27 -19.53 -24.86
CA TYR D 533 -2.51 -18.29 -24.13
C TYR D 533 -1.21 -17.52 -24.02
N ILE D 534 -1.29 -16.20 -24.17
CA ILE D 534 -0.12 -15.33 -24.04
C ILE D 534 -0.42 -14.29 -22.96
N VAL D 535 0.33 -14.35 -21.86
CA VAL D 535 0.06 -13.55 -20.67
C VAL D 535 1.20 -12.56 -20.48
N GLY D 536 0.87 -11.27 -20.41
CA GLY D 536 1.84 -10.22 -20.17
C GLY D 536 1.66 -9.63 -18.78
N ILE D 537 2.78 -9.48 -18.07
CA ILE D 537 2.78 -9.09 -16.66
C ILE D 537 3.59 -7.81 -16.47
N ASP D 538 3.03 -6.83 -15.75
CA ASP D 538 3.76 -5.61 -15.44
C ASP D 538 3.32 -5.08 -14.08
N VAL D 539 4.24 -4.34 -13.42
CA VAL D 539 4.07 -3.81 -12.07
C VAL D 539 4.29 -2.29 -12.10
N THR D 540 3.58 -1.56 -11.25
CA THR D 540 3.75 -0.13 -11.08
C THR D 540 3.63 0.22 -9.60
N PRO D 541 4.26 1.30 -9.13
CA PRO D 541 4.16 1.71 -7.72
C PRO D 541 2.80 2.29 -7.34
N MET D 542 2.41 2.24 -6.07
CA MET D 542 1.16 2.89 -5.65
C MET D 542 1.40 4.36 -5.43
N LYS D 543 0.33 5.14 -5.54
CA LYS D 543 0.42 6.59 -5.41
C LYS D 543 0.72 7.08 -4.01
N LEU D 544 -0.02 6.65 -3.02
CA LEU D 544 0.17 7.16 -1.67
C LEU D 544 0.93 6.24 -0.72
N SER D 545 0.75 4.93 -0.83
CA SER D 545 1.40 4.01 0.07
C SER D 545 2.74 3.56 -0.45
N HIS D 546 3.51 2.85 0.37
CA HIS D 546 4.78 2.32 -0.04
C HIS D 546 4.54 0.88 -0.30
N GLY D 547 4.00 0.57 -1.46
CA GLY D 547 3.70 -0.77 -1.83
C GLY D 547 3.43 -0.80 -3.28
N TYR D 548 2.79 -1.85 -3.75
CA TYR D 548 2.59 -1.97 -5.21
C TYR D 548 1.16 -2.43 -5.47
N ILE D 549 0.27 -1.47 -5.77
CA ILE D 549 -1.05 -1.80 -6.30
C ILE D 549 -0.92 -2.24 -7.75
N GLY D 550 0.17 -1.86 -8.40
CA GLY D 550 0.53 -2.44 -9.68
C GLY D 550 0.90 -3.91 -9.55
N GLY D 551 1.02 -4.52 -10.70
CA GLY D 551 0.99 -5.97 -10.78
C GLY D 551 -0.32 -6.34 -11.43
N SER D 552 -0.29 -6.56 -12.74
CA SER D 552 -1.46 -7.08 -13.43
C SER D 552 -0.99 -7.82 -14.66
N ALA D 553 -1.92 -8.54 -15.27
CA ALA D 553 -1.65 -9.36 -16.44
C ALA D 553 -2.72 -9.13 -17.49
N VAL D 554 -2.32 -9.29 -18.75
CA VAL D 554 -3.21 -9.21 -19.90
C VAL D 554 -3.07 -10.52 -20.66
N MET D 555 -4.18 -11.22 -20.86
CA MET D 555 -4.20 -12.50 -21.57
C MET D 555 -4.74 -12.29 -22.97
N PHE D 556 -3.92 -12.65 -23.96
CA PHE D 556 -4.34 -12.83 -25.33
C PHE D 556 -4.68 -14.30 -25.52
N ASP D 557 -5.92 -14.58 -25.91
CA ASP D 557 -6.41 -15.95 -26.00
C ASP D 557 -7.47 -16.06 -27.08
N SER D 558 -7.57 -17.26 -27.64
CA SER D 558 -8.58 -17.68 -28.62
C SER D 558 -8.48 -19.20 -28.73
N GLN D 559 -9.08 -19.75 -29.77
CA GLN D 559 -8.97 -21.18 -30.10
C GLN D 559 -7.62 -21.53 -30.71
N GLY D 560 -6.82 -20.54 -31.10
CA GLY D 560 -5.53 -20.79 -31.73
C GLY D 560 -5.13 -19.68 -32.68
N TYR D 561 -6.09 -18.83 -33.03
CA TYR D 561 -5.86 -17.62 -33.82
C TYR D 561 -6.30 -16.43 -32.98
N ILE D 562 -5.32 -15.81 -32.32
CA ILE D 562 -5.50 -14.94 -31.14
C ILE D 562 -6.33 -13.72 -31.51
N ARG D 563 -7.44 -13.51 -30.80
CA ARG D 563 -8.34 -12.40 -31.02
C ARG D 563 -8.82 -11.75 -29.74
N LYS D 564 -8.83 -12.49 -28.62
CA LYS D 564 -9.48 -12.03 -27.41
C LYS D 564 -8.48 -11.51 -26.39
N ILE D 565 -8.80 -10.38 -25.78
CA ILE D 565 -7.97 -9.71 -24.79
C ILE D 565 -8.74 -9.59 -23.48
N ILE D 566 -8.17 -10.12 -22.40
CA ILE D 566 -8.78 -9.99 -21.08
C ILE D 566 -7.73 -9.55 -20.06
N PRO D 567 -7.94 -8.42 -19.37
CA PRO D 567 -7.04 -8.02 -18.28
C PRO D 567 -7.52 -8.50 -16.92
N VAL D 568 -6.57 -9.02 -16.13
CA VAL D 568 -6.81 -9.40 -14.75
C VAL D 568 -5.73 -8.77 -13.87
N GLU D 569 -5.98 -8.80 -12.56
CA GLU D 569 -5.14 -8.14 -11.57
C GLU D 569 -4.44 -9.16 -10.68
N ILE D 570 -3.18 -8.91 -10.35
CA ILE D 570 -2.50 -9.70 -9.34
C ILE D 570 -3.09 -9.42 -7.96
N GLY D 571 -3.21 -8.15 -7.61
CA GLY D 571 -3.63 -7.75 -6.28
C GLY D 571 -2.73 -6.69 -5.69
N GLU D 572 -2.07 -7.02 -4.58
CA GLU D 572 -1.26 -6.05 -3.85
C GLU D 572 -0.02 -6.75 -3.30
N GLN D 573 1.15 -6.19 -3.59
CA GLN D 573 2.42 -6.76 -3.19
C GLN D 573 3.18 -5.79 -2.30
N MET D 574 4.38 -6.19 -1.90
CA MET D 574 5.29 -5.36 -1.12
C MET D 574 6.44 -4.81 -1.94
N GLY D 575 6.99 -5.61 -2.84
CA GLY D 575 8.03 -5.19 -3.75
C GLY D 575 7.65 -5.51 -5.18
N GLU D 576 8.68 -5.74 -6.01
CA GLU D 576 8.46 -6.14 -7.40
C GLU D 576 8.70 -7.64 -7.46
N SER D 577 7.66 -8.39 -7.11
CA SER D 577 7.70 -9.85 -7.08
C SER D 577 6.27 -10.36 -7.13
N ILE D 578 5.90 -11.00 -8.23
CA ILE D 578 4.53 -11.49 -8.41
C ILE D 578 4.37 -12.82 -7.70
N ASP D 579 3.28 -12.96 -6.94
CA ASP D 579 2.91 -14.27 -6.38
C ASP D 579 2.18 -15.03 -7.48
N MET D 580 2.92 -15.93 -8.15
CA MET D 580 2.37 -16.65 -9.29
C MET D 580 1.37 -17.73 -8.89
N LYS D 581 1.41 -18.19 -7.65
CA LYS D 581 0.48 -19.20 -7.18
C LYS D 581 -0.94 -18.66 -7.12
N GLU D 582 -1.12 -17.49 -6.48
CA GLU D 582 -2.43 -16.86 -6.40
C GLU D 582 -2.88 -16.38 -7.78
N PHE D 583 -1.95 -15.85 -8.57
CA PHE D 583 -2.25 -15.38 -9.92
C PHE D 583 -2.76 -16.51 -10.79
N PHE D 584 -2.10 -17.67 -10.77
CA PHE D 584 -2.57 -18.79 -11.57
C PHE D 584 -3.82 -19.41 -10.98
N LYS D 585 -4.04 -19.28 -9.66
CA LYS D 585 -5.26 -19.83 -9.06
C LYS D 585 -6.50 -19.05 -9.51
N ASP D 586 -6.48 -17.71 -9.40
CA ASP D 586 -7.60 -16.96 -9.98
C ASP D 586 -7.61 -16.95 -11.51
N MET D 587 -6.49 -17.26 -12.18
CA MET D 587 -6.55 -17.48 -13.62
C MET D 587 -7.35 -18.73 -13.97
N VAL D 588 -7.09 -19.83 -13.26
CA VAL D 588 -7.83 -21.07 -13.49
C VAL D 588 -9.30 -20.89 -13.10
N VAL D 589 -9.55 -20.13 -12.03
CA VAL D 589 -10.93 -19.87 -11.59
C VAL D 589 -11.69 -19.03 -12.62
N GLN D 590 -11.05 -17.99 -13.15
CA GLN D 590 -11.70 -17.11 -14.14
C GLN D 590 -11.92 -17.84 -15.46
N PHE D 591 -10.94 -18.64 -15.90
CA PHE D 591 -11.10 -19.32 -17.17
C PHE D 591 -12.02 -20.53 -17.07
N GLY D 592 -12.17 -21.10 -15.86
CA GLY D 592 -13.17 -22.13 -15.66
C GLY D 592 -14.56 -21.59 -15.50
N LYS D 593 -14.68 -20.35 -14.99
CA LYS D 593 -15.98 -19.69 -14.99
C LYS D 593 -16.34 -19.21 -16.39
N PHE D 594 -15.37 -19.05 -17.28
CA PHE D 594 -15.64 -18.87 -18.70
C PHE D 594 -15.99 -20.18 -19.41
N GLY D 595 -15.75 -21.32 -18.77
CA GLY D 595 -16.05 -22.60 -19.37
C GLY D 595 -14.88 -23.32 -20.01
N ILE D 596 -13.65 -22.88 -19.74
CA ILE D 596 -12.45 -23.47 -20.34
C ILE D 596 -11.63 -24.14 -19.24
N ASP D 597 -11.21 -25.37 -19.50
CA ASP D 597 -10.34 -26.11 -18.58
C ASP D 597 -8.89 -25.74 -18.87
N LEU D 598 -8.18 -25.26 -17.85
CA LEU D 598 -6.81 -24.81 -18.00
C LEU D 598 -5.79 -25.88 -17.58
N GLU D 599 -6.11 -27.15 -17.82
CA GLU D 599 -5.24 -28.26 -17.47
C GLU D 599 -4.64 -28.86 -18.74
N GLY D 600 -3.31 -28.95 -18.78
CA GLY D 600 -2.63 -29.55 -19.91
C GLY D 600 -2.39 -28.64 -21.09
N LYS D 601 -2.57 -27.34 -20.94
CA LYS D 601 -2.34 -26.40 -22.02
C LYS D 601 -0.95 -25.77 -21.90
N SER D 602 -0.63 -24.88 -22.83
CA SER D 602 0.65 -24.18 -22.86
C SER D 602 0.40 -22.68 -22.75
N ILE D 603 1.18 -22.02 -21.90
CA ILE D 603 1.02 -20.59 -21.63
C ILE D 603 2.38 -19.92 -21.81
N LEU D 604 2.42 -18.87 -22.63
CA LEU D 604 3.63 -18.10 -22.85
C LEU D 604 3.58 -16.82 -22.01
N ILE D 605 4.52 -16.66 -21.09
CA ILE D 605 4.54 -15.55 -20.15
C ILE D 605 5.59 -14.55 -20.58
N LEU D 606 5.16 -13.31 -20.82
CA LEU D 606 6.05 -12.19 -21.12
C LEU D 606 6.02 -11.23 -19.93
N ARG D 607 7.14 -11.11 -19.25
CA ARG D 607 7.25 -10.30 -18.03
C ARG D 607 8.05 -9.05 -18.33
N ASP D 608 7.52 -7.89 -17.93
CA ASP D 608 8.22 -6.61 -18.10
C ASP D 608 9.30 -6.53 -17.04
N GLY D 609 10.55 -6.76 -17.44
CA GLY D 609 11.65 -6.72 -16.51
C GLY D 609 12.38 -8.04 -16.39
N LYS D 610 12.51 -8.55 -15.17
CA LYS D 610 13.21 -9.80 -14.93
C LYS D 610 12.38 -10.69 -14.01
N ILE D 611 12.38 -11.99 -14.30
CA ILE D 611 11.68 -12.96 -13.48
C ILE D 611 12.51 -13.25 -12.24
N THR D 612 11.93 -13.06 -11.06
CA THR D 612 12.64 -13.30 -9.82
C THR D 612 12.62 -14.79 -9.47
N LYS D 613 13.30 -15.14 -8.38
CA LYS D 613 13.39 -16.53 -7.98
C LYS D 613 12.10 -17.01 -7.31
N ASP D 614 11.41 -16.10 -6.62
CA ASP D 614 10.12 -16.44 -6.02
C ASP D 614 9.07 -16.70 -7.08
N GLU D 615 9.11 -15.94 -8.18
CA GLU D 615 8.22 -16.20 -9.31
C GLU D 615 8.55 -17.53 -9.97
N GLU D 616 9.83 -17.89 -10.02
CA GLU D 616 10.25 -19.18 -10.57
C GLU D 616 9.74 -20.34 -9.72
N GLU D 617 9.84 -20.20 -8.39
CA GLU D 617 9.34 -21.23 -7.50
C GLU D 617 7.82 -21.34 -7.55
N GLY D 618 7.13 -20.21 -7.68
CA GLY D 618 5.67 -20.24 -7.82
C GLY D 618 5.21 -20.87 -9.12
N LEU D 619 5.92 -20.57 -10.22
CA LEU D 619 5.59 -21.19 -11.50
C LEU D 619 5.91 -22.69 -11.50
N ALA D 620 6.98 -23.09 -10.80
CA ALA D 620 7.29 -24.51 -10.67
C ALA D 620 6.23 -25.25 -9.87
N TYR D 621 5.75 -24.63 -8.77
CA TYR D 621 4.70 -25.26 -7.97
C TYR D 621 3.38 -25.34 -8.74
N ILE D 622 3.07 -24.30 -9.52
CA ILE D 622 1.85 -24.29 -10.33
C ILE D 622 1.93 -25.35 -11.43
N SER D 623 3.10 -25.48 -12.06
CA SER D 623 3.28 -26.50 -13.10
C SER D 623 3.27 -27.91 -12.53
N LYS D 624 3.72 -28.08 -11.29
CA LYS D 624 3.67 -29.39 -10.68
C LYS D 624 2.26 -29.77 -10.24
N VAL D 625 1.51 -28.81 -9.70
CA VAL D 625 0.18 -29.13 -9.16
C VAL D 625 -0.86 -29.19 -10.27
N PHE D 626 -1.00 -28.11 -11.04
CA PHE D 626 -2.07 -28.04 -12.03
C PHE D 626 -1.70 -28.69 -13.36
N GLY D 627 -0.43 -29.02 -13.57
CA GLY D 627 -0.01 -29.69 -14.78
C GLY D 627 -0.04 -28.82 -16.03
N ILE D 628 0.48 -27.60 -15.94
CA ILE D 628 0.53 -26.68 -17.07
C ILE D 628 1.98 -26.52 -17.49
N LYS D 629 2.20 -26.39 -18.80
CA LYS D 629 3.53 -26.16 -19.36
C LYS D 629 3.71 -24.67 -19.59
N ILE D 630 4.71 -24.08 -18.93
CA ILE D 630 4.91 -22.63 -18.92
C ILE D 630 6.21 -22.30 -19.66
N THR D 631 6.14 -21.31 -20.53
CA THR D 631 7.32 -20.79 -21.22
C THR D 631 7.45 -19.31 -20.88
N THR D 632 8.55 -18.93 -20.26
CA THR D 632 8.76 -17.56 -19.80
C THR D 632 9.89 -16.89 -20.57
N PHE D 633 9.67 -15.61 -20.90
CA PHE D 633 10.66 -14.77 -21.54
C PHE D 633 10.97 -13.58 -20.63
N ASN D 634 12.09 -12.92 -20.87
CA ASN D 634 12.45 -11.71 -20.16
C ASN D 634 12.69 -10.59 -21.15
N ILE D 635 11.94 -9.50 -21.01
CA ILE D 635 11.99 -8.35 -21.91
C ILE D 635 12.68 -7.21 -21.17
N VAL D 636 13.70 -6.62 -21.80
CA VAL D 636 14.48 -5.54 -21.23
C VAL D 636 14.46 -4.37 -22.20
N LYS D 637 14.09 -3.19 -21.70
CA LYS D 637 14.01 -1.99 -22.52
C LYS D 637 15.18 -1.03 -22.34
N ARG D 638 15.66 -0.84 -21.11
CA ARG D 638 16.70 0.15 -20.81
C ARG D 638 18.01 -0.58 -20.54
N HIS D 639 18.93 -0.47 -21.49
CA HIS D 639 20.28 -1.03 -21.34
C HIS D 639 21.26 -0.06 -21.98
N LEU D 640 22.51 -0.51 -22.15
CA LEU D 640 23.57 0.35 -22.67
C LEU D 640 24.00 0.00 -24.08
N LEU D 641 23.59 -1.15 -24.61
CA LEU D 641 24.00 -1.52 -25.96
C LEU D 641 23.16 -0.78 -27.00
N ARG D 642 23.84 -0.23 -28.01
CA ARG D 642 23.20 0.50 -29.08
C ARG D 642 23.64 -0.05 -30.43
N ILE D 643 22.69 -0.23 -31.33
CA ILE D 643 22.94 -0.67 -32.69
C ILE D 643 22.75 0.53 -33.61
N PHE D 644 23.78 0.86 -34.38
CA PHE D 644 23.78 2.08 -35.21
C PHE D 644 23.18 1.76 -36.58
N ALA D 645 21.88 1.50 -36.56
CA ALA D 645 21.12 1.25 -37.78
C ALA D 645 19.65 1.59 -37.51
N ASN D 646 18.95 1.96 -38.57
CA ASN D 646 17.52 2.30 -38.49
C ASN D 646 16.77 1.40 -39.46
N ARG D 647 16.48 0.18 -39.03
CA ARG D 647 15.81 -0.84 -39.82
C ARG D 647 15.35 -1.95 -38.87
N LYS D 648 14.27 -2.62 -39.25
CA LYS D 648 13.77 -3.76 -38.48
C LYS D 648 14.75 -4.92 -38.60
N LEU D 649 15.37 -5.31 -37.48
CA LEU D 649 16.37 -6.36 -37.51
C LEU D 649 16.45 -7.03 -36.14
N TYR D 650 17.30 -8.05 -36.03
CA TYR D 650 17.61 -8.65 -34.75
C TYR D 650 19.06 -9.14 -34.77
N LEU D 651 19.66 -9.19 -33.59
CA LEU D 651 21.06 -9.52 -33.42
C LEU D 651 21.22 -10.45 -32.23
N ARG D 652 21.87 -11.60 -32.45
CA ARG D 652 22.14 -12.55 -31.39
C ARG D 652 23.48 -12.19 -30.74
N LEU D 653 23.42 -11.69 -29.51
CA LEU D 653 24.63 -11.30 -28.79
C LEU D 653 24.60 -11.93 -27.41
N ALA D 654 25.69 -12.63 -27.07
CA ALA D 654 25.87 -13.44 -25.84
C ALA D 654 24.74 -14.46 -25.79
N ASN D 655 23.90 -14.46 -24.77
CA ASN D 655 22.73 -15.33 -24.71
C ASN D 655 21.43 -14.54 -24.85
N SER D 656 21.49 -13.37 -25.49
CA SER D 656 20.35 -12.49 -25.61
C SER D 656 20.13 -12.11 -27.07
N VAL D 657 18.92 -11.63 -27.36
CA VAL D 657 18.54 -11.19 -28.70
C VAL D 657 18.17 -9.71 -28.61
N TYR D 658 18.91 -8.87 -29.31
CA TYR D 658 18.65 -7.44 -29.39
C TYR D 658 17.94 -7.16 -30.70
N LEU D 659 16.67 -6.79 -30.64
CA LEU D 659 15.88 -6.55 -31.85
C LEU D 659 15.48 -5.10 -31.95
N LEU D 660 15.48 -4.59 -33.19
CA LEU D 660 14.89 -3.31 -33.54
C LEU D 660 13.60 -3.60 -34.29
N PRO D 661 12.44 -3.50 -33.64
CA PRO D 661 11.17 -3.84 -34.29
C PRO D 661 10.46 -2.69 -34.98
N HIS D 662 11.09 -1.53 -35.10
CA HIS D 662 10.44 -0.36 -35.68
C HIS D 662 11.52 0.59 -36.20
N ARG D 663 11.08 1.56 -36.99
CA ARG D 663 11.95 2.60 -37.50
C ARG D 663 11.58 3.94 -36.86
N ILE D 664 12.59 4.74 -36.56
CA ILE D 664 12.35 6.06 -35.96
C ILE D 664 12.03 7.05 -37.08
N LYS D 665 10.87 7.69 -36.98
CA LYS D 665 10.43 8.63 -38.00
C LYS D 665 11.07 10.01 -37.83
N GLN D 666 11.78 10.26 -36.73
CA GLN D 666 12.41 11.53 -36.49
C GLN D 666 13.79 11.58 -37.16
N SER D 667 14.30 12.80 -37.32
CA SER D 667 15.61 13.02 -37.92
C SER D 667 16.72 13.12 -36.89
N VAL D 668 16.39 12.98 -35.60
CA VAL D 668 17.37 13.04 -34.53
C VAL D 668 17.13 11.87 -33.58
N GLY D 669 18.22 11.31 -33.05
CA GLY D 669 18.14 10.24 -32.08
C GLY D 669 18.58 8.91 -32.66
N THR D 670 18.96 8.02 -31.74
CA THR D 670 19.36 6.66 -32.05
C THR D 670 18.37 5.70 -31.41
N PRO D 671 17.83 4.73 -32.15
CA PRO D 671 16.83 3.81 -31.57
C PRO D 671 17.44 2.87 -30.53
N VAL D 672 16.66 2.61 -29.49
CA VAL D 672 17.07 1.75 -28.39
C VAL D 672 16.55 0.34 -28.67
N PRO D 673 17.43 -0.66 -28.83
CA PRO D 673 16.95 -2.01 -29.12
C PRO D 673 16.34 -2.67 -27.88
N LEU D 674 15.48 -3.65 -28.15
CA LEU D 674 14.81 -4.42 -27.12
C LEU D 674 15.55 -5.73 -26.90
N LYS D 675 15.66 -6.15 -25.64
CA LYS D 675 16.43 -7.34 -25.29
C LYS D 675 15.51 -8.48 -24.86
N LEU D 676 15.63 -9.61 -25.54
CA LEU D 676 15.01 -10.86 -25.14
C LEU D 676 16.07 -11.71 -24.45
N SER D 677 15.78 -12.18 -23.24
CA SER D 677 16.75 -12.95 -22.47
C SER D 677 16.04 -13.96 -21.59
N GLU D 678 16.75 -15.07 -21.34
CA GLU D 678 16.43 -16.09 -20.34
C GLU D 678 15.07 -16.74 -20.60
N LYS D 679 14.99 -17.44 -21.72
CA LYS D 679 13.83 -18.26 -22.04
C LYS D 679 13.85 -19.50 -21.16
N ARG D 680 12.83 -19.65 -20.32
CA ARG D 680 12.73 -20.77 -19.40
C ARG D 680 11.53 -21.62 -19.74
N LEU D 681 11.70 -22.94 -19.64
CA LEU D 681 10.61 -23.90 -19.84
C LEU D 681 10.37 -24.64 -18.53
N ILE D 682 9.15 -24.53 -18.01
CA ILE D 682 8.75 -25.18 -16.77
C ILE D 682 7.70 -26.22 -17.10
N LEU D 683 8.01 -27.48 -16.82
CA LEU D 683 7.13 -28.60 -17.11
C LEU D 683 7.29 -29.63 -16.01
N ASP D 684 6.17 -29.95 -15.34
CA ASP D 684 6.08 -30.92 -14.24
C ASP D 684 6.98 -30.57 -13.06
N GLY D 685 7.20 -29.28 -12.80
CA GLY D 685 7.95 -28.84 -11.64
C GLY D 685 9.44 -28.66 -11.85
N THR D 686 9.94 -28.80 -13.06
CA THR D 686 11.36 -28.65 -13.36
C THR D 686 11.55 -27.51 -14.35
N ILE D 687 12.53 -26.65 -14.08
CA ILE D 687 12.81 -25.48 -14.90
C ILE D 687 14.09 -25.72 -15.69
N THR D 688 13.97 -25.69 -17.02
CA THR D 688 15.11 -25.85 -17.91
C THR D 688 15.32 -24.57 -18.71
N SER D 689 16.56 -24.36 -19.14
CA SER D 689 16.91 -23.22 -19.99
C SER D 689 16.89 -23.64 -21.45
N GLN D 690 16.30 -22.80 -22.28
CA GLN D 690 16.13 -23.06 -23.70
C GLN D 690 16.87 -22.00 -24.52
N GLU D 691 16.86 -22.18 -25.83
CA GLU D 691 17.48 -21.26 -26.77
C GLU D 691 16.40 -20.52 -27.54
N ILE D 692 16.60 -19.23 -27.76
CA ILE D 692 15.63 -18.40 -28.47
C ILE D 692 15.76 -18.69 -29.96
N THR D 693 14.74 -19.33 -30.53
CA THR D 693 14.74 -19.69 -31.94
C THR D 693 14.20 -18.53 -32.78
N TYR D 694 14.10 -18.77 -34.09
CA TYR D 694 13.58 -17.74 -35.00
C TYR D 694 12.07 -17.58 -34.84
N ASN D 695 11.38 -18.64 -34.44
CA ASN D 695 9.91 -18.59 -34.32
C ASN D 695 9.48 -17.71 -33.17
N ASP D 696 10.25 -17.69 -32.07
CA ASP D 696 9.91 -16.84 -30.93
C ASP D 696 10.10 -15.36 -31.26
N ILE D 697 11.18 -15.04 -31.98
CA ILE D 697 11.43 -13.66 -32.41
C ILE D 697 10.37 -13.22 -33.42
N PHE D 698 9.97 -14.14 -34.31
CA PHE D 698 8.93 -13.82 -35.30
C PHE D 698 7.57 -13.61 -34.64
N GLU D 699 7.25 -14.42 -33.62
CA GLU D 699 5.98 -14.26 -32.93
C GLU D 699 5.95 -13.01 -32.07
N ILE D 700 7.10 -12.63 -31.48
CA ILE D 700 7.16 -11.39 -30.71
C ILE D 700 7.07 -10.18 -31.63
N LEU D 701 7.69 -10.27 -32.82
CA LEU D 701 7.54 -9.22 -33.84
C LEU D 701 6.11 -9.11 -34.34
N LEU D 702 5.41 -10.25 -34.45
CA LEU D 702 4.01 -10.21 -34.85
C LEU D 702 3.13 -9.64 -33.76
N LEU D 703 3.45 -9.94 -32.49
CA LEU D 703 2.70 -9.38 -31.37
C LEU D 703 3.01 -7.91 -31.12
N SER D 704 4.10 -7.39 -31.69
CA SER D 704 4.44 -5.97 -31.55
C SER D 704 3.66 -5.07 -32.50
N GLU D 705 2.78 -5.63 -33.34
CA GLU D 705 2.00 -4.84 -34.29
C GLU D 705 0.53 -4.75 -33.93
N LEU D 706 0.10 -5.38 -32.83
CA LEU D 706 -1.30 -5.36 -32.43
C LEU D 706 -1.56 -4.12 -31.56
N ASN D 707 -1.68 -2.99 -32.24
CA ASN D 707 -1.90 -1.70 -31.59
C ASN D 707 -3.35 -1.29 -31.76
N TYR D 708 -4.03 -1.02 -30.63
CA TYR D 708 -5.41 -0.55 -30.65
C TYR D 708 -5.52 0.90 -30.18
N GLY D 709 -4.41 1.60 -30.00
CA GLY D 709 -4.44 2.97 -29.55
C GLY D 709 -4.27 3.97 -30.68
N SER D 710 -3.59 3.57 -31.74
CA SER D 710 -3.33 4.47 -32.87
C SER D 710 -3.10 3.63 -34.12
N ILE D 711 -3.19 4.30 -35.27
CA ILE D 711 -2.97 3.66 -36.56
C ILE D 711 -1.68 4.09 -37.23
N SER D 712 -1.04 5.17 -36.78
CA SER D 712 0.13 5.71 -37.44
C SER D 712 1.42 5.53 -36.66
N ALA D 713 1.36 4.97 -35.46
CA ALA D 713 2.52 4.85 -34.59
C ALA D 713 2.82 3.38 -34.34
N ASP D 714 4.09 3.01 -34.39
CA ASP D 714 4.54 1.64 -34.15
C ASP D 714 5.19 1.59 -32.76
N MET D 715 4.71 0.68 -31.92
CA MET D 715 5.25 0.54 -30.58
C MET D 715 6.42 -0.43 -30.56
N LYS D 716 7.22 -0.33 -29.49
CA LYS D 716 8.39 -1.17 -29.32
C LYS D 716 8.06 -2.47 -28.58
N LEU D 717 7.33 -2.37 -27.48
CA LEU D 717 6.96 -3.51 -26.65
C LEU D 717 5.91 -4.37 -27.36
N PRO D 718 5.83 -5.66 -27.01
CA PRO D 718 4.69 -6.47 -27.46
C PRO D 718 3.38 -6.00 -26.85
N ALA D 719 2.29 -6.38 -27.51
CA ALA D 719 0.96 -5.91 -27.11
C ALA D 719 0.47 -6.36 -25.73
N PRO D 720 0.66 -7.61 -25.26
CA PRO D 720 0.26 -7.91 -23.86
C PRO D 720 1.05 -7.14 -22.82
N VAL D 721 2.35 -6.91 -23.04
CA VAL D 721 3.15 -6.13 -22.11
C VAL D 721 2.73 -4.67 -22.11
N HIS D 722 2.43 -4.13 -23.29
CA HIS D 722 1.97 -2.75 -23.43
C HIS D 722 0.62 -2.54 -22.75
N TYR D 723 -0.30 -3.50 -22.94
CA TYR D 723 -1.62 -3.36 -22.32
C TYR D 723 -1.57 -3.64 -20.83
N ALA D 724 -0.61 -4.46 -20.37
CA ALA D 724 -0.41 -4.62 -18.93
C ALA D 724 0.14 -3.34 -18.31
N HIS D 725 1.03 -2.63 -19.03
CA HIS D 725 1.54 -1.35 -18.54
C HIS D 725 0.43 -0.31 -18.48
N LYS D 726 -0.43 -0.25 -19.49
CA LYS D 726 -1.56 0.67 -19.46
C LYS D 726 -2.58 0.26 -18.38
N PHE D 727 -2.69 -1.04 -18.09
CA PHE D 727 -3.64 -1.47 -17.07
C PHE D 727 -3.14 -1.15 -15.67
N VAL D 728 -1.83 -1.26 -15.41
CA VAL D 728 -1.34 -0.86 -14.10
C VAL D 728 -1.32 0.66 -13.98
N ARG D 729 -1.17 1.38 -15.10
CA ARG D 729 -1.33 2.83 -15.07
C ARG D 729 -2.76 3.22 -14.72
N ALA D 730 -3.74 2.47 -15.22
CA ALA D 730 -5.13 2.73 -14.88
C ALA D 730 -5.44 2.36 -13.43
N LEU D 731 -4.91 1.22 -12.96
CA LEU D 731 -5.22 0.78 -11.60
C LEU D 731 -4.45 1.55 -10.54
N ARG D 732 -3.35 2.20 -10.93
CA ARG D 732 -2.63 3.06 -9.99
C ARG D 732 -3.44 4.29 -9.63
N LYS D 733 -4.15 4.86 -10.60
CA LYS D 733 -4.93 6.08 -10.40
C LYS D 733 -6.35 5.79 -9.92
N GLY D 734 -6.70 4.53 -9.69
CA GLY D 734 -8.02 4.19 -9.19
C GLY D 734 -9.11 4.10 -10.24
N TRP D 735 -8.77 3.79 -11.47
CA TRP D 735 -9.76 3.73 -12.53
C TRP D 735 -10.27 2.33 -12.76
N ARG D 736 -11.56 2.09 -12.52
CA ARG D 736 -12.14 0.75 -12.63
C ARG D 736 -13.55 0.73 -13.23
N ILE D 737 -13.85 -0.31 -13.99
CA ILE D 737 -15.18 -0.48 -14.59
C ILE D 737 -15.76 -1.82 -14.18
N ARG D 738 -17.01 -2.10 -14.53
CA ARG D 738 -17.67 -3.34 -14.11
C ARG D 738 -17.00 -4.60 -14.62
N GLU D 739 -17.27 -5.72 -13.99
CA GLU D 739 -16.61 -6.97 -14.35
C GLU D 739 -16.97 -7.56 -15.70
N GLU D 740 -18.25 -7.79 -15.98
CA GLU D 740 -18.60 -8.43 -17.25
C GLU D 740 -18.32 -7.53 -18.44
N LEU D 741 -18.19 -6.22 -18.23
CA LEU D 741 -17.66 -5.37 -19.29
C LEU D 741 -16.17 -5.60 -19.50
N LEU D 742 -15.44 -5.95 -18.42
CA LEU D 742 -14.04 -6.28 -18.55
C LEU D 742 -13.84 -7.63 -19.20
N ALA D 743 -14.82 -8.53 -19.07
CA ALA D 743 -14.76 -9.85 -19.68
C ALA D 743 -15.13 -9.84 -21.16
N GLU D 744 -15.78 -8.79 -21.64
CA GLU D 744 -16.17 -8.67 -23.04
C GLU D 744 -15.25 -7.76 -23.84
N GLY D 745 -14.01 -7.58 -23.39
CA GLY D 745 -13.12 -6.63 -24.02
C GLY D 745 -13.11 -5.31 -23.29
N PHE D 746 -13.51 -4.25 -24.00
CA PHE D 746 -13.69 -2.89 -23.46
C PHE D 746 -12.38 -2.34 -22.86
N LEU D 747 -11.40 -2.12 -23.74
CA LEU D 747 -10.09 -1.62 -23.34
C LEU D 747 -10.22 -0.15 -22.97
N TYR D 748 -10.62 0.08 -21.72
CA TYR D 748 -10.91 1.43 -21.24
C TYR D 748 -9.66 2.20 -20.83
N PHE D 749 -8.50 1.55 -20.79
CA PHE D 749 -7.26 2.18 -20.35
C PHE D 749 -6.40 2.67 -21.50
N VAL D 750 -6.78 2.41 -22.74
CA VAL D 750 -6.00 2.86 -23.90
C VAL D 750 -6.31 4.33 -24.20
ZN ZN G . 7.62 1.71 3.66
MG MG H . -18.64 -12.72 12.60
MG MG I . -9.69 -0.22 14.91
MG MG J . -7.86 3.34 15.18
MG MG K . -5.47 7.27 -24.19
MG MG L . 5.55 -0.65 -16.72
MG MG M . 8.16 -3.29 -15.04
#